data_7CSE
#
_entry.id   7CSE
#
_cell.length_a   211.584
_cell.length_b   129.486
_cell.length_c   106.320
_cell.angle_alpha   90.000
_cell.angle_beta   90.758
_cell.angle_gamma   90.000
#
_symmetry.space_group_name_H-M   'C 1 2 1'
#
loop_
_entity.id
_entity.type
_entity.pdbx_description
1 polymer 'Pinoresinol reductase 1'
2 non-polymer 4-[[(3S,4S,5R)-4-(hydroxymethyl)-5-(3-methoxy-4-oxidanyl-phenyl)oxolan-3-yl]methyl]-2-methoxy-phenol
3 non-polymer 'NADPH DIHYDRO-NICOTINAMIDE-ADENINE-DINUCLEOTIDE PHOSPHATE'
4 water water
#
_entity_poly.entity_id   1
_entity_poly.type   'polypeptide(L)'
_entity_poly.pdbx_seq_one_letter_code
;MGESKRTEKTRVLVVGATGYIGKRIVRACLAEGHETYVLQRPEIGLEIEKVQLFLSFKKLGARIVEGSFSDHQSLVSAVK
LVDVVVSAMSGVHFRSHNILVQLKLVEAIKEAGNVKRFLPSEFGMDPPRMGHALPPGRETFDQKMEVRQAIEAAGIPYTY
VVGACFAAYFAGNLSQMVTLLPPKEKVNIYGDGNVKVVFADEDDIAKYTAKTLNDPRTLNKTVNIRPPDNVLTQLELVQI
WEKLTGKELEKTNIAAQDFLANIEQMEIPHQAGIGHFYHIFYEGCLTDHEVGEDEEASSLYPDVKYKRMDDYLRMFL
;
_entity_poly.pdbx_strand_id   E,F,A,B,C,D
#
loop_
_chem_comp.id
_chem_comp.type
_chem_comp.name
_chem_comp.formula
GFR non-polymer 4-[[(3S,4S,5R)-4-(hydroxymethyl)-5-(3-methoxy-4-oxidanyl-phenyl)oxolan-3-yl]methyl]-2-methoxy-phenol 'C20 H24 O6'
NDP non-polymer 'NADPH DIHYDRO-NICOTINAMIDE-ADENINE-DINUCLEOTIDE PHOSPHATE' 'C21 H30 N7 O17 P3'
#
# COMPACT_ATOMS: atom_id res chain seq x y z
N LYS A 9 -11.36 3.90 11.72
CA LYS A 9 -12.71 3.60 12.22
C LYS A 9 -13.85 4.21 11.35
N THR A 10 -13.73 5.42 10.81
CA THR A 10 -14.77 5.89 9.89
C THR A 10 -14.51 5.38 8.48
N ARG A 11 -15.53 4.79 7.86
CA ARG A 11 -15.42 4.20 6.55
C ARG A 11 -15.88 5.21 5.52
N VAL A 12 -15.05 5.44 4.51
CA VAL A 12 -15.28 6.52 3.57
C VAL A 12 -15.17 5.98 2.17
N LEU A 13 -16.09 6.41 1.30
CA LEU A 13 -16.08 6.07 -0.12
C LEU A 13 -15.87 7.35 -0.92
N VAL A 14 -14.79 7.38 -1.68
CA VAL A 14 -14.50 8.49 -2.58
C VAL A 14 -15.01 8.15 -3.97
N VAL A 15 -15.82 9.02 -4.53
CA VAL A 15 -16.34 8.90 -5.88
C VAL A 15 -15.70 10.01 -6.70
N GLY A 16 -15.06 9.65 -7.80
CA GLY A 16 -14.20 10.59 -8.50
C GLY A 16 -12.79 10.49 -7.95
N ALA A 17 -12.36 9.26 -7.65
CA ALA A 17 -11.12 9.05 -6.92
C ALA A 17 -9.89 9.40 -7.73
N THR A 18 -9.96 9.37 -9.07
CA THR A 18 -8.78 9.67 -9.86
C THR A 18 -8.77 11.11 -10.36
N GLY A 19 -9.67 11.95 -9.88
CA GLY A 19 -9.74 13.31 -10.35
C GLY A 19 -8.73 14.22 -9.68
N TYR A 20 -8.71 15.46 -10.14
CA TYR A 20 -7.67 16.38 -9.71
C TYR A 20 -7.71 16.57 -8.20
N ILE A 21 -8.86 16.98 -7.67
CA ILE A 21 -8.97 17.04 -6.23
C ILE A 21 -9.33 15.67 -5.63
N GLY A 22 -9.94 14.78 -6.42
CA GLY A 22 -10.31 13.47 -5.90
C GLY A 22 -9.12 12.67 -5.39
N LYS A 23 -8.07 12.57 -6.20
CA LYS A 23 -6.92 11.77 -5.77
C LYS A 23 -6.27 12.35 -4.53
N ARG A 24 -6.32 13.67 -4.36
CA ARG A 24 -5.77 14.26 -3.15
C ARG A 24 -6.64 13.92 -1.94
N ILE A 25 -7.95 13.91 -2.14
CA ILE A 25 -8.87 13.57 -1.06
C ILE A 25 -8.67 12.12 -0.63
N VAL A 26 -8.42 11.24 -1.58
CA VAL A 26 -8.16 9.84 -1.26
C VAL A 26 -6.96 9.72 -0.32
N ARG A 27 -5.82 10.28 -0.75
CA ARG A 27 -4.62 10.19 0.06
C ARG A 27 -4.81 10.86 1.41
N ALA A 28 -5.48 12.01 1.43
CA ALA A 28 -5.74 12.67 2.70
C ALA A 28 -6.56 11.77 3.64
N CYS A 29 -7.53 11.04 3.08
CA CYS A 29 -8.33 10.14 3.92
C CYS A 29 -7.48 9.01 4.48
N LEU A 30 -6.61 8.43 3.67
CA LEU A 30 -5.70 7.44 4.22
C LEU A 30 -4.86 8.05 5.33
N ALA A 31 -4.27 9.21 5.09
CA ALA A 31 -3.37 9.77 6.09
C ALA A 31 -4.13 10.10 7.38
N GLU A 32 -5.38 10.53 7.24
CA GLU A 32 -6.16 10.85 8.43
C GLU A 32 -6.58 9.61 9.19
N GLY A 33 -6.32 8.43 8.65
CA GLY A 33 -6.71 7.22 9.33
C GLY A 33 -8.09 6.69 9.02
N HIS A 34 -8.81 7.29 8.08
CA HIS A 34 -10.07 6.72 7.63
C HIS A 34 -9.83 5.40 6.90
N GLU A 35 -10.73 4.45 7.13
CA GLU A 35 -10.81 3.26 6.28
C GLU A 35 -11.43 3.68 4.96
N THR A 36 -10.63 3.63 3.90
CA THR A 36 -10.88 4.41 2.70
C THR A 36 -11.23 3.48 1.54
N TYR A 37 -12.37 3.73 0.95
CA TYR A 37 -12.84 3.01 -0.22
C TYR A 37 -12.90 3.96 -1.40
N VAL A 38 -12.61 3.45 -2.58
CA VAL A 38 -12.63 4.25 -3.80
C VAL A 38 -13.38 3.47 -4.86
N LEU A 39 -14.20 4.18 -5.63
CA LEU A 39 -15.04 3.58 -6.65
C LEU A 39 -14.28 3.47 -7.97
N GLN A 40 -14.02 2.25 -8.42
CA GLN A 40 -13.39 1.99 -9.71
C GLN A 40 -14.47 1.63 -10.74
N ARG A 41 -14.71 2.51 -11.67
CA ARG A 41 -15.75 2.32 -12.66
C ARG A 41 -15.21 1.50 -13.83
N PRO A 42 -16.02 0.61 -14.42
CA PRO A 42 -15.52 -0.21 -15.53
C PRO A 42 -15.25 0.58 -16.79
N GLU A 43 -15.78 1.79 -16.90
CA GLU A 43 -15.66 2.53 -18.14
C GLU A 43 -14.25 3.05 -18.37
N ILE A 44 -13.41 3.09 -17.33
CA ILE A 44 -12.06 3.64 -17.43
C ILE A 44 -11.13 2.56 -17.95
N GLY A 45 -11.45 2.02 -19.12
CA GLY A 45 -10.85 0.81 -19.63
C GLY A 45 -9.39 0.89 -20.01
N LEU A 46 -9.08 1.66 -21.05
CA LEU A 46 -7.69 1.86 -21.49
C LEU A 46 -7.10 3.16 -20.97
N GLU A 47 -7.66 3.74 -19.92
CA GLU A 47 -7.10 4.96 -19.31
C GLU A 47 -6.02 4.52 -18.33
N ILE A 48 -4.79 4.46 -18.82
CA ILE A 48 -3.72 3.84 -18.02
C ILE A 48 -3.44 4.66 -16.77
N GLU A 49 -3.55 5.98 -16.84
CA GLU A 49 -3.17 6.78 -15.67
C GLU A 49 -4.18 6.62 -14.57
N LYS A 50 -5.45 6.42 -14.94
CA LYS A 50 -6.47 6.08 -13.96
C LYS A 50 -6.21 4.71 -13.36
N VAL A 51 -5.99 3.71 -14.20
CA VAL A 51 -5.75 2.36 -13.71
C VAL A 51 -4.61 2.36 -12.72
N GLN A 52 -3.49 2.99 -13.10
CA GLN A 52 -2.33 2.94 -12.22
C GLN A 52 -2.53 3.78 -10.97
N LEU A 53 -3.29 4.87 -11.07
CA LEU A 53 -3.68 5.59 -9.86
C LEU A 53 -4.41 4.66 -8.90
N PHE A 54 -5.41 3.93 -9.39
CA PHE A 54 -6.09 2.96 -8.53
C PHE A 54 -5.09 1.99 -7.93
N LEU A 55 -4.15 1.49 -8.75
CA LEU A 55 -3.15 0.57 -8.20
C LEU A 55 -2.38 1.23 -7.05
N SER A 56 -2.00 2.48 -7.21
CA SER A 56 -1.27 3.13 -6.14
C SER A 56 -2.14 3.30 -4.90
N PHE A 57 -3.42 3.66 -5.07
CA PHE A 57 -4.30 3.75 -3.90
C PHE A 57 -4.36 2.43 -3.14
N LYS A 58 -4.46 1.31 -3.86
CA LYS A 58 -4.56 0.02 -3.21
C LYS A 58 -3.28 -0.31 -2.45
N LYS A 59 -2.13 0.01 -3.02
CA LYS A 59 -0.87 -0.22 -2.35
C LYS A 59 -0.80 0.56 -1.04
N LEU A 60 -1.31 1.78 -1.02
CA LEU A 60 -1.38 2.51 0.24
C LEU A 60 -2.50 2.04 1.16
N GLY A 61 -3.36 1.11 0.73
CA GLY A 61 -4.35 0.55 1.62
C GLY A 61 -5.79 0.92 1.38
N ALA A 62 -6.09 1.67 0.33
CA ALA A 62 -7.48 1.89 -0.04
C ALA A 62 -8.11 0.57 -0.49
N ARG A 63 -9.43 0.54 -0.50
CA ARG A 63 -10.18 -0.62 -0.96
C ARG A 63 -10.95 -0.31 -2.23
N ILE A 64 -10.73 -1.11 -3.26
CA ILE A 64 -11.37 -0.95 -4.54
C ILE A 64 -12.81 -1.45 -4.47
N VAL A 65 -13.74 -0.62 -4.93
CA VAL A 65 -15.16 -0.97 -4.97
C VAL A 65 -15.62 -0.73 -6.40
N GLU A 66 -15.99 -1.79 -7.10
CA GLU A 66 -16.41 -1.67 -8.48
C GLU A 66 -17.87 -1.25 -8.56
N GLY A 67 -18.15 -0.29 -9.41
CA GLY A 67 -19.47 0.26 -9.52
C GLY A 67 -19.51 1.13 -10.74
N SER A 68 -20.74 1.37 -11.22
CA SER A 68 -20.97 2.12 -12.44
C SER A 68 -22.18 2.99 -12.23
N PHE A 69 -22.17 4.17 -12.87
CA PHE A 69 -23.35 5.02 -12.82
C PHE A 69 -24.41 4.57 -13.81
N SER A 70 -24.13 3.54 -14.60
CA SER A 70 -25.10 2.89 -15.45
C SER A 70 -25.74 1.68 -14.78
N ASP A 71 -25.42 1.44 -13.51
CA ASP A 71 -25.84 0.21 -12.82
C ASP A 71 -26.25 0.65 -11.41
N HIS A 72 -27.49 1.08 -11.27
CA HIS A 72 -27.98 1.60 -10.00
C HIS A 72 -27.71 0.65 -8.85
N GLN A 73 -27.77 -0.66 -9.08
CA GLN A 73 -27.56 -1.59 -7.98
C GLN A 73 -26.10 -1.63 -7.54
N SER A 74 -25.17 -1.41 -8.48
CA SER A 74 -23.76 -1.35 -8.11
C SER A 74 -23.51 -0.16 -7.20
N LEU A 75 -24.15 0.98 -7.47
CA LEU A 75 -24.00 2.13 -6.59
C LEU A 75 -24.61 1.87 -5.22
N VAL A 76 -25.79 1.25 -5.19
CA VAL A 76 -26.39 0.94 -3.88
C VAL A 76 -25.44 0.08 -3.06
N SER A 77 -24.91 -0.99 -3.66
CA SER A 77 -24.00 -1.85 -2.93
C SER A 77 -22.79 -1.08 -2.40
N ALA A 78 -22.14 -0.31 -3.28
CA ALA A 78 -20.96 0.43 -2.88
C ALA A 78 -21.21 1.26 -1.64
N VAL A 79 -22.18 2.18 -1.71
CA VAL A 79 -22.39 3.05 -0.55
C VAL A 79 -22.91 2.30 0.66
N LYS A 80 -23.31 1.04 0.50
CA LYS A 80 -23.67 0.26 1.69
C LYS A 80 -22.45 -0.14 2.50
N LEU A 81 -21.25 0.07 1.97
CA LEU A 81 -20.06 -0.36 2.65
C LEU A 81 -19.48 0.68 3.60
N VAL A 82 -19.96 1.93 3.55
CA VAL A 82 -19.28 3.04 4.21
C VAL A 82 -20.26 3.85 5.04
N ASP A 83 -19.68 4.72 5.88
CA ASP A 83 -20.44 5.68 6.67
C ASP A 83 -20.54 7.04 6.02
N VAL A 84 -19.55 7.43 5.23
CA VAL A 84 -19.50 8.75 4.61
C VAL A 84 -19.17 8.57 3.14
N VAL A 85 -19.81 9.37 2.29
CA VAL A 85 -19.54 9.41 0.86
C VAL A 85 -19.02 10.80 0.56
N VAL A 86 -17.90 10.86 -0.17
CA VAL A 86 -17.37 12.10 -0.70
C VAL A 86 -17.35 12.00 -2.21
N SER A 87 -17.95 12.98 -2.89
CA SER A 87 -17.93 13.01 -4.34
C SER A 87 -17.02 14.12 -4.81
N ALA A 88 -16.16 13.79 -5.77
CA ALA A 88 -15.30 14.77 -6.43
C ALA A 88 -15.62 14.84 -7.93
N MET A 89 -16.87 14.56 -8.29
CA MET A 89 -17.34 14.65 -9.68
C MET A 89 -16.87 15.91 -10.38
N SER A 90 -16.59 15.78 -11.68
CA SER A 90 -16.02 16.88 -12.43
C SER A 90 -17.02 18.02 -12.57
N GLY A 91 -16.50 19.24 -12.59
CA GLY A 91 -17.33 20.43 -12.66
C GLY A 91 -16.58 21.62 -13.18
N VAL A 92 -15.82 21.41 -14.26
CA VAL A 92 -15.11 22.47 -14.97
C VAL A 92 -15.35 22.22 -16.46
N HIS A 93 -15.79 23.27 -17.17
CA HIS A 93 -16.22 23.11 -18.56
C HIS A 93 -15.07 22.69 -19.47
N PHE A 94 -13.89 23.32 -19.34
CA PHE A 94 -12.80 22.93 -20.23
C PHE A 94 -12.25 21.55 -19.88
N ARG A 95 -12.71 20.94 -18.77
CA ARG A 95 -12.39 19.55 -18.44
C ARG A 95 -13.60 18.66 -18.72
N SER A 96 -14.53 18.58 -17.77
CA SER A 96 -15.83 17.99 -18.02
C SER A 96 -16.74 18.38 -16.86
N HIS A 97 -18.04 18.50 -17.15
CA HIS A 97 -18.98 19.17 -16.26
C HIS A 97 -20.20 18.28 -16.01
N ASN A 98 -19.96 17.12 -15.39
CA ASN A 98 -20.98 16.11 -15.13
C ASN A 98 -21.47 16.14 -13.70
N ILE A 99 -21.66 17.33 -13.14
CA ILE A 99 -22.13 17.46 -11.76
C ILE A 99 -23.44 16.73 -11.56
N LEU A 100 -24.31 16.74 -12.58
CA LEU A 100 -25.65 16.17 -12.42
C LEU A 100 -25.64 14.65 -12.29
N VAL A 101 -24.62 13.97 -12.83
CA VAL A 101 -24.51 12.54 -12.59
C VAL A 101 -24.54 12.21 -11.11
N GLN A 102 -24.18 13.14 -10.22
CA GLN A 102 -24.29 12.85 -8.80
C GLN A 102 -25.73 12.54 -8.40
N LEU A 103 -26.71 13.01 -9.17
CA LEU A 103 -28.11 12.74 -8.86
C LEU A 103 -28.35 11.23 -8.76
N LYS A 104 -27.82 10.46 -9.72
CA LYS A 104 -27.88 9.02 -9.58
C LYS A 104 -27.30 8.57 -8.25
N LEU A 105 -26.21 9.21 -7.80
CA LEU A 105 -25.58 8.76 -6.57
C LEU A 105 -26.43 9.14 -5.36
N VAL A 106 -26.98 10.35 -5.35
CA VAL A 106 -27.91 10.73 -4.31
C VAL A 106 -29.00 9.67 -4.17
N GLU A 107 -29.60 9.28 -5.30
CA GLU A 107 -30.69 8.31 -5.29
C GLU A 107 -30.23 6.95 -4.76
N ALA A 108 -28.98 6.56 -5.03
CA ALA A 108 -28.49 5.30 -4.46
C ALA A 108 -28.28 5.42 -2.96
N ILE A 109 -27.71 6.54 -2.51
CA ILE A 109 -27.56 6.77 -1.08
C ILE A 109 -28.91 6.72 -0.39
N LYS A 110 -29.90 7.38 -1.01
CA LYS A 110 -31.26 7.36 -0.48
C LYS A 110 -31.74 5.93 -0.30
N GLU A 111 -31.59 5.12 -1.35
CA GLU A 111 -32.13 3.77 -1.26
C GLU A 111 -31.43 2.96 -0.19
N ALA A 112 -30.15 3.21 0.06
CA ALA A 112 -29.38 2.40 0.98
C ALA A 112 -29.55 2.82 2.43
N GLY A 113 -29.89 4.08 2.69
CA GLY A 113 -30.24 4.53 4.02
C GLY A 113 -29.22 4.42 5.13
N ASN A 114 -28.02 3.92 4.86
CA ASN A 114 -27.01 3.75 5.90
C ASN A 114 -26.00 4.89 5.95
N VAL A 115 -25.99 5.78 4.97
CA VAL A 115 -24.94 6.79 4.90
C VAL A 115 -25.18 7.86 5.96
N LYS A 116 -24.17 8.08 6.80
CA LYS A 116 -24.28 9.06 7.87
C LYS A 116 -23.99 10.48 7.44
N ARG A 117 -23.36 10.66 6.26
CA ARG A 117 -23.06 11.99 5.75
C ARG A 117 -22.60 11.88 4.31
N PHE A 118 -22.95 12.88 3.51
CA PHE A 118 -22.54 12.95 2.12
C PHE A 118 -21.88 14.28 1.87
N LEU A 119 -20.71 14.26 1.25
CA LEU A 119 -20.06 15.49 0.81
C LEU A 119 -20.10 15.53 -0.70
N PRO A 120 -20.92 16.38 -1.30
CA PRO A 120 -20.98 16.45 -2.76
C PRO A 120 -19.83 17.26 -3.33
N SER A 121 -19.67 17.13 -4.64
CA SER A 121 -18.59 17.79 -5.34
C SER A 121 -18.77 19.29 -5.35
N GLU A 122 -18.19 19.97 -4.37
CA GLU A 122 -18.35 21.41 -4.27
C GLU A 122 -17.00 22.09 -4.49
N PHE A 123 -16.28 22.36 -3.39
CA PHE A 123 -14.88 22.83 -3.40
C PHE A 123 -14.65 24.05 -4.27
N GLY A 124 -15.61 24.96 -4.32
CA GLY A 124 -15.51 26.12 -5.18
C GLY A 124 -16.30 27.28 -4.64
N MET A 125 -16.74 28.16 -5.55
CA MET A 125 -17.65 29.22 -5.15
C MET A 125 -18.89 28.63 -4.49
N ASP A 126 -19.44 29.37 -3.53
CA ASP A 126 -20.57 28.91 -2.74
C ASP A 126 -21.85 29.05 -3.58
N PRO A 127 -22.41 27.93 -4.04
CA PRO A 127 -23.45 27.99 -5.10
C PRO A 127 -24.65 28.84 -4.73
N PRO A 128 -25.23 28.68 -3.54
CA PRO A 128 -26.43 29.47 -3.19
C PRO A 128 -26.19 30.96 -3.20
N ARG A 129 -24.96 31.42 -3.33
CA ARG A 129 -24.69 32.84 -3.35
C ARG A 129 -24.42 33.34 -4.75
N MET A 130 -24.60 32.49 -5.75
CA MET A 130 -24.21 32.83 -7.11
C MET A 130 -25.42 33.06 -8.03
N GLY A 131 -26.60 33.29 -7.45
CA GLY A 131 -27.83 33.36 -8.23
C GLY A 131 -27.81 34.39 -9.35
N HIS A 132 -26.95 35.38 -9.27
CA HIS A 132 -26.91 36.43 -10.28
C HIS A 132 -25.94 36.11 -11.44
N ALA A 133 -25.17 35.04 -11.32
CA ALA A 133 -24.14 34.74 -12.30
C ALA A 133 -24.72 34.65 -13.71
N LEU A 134 -23.84 34.93 -14.72
CA LEU A 134 -24.02 34.94 -16.16
C LEU A 134 -23.82 33.53 -16.73
N PRO A 135 -24.66 33.08 -17.68
CA PRO A 135 -24.36 31.82 -18.38
C PRO A 135 -23.23 32.04 -19.38
N PRO A 136 -22.51 30.98 -19.76
CA PRO A 136 -22.74 29.60 -19.34
C PRO A 136 -22.08 29.29 -18.01
N GLY A 137 -21.25 30.21 -17.50
CA GLY A 137 -20.62 29.96 -16.22
C GLY A 137 -21.64 29.60 -15.15
N ARG A 138 -22.83 30.20 -15.26
CA ARG A 138 -23.91 29.97 -14.30
C ARG A 138 -24.27 28.49 -14.15
N GLU A 139 -24.01 27.68 -15.18
CA GLU A 139 -24.47 26.28 -15.15
C GLU A 139 -23.84 25.50 -14.01
N THR A 140 -22.56 25.75 -13.74
CA THR A 140 -21.89 25.11 -12.61
C THR A 140 -22.73 25.22 -11.35
N PHE A 141 -23.11 26.46 -11.00
CA PHE A 141 -23.78 26.68 -9.73
C PHE A 141 -25.20 26.14 -9.73
N ASP A 142 -25.93 26.31 -10.85
CA ASP A 142 -27.26 25.74 -10.93
C ASP A 142 -27.21 24.23 -10.73
N GLN A 143 -26.29 23.56 -11.41
CA GLN A 143 -26.22 22.11 -11.27
C GLN A 143 -25.86 21.71 -9.85
N LYS A 144 -24.93 22.42 -9.22
CA LYS A 144 -24.60 22.05 -7.84
C LYS A 144 -25.76 22.34 -6.90
N MET A 145 -26.53 23.39 -7.18
CA MET A 145 -27.76 23.63 -6.40
C MET A 145 -28.76 22.51 -6.58
N GLU A 146 -28.94 22.05 -7.82
CA GLU A 146 -29.83 20.93 -8.05
C GLU A 146 -29.42 19.71 -7.23
N VAL A 147 -28.12 19.40 -7.18
CA VAL A 147 -27.69 18.26 -6.38
C VAL A 147 -27.94 18.51 -4.90
N ARG A 148 -27.63 19.72 -4.42
CA ARG A 148 -27.97 20.05 -3.03
C ARG A 148 -29.45 19.78 -2.74
N GLN A 149 -30.34 20.26 -3.63
CA GLN A 149 -31.77 20.11 -3.38
C GLN A 149 -32.17 18.64 -3.36
N ALA A 150 -31.54 17.82 -4.21
CA ALA A 150 -31.78 16.38 -4.15
C ALA A 150 -31.32 15.81 -2.82
N ILE A 151 -30.17 16.27 -2.31
CA ILE A 151 -29.67 15.75 -1.04
C ILE A 151 -30.62 16.08 0.08
N GLU A 152 -31.03 17.35 0.16
CA GLU A 152 -31.86 17.80 1.27
C GLU A 152 -33.27 17.24 1.16
N ALA A 153 -33.85 17.33 -0.04
CA ALA A 153 -35.13 16.66 -0.29
C ALA A 153 -35.13 15.22 0.18
N ALA A 154 -33.97 14.58 0.17
CA ALA A 154 -33.89 13.19 0.59
C ALA A 154 -33.53 13.05 2.06
N GLY A 155 -33.28 14.16 2.75
CA GLY A 155 -32.91 14.06 4.15
C GLY A 155 -31.53 13.51 4.41
N ILE A 156 -30.67 13.46 3.41
CA ILE A 156 -29.31 12.96 3.55
C ILE A 156 -28.48 13.99 4.30
N PRO A 157 -27.90 13.64 5.44
CA PRO A 157 -26.99 14.58 6.10
C PRO A 157 -25.82 14.91 5.18
N TYR A 158 -25.28 16.11 5.33
CA TYR A 158 -24.34 16.62 4.35
C TYR A 158 -23.32 17.56 4.98
N THR A 159 -22.20 17.73 4.30
CA THR A 159 -21.32 18.86 4.53
C THR A 159 -20.94 19.44 3.18
N TYR A 160 -21.03 20.76 3.03
CA TYR A 160 -20.66 21.42 1.79
C TYR A 160 -19.35 22.17 2.02
N VAL A 161 -18.30 21.76 1.31
CA VAL A 161 -16.98 22.37 1.41
C VAL A 161 -16.84 23.39 0.31
N VAL A 162 -16.64 24.67 0.67
CA VAL A 162 -16.61 25.76 -0.28
C VAL A 162 -15.57 26.80 0.18
N GLY A 163 -15.16 27.64 -0.75
CA GLY A 163 -14.61 28.92 -0.36
C GLY A 163 -13.36 29.43 -1.03
N ALA A 164 -12.53 28.54 -1.60
CA ALA A 164 -11.18 28.89 -1.97
C ALA A 164 -10.89 28.58 -3.43
N CYS A 165 -10.06 29.41 -4.04
CA CYS A 165 -9.50 29.11 -5.34
C CYS A 165 -8.39 28.07 -5.23
N PHE A 166 -8.44 27.03 -6.05
CA PHE A 166 -7.33 26.10 -6.14
C PHE A 166 -6.07 26.84 -6.53
N ALA A 167 -5.02 26.70 -5.72
CA ALA A 167 -3.79 27.47 -5.94
C ALA A 167 -3.22 27.24 -7.32
N ALA A 168 -3.29 26.01 -7.83
CA ALA A 168 -2.61 25.74 -9.09
C ALA A 168 -3.25 26.52 -10.23
N TYR A 169 -4.52 26.88 -10.09
CA TYR A 169 -5.29 27.52 -11.15
C TYR A 169 -5.36 29.03 -11.03
N PHE A 170 -5.08 29.56 -9.84
CA PHE A 170 -5.26 30.98 -9.58
C PHE A 170 -4.02 31.61 -8.97
N ALA A 171 -3.24 30.84 -8.22
CA ALA A 171 -2.03 31.34 -7.58
C ALA A 171 -0.80 31.18 -8.47
N GLY A 172 -0.52 29.95 -8.90
CA GLY A 172 0.70 29.64 -9.62
C GLY A 172 0.93 30.44 -10.88
N ASN A 173 -0.13 30.94 -11.51
CA ASN A 173 -0.06 31.70 -12.74
C ASN A 173 -0.27 33.19 -12.51
N LEU A 174 -0.23 33.63 -11.25
CA LEU A 174 -0.59 35.00 -10.90
C LEU A 174 -1.93 35.35 -11.51
N SER A 175 -2.83 34.36 -11.53
CA SER A 175 -4.21 34.50 -11.97
C SER A 175 -4.32 34.88 -13.45
N GLN A 176 -3.28 34.67 -14.25
CA GLN A 176 -3.41 34.84 -15.69
C GLN A 176 -4.12 33.62 -16.27
N MET A 177 -4.98 33.86 -17.25
CA MET A 177 -5.79 32.74 -17.70
C MET A 177 -5.06 31.87 -18.70
N VAL A 178 -4.11 32.43 -19.44
CA VAL A 178 -3.48 31.69 -20.51
C VAL A 178 -2.65 30.50 -20.06
N THR A 179 -2.34 30.36 -18.78
CA THR A 179 -1.29 29.41 -18.43
C THR A 179 -1.38 29.04 -16.96
N LEU A 180 -0.50 28.12 -16.55
CA LEU A 180 -0.38 27.69 -15.17
C LEU A 180 0.97 28.07 -14.57
N LEU A 181 1.77 28.83 -15.30
CA LEU A 181 3.08 29.22 -14.85
C LEU A 181 3.15 30.71 -14.64
N PRO A 182 4.01 31.19 -13.76
CA PRO A 182 4.16 32.63 -13.58
C PRO A 182 4.58 33.26 -14.90
N PRO A 183 4.18 34.50 -15.15
CA PRO A 183 4.60 35.19 -16.36
C PRO A 183 6.02 35.69 -16.23
N LYS A 184 6.67 35.87 -17.39
CA LYS A 184 8.08 36.25 -17.41
C LYS A 184 8.27 37.75 -17.22
N GLU A 185 7.63 38.57 -18.07
CA GLU A 185 7.84 40.02 -18.07
C GLU A 185 6.62 40.84 -17.74
N LYS A 186 5.43 40.39 -18.14
CA LYS A 186 4.25 41.23 -18.11
C LYS A 186 3.06 40.44 -17.54
N VAL A 187 2.17 41.15 -16.84
CA VAL A 187 1.05 40.53 -16.15
C VAL A 187 -0.17 41.46 -16.21
N ASN A 188 -1.35 40.86 -16.30
CA ASN A 188 -2.60 41.61 -16.27
C ASN A 188 -3.14 41.68 -14.85
N ILE A 189 -3.54 42.87 -14.43
CA ILE A 189 -4.20 43.08 -13.15
C ILE A 189 -5.67 43.38 -13.44
N TYR A 190 -6.55 42.56 -12.88
CA TYR A 190 -7.97 42.70 -13.10
C TYR A 190 -8.49 43.87 -12.27
N GLY A 191 -8.84 44.96 -12.95
CA GLY A 191 -9.27 46.15 -12.23
C GLY A 191 -8.09 46.84 -11.59
N ASP A 192 -8.28 47.29 -10.35
CA ASP A 192 -7.18 47.87 -9.61
C ASP A 192 -6.34 46.82 -8.92
N GLY A 193 -6.80 45.57 -8.94
CA GLY A 193 -6.12 44.50 -8.24
C GLY A 193 -6.27 44.57 -6.75
N ASN A 194 -7.35 45.17 -6.24
CA ASN A 194 -7.53 45.30 -4.80
C ASN A 194 -8.78 44.59 -4.31
N VAL A 195 -9.17 43.51 -4.95
CA VAL A 195 -10.28 42.69 -4.46
C VAL A 195 -9.69 41.46 -3.78
N LYS A 196 -10.13 41.21 -2.56
CA LYS A 196 -9.63 40.08 -1.80
C LYS A 196 -10.13 38.78 -2.41
N VAL A 197 -9.20 37.85 -2.64
CA VAL A 197 -9.49 36.50 -3.12
C VAL A 197 -8.98 35.51 -2.09
N VAL A 198 -9.62 34.34 -2.02
CA VAL A 198 -9.17 33.27 -1.15
C VAL A 198 -8.44 32.24 -1.99
N PHE A 199 -7.20 31.92 -1.58
CA PHE A 199 -6.36 30.93 -2.24
C PHE A 199 -6.05 29.80 -1.27
N ALA A 200 -6.11 28.56 -1.76
CA ALA A 200 -5.73 27.43 -0.92
C ALA A 200 -5.04 26.38 -1.76
N ASP A 201 -3.92 25.87 -1.22
CA ASP A 201 -3.25 24.68 -1.75
C ASP A 201 -4.23 23.52 -1.75
N GLU A 202 -4.33 22.84 -2.89
CA GLU A 202 -5.29 21.77 -3.00
C GLU A 202 -5.03 20.66 -2.00
N ASP A 203 -3.76 20.44 -1.63
CA ASP A 203 -3.46 19.46 -0.60
C ASP A 203 -4.11 19.84 0.74
N ASP A 204 -4.13 21.14 1.04
CA ASP A 204 -4.80 21.59 2.26
C ASP A 204 -6.31 21.42 2.14
N ILE A 205 -6.86 21.75 0.98
CA ILE A 205 -8.29 21.53 0.78
C ILE A 205 -8.62 20.06 1.04
N ALA A 206 -7.80 19.14 0.53
CA ALA A 206 -8.07 17.73 0.76
C ALA A 206 -7.92 17.40 2.25
N LYS A 207 -6.89 17.94 2.89
CA LYS A 207 -6.69 17.69 4.31
C LYS A 207 -7.87 18.19 5.12
N TYR A 208 -8.32 19.42 4.85
CA TYR A 208 -9.52 19.92 5.53
C TYR A 208 -10.71 19.00 5.29
N THR A 209 -10.87 18.52 4.06
CA THR A 209 -12.01 17.67 3.75
C THR A 209 -11.96 16.39 4.57
N ALA A 210 -10.78 15.78 4.69
CA ALA A 210 -10.69 14.54 5.44
C ALA A 210 -10.92 14.79 6.93
N LYS A 211 -10.59 15.97 7.41
CA LYS A 211 -10.79 16.23 8.83
C LYS A 211 -12.21 16.61 9.16
N THR A 212 -12.97 17.17 8.22
CA THR A 212 -14.33 17.62 8.54
C THR A 212 -15.38 16.52 8.38
N LEU A 213 -15.12 15.54 7.53
CA LEU A 213 -16.19 14.66 7.13
C LEU A 213 -16.74 13.83 8.29
N ASN A 214 -16.02 13.74 9.41
CA ASN A 214 -16.57 13.15 10.63
C ASN A 214 -16.52 14.11 11.82
N ASP A 215 -16.44 15.40 11.55
CA ASP A 215 -16.51 16.43 12.58
C ASP A 215 -17.98 16.72 12.90
N PRO A 216 -18.45 16.40 14.10
CA PRO A 216 -19.86 16.67 14.41
C PRO A 216 -20.19 18.14 14.30
N ARG A 217 -19.21 19.02 14.47
CA ARG A 217 -19.50 20.44 14.34
C ARG A 217 -19.83 20.86 12.91
N THR A 218 -19.71 19.98 11.92
CA THR A 218 -19.96 20.35 10.54
C THR A 218 -21.07 19.53 9.89
N LEU A 219 -21.71 18.65 10.64
CA LEU A 219 -22.88 17.95 10.14
C LEU A 219 -23.95 18.97 9.74
N ASN A 220 -24.40 18.88 8.50
CA ASN A 220 -25.43 19.76 7.96
C ASN A 220 -25.00 21.22 7.95
N LYS A 221 -23.72 21.45 7.65
CA LYS A 221 -23.20 22.79 7.59
C LYS A 221 -22.46 23.01 6.28
N THR A 222 -22.30 24.28 5.95
CA THR A 222 -21.31 24.68 4.97
C THR A 222 -20.00 24.98 5.69
N VAL A 223 -18.91 24.43 5.19
CA VAL A 223 -17.60 24.69 5.78
C VAL A 223 -16.84 25.55 4.79
N ASN A 224 -16.38 26.71 5.26
CA ASN A 224 -15.61 27.62 4.43
C ASN A 224 -14.11 27.38 4.61
N ILE A 225 -13.41 27.28 3.50
CA ILE A 225 -11.96 27.25 3.49
C ILE A 225 -11.50 28.67 3.22
N ARG A 226 -11.22 29.41 4.27
CA ARG A 226 -10.75 30.78 4.15
C ARG A 226 -9.59 30.96 5.13
N PRO A 227 -8.39 30.51 4.75
CA PRO A 227 -7.24 30.64 5.64
C PRO A 227 -6.75 32.08 5.68
N PRO A 228 -6.75 32.68 6.87
CA PRO A 228 -6.57 34.13 6.96
C PRO A 228 -5.37 34.68 6.21
N ASP A 229 -4.20 34.02 6.28
CA ASP A 229 -3.06 34.59 5.58
C ASP A 229 -3.18 34.42 4.08
N ASN A 230 -4.15 33.66 3.60
CA ASN A 230 -4.30 33.42 2.18
C ASN A 230 -5.44 34.23 1.57
N VAL A 231 -6.02 35.16 2.33
CA VAL A 231 -6.91 36.16 1.76
C VAL A 231 -6.04 37.30 1.25
N LEU A 232 -5.98 37.44 -0.07
CA LEU A 232 -5.01 38.30 -0.73
C LEU A 232 -5.62 38.89 -1.98
N THR A 233 -5.26 40.13 -2.29
CA THR A 233 -5.63 40.72 -3.55
C THR A 233 -4.69 40.23 -4.63
N GLN A 234 -5.14 40.35 -5.87
CA GLN A 234 -4.28 39.90 -6.94
C GLN A 234 -2.98 40.68 -6.93
N LEU A 235 -3.06 41.98 -6.61
CA LEU A 235 -1.84 42.77 -6.56
C LEU A 235 -0.93 42.29 -5.44
N GLU A 236 -1.49 41.96 -4.28
CA GLU A 236 -0.66 41.37 -3.22
C GLU A 236 0.01 40.10 -3.71
N LEU A 237 -0.75 39.23 -4.37
CA LEU A 237 -0.19 38.00 -4.89
C LEU A 237 0.93 38.27 -5.89
N VAL A 238 0.69 39.18 -6.83
CA VAL A 238 1.73 39.51 -7.79
C VAL A 238 2.96 40.07 -7.08
N GLN A 239 2.75 40.82 -6.00
CA GLN A 239 3.89 41.41 -5.30
C GLN A 239 4.68 40.36 -4.55
N ILE A 240 4.00 39.36 -3.99
CA ILE A 240 4.72 38.24 -3.41
C ILE A 240 5.68 37.66 -4.42
N TRP A 241 5.25 37.59 -5.69
CA TRP A 241 6.12 37.02 -6.71
C TRP A 241 7.24 37.99 -7.07
N GLU A 242 6.97 39.29 -7.07
CA GLU A 242 8.04 40.23 -7.35
C GLU A 242 9.11 40.17 -6.28
N LYS A 243 8.69 39.99 -5.02
CA LYS A 243 9.64 39.77 -3.92
C LYS A 243 10.50 38.52 -4.17
N LEU A 244 9.87 37.38 -4.46
CA LEU A 244 10.63 36.14 -4.60
C LEU A 244 11.63 36.23 -5.73
N THR A 245 11.28 36.91 -6.80
CA THR A 245 12.15 36.98 -7.97
C THR A 245 13.02 38.20 -7.97
N GLY A 246 12.67 39.21 -7.18
CA GLY A 246 13.35 40.48 -7.23
C GLY A 246 13.15 41.25 -8.51
N LYS A 247 12.11 40.96 -9.29
CA LYS A 247 11.94 41.60 -10.59
C LYS A 247 10.52 42.14 -10.66
N GLU A 248 10.39 43.45 -10.90
CA GLU A 248 9.06 44.02 -11.06
C GLU A 248 8.48 43.59 -12.40
N LEU A 249 7.19 43.25 -12.39
CA LEU A 249 6.51 42.90 -13.63
C LEU A 249 5.80 44.12 -14.19
N GLU A 250 5.90 44.28 -15.51
CA GLU A 250 5.09 45.30 -16.18
C GLU A 250 3.63 44.95 -16.05
N LYS A 251 2.89 45.73 -15.26
CA LYS A 251 1.49 45.46 -14.94
C LYS A 251 0.57 46.30 -15.80
N THR A 252 -0.47 45.67 -16.34
CA THR A 252 -1.47 46.36 -17.13
C THR A 252 -2.82 46.13 -16.48
N ASN A 253 -3.50 47.21 -16.13
CA ASN A 253 -4.82 47.10 -15.52
C ASN A 253 -5.90 46.89 -16.58
N ILE A 254 -6.84 46.01 -16.28
CA ILE A 254 -7.91 45.63 -17.21
C ILE A 254 -9.22 45.99 -16.57
N ALA A 255 -9.91 46.97 -17.14
CA ALA A 255 -11.24 47.30 -16.66
C ALA A 255 -12.21 46.18 -17.00
N ALA A 256 -13.23 46.02 -16.15
CA ALA A 256 -14.21 44.96 -16.34
C ALA A 256 -14.75 44.96 -17.77
N GLN A 257 -15.12 46.12 -18.28
CA GLN A 257 -15.71 46.15 -19.61
C GLN A 257 -14.75 45.60 -20.67
N ASP A 258 -13.43 45.70 -20.45
CA ASP A 258 -12.50 45.18 -21.45
C ASP A 258 -12.12 43.73 -21.20
N PHE A 259 -12.24 43.29 -19.96
CA PHE A 259 -12.16 41.88 -19.65
C PHE A 259 -13.20 41.11 -20.44
N LEU A 260 -14.44 41.62 -20.43
CA LEU A 260 -15.59 40.95 -21.03
C LEU A 260 -15.78 41.28 -22.50
N ALA A 261 -14.94 42.10 -23.09
CA ALA A 261 -15.16 42.54 -24.46
C ALA A 261 -15.21 41.36 -25.43
N ASN A 262 -16.35 41.24 -26.12
CA ASN A 262 -16.57 40.23 -27.17
C ASN A 262 -16.65 38.84 -26.58
N ILE A 263 -17.14 38.73 -25.36
CA ILE A 263 -17.19 37.41 -24.74
C ILE A 263 -18.12 36.51 -25.52
N GLU A 264 -19.17 37.08 -26.08
CA GLU A 264 -20.14 36.26 -26.80
C GLU A 264 -19.54 35.63 -28.05
N GLN A 265 -18.36 36.03 -28.49
CA GLN A 265 -17.72 35.45 -29.66
C GLN A 265 -16.69 34.40 -29.30
N MET A 266 -16.70 33.88 -28.08
CA MET A 266 -15.69 32.93 -27.66
C MET A 266 -16.32 31.58 -27.35
N GLU A 267 -15.54 30.51 -27.56
CA GLU A 267 -15.98 29.17 -27.27
C GLU A 267 -16.64 29.13 -25.89
N ILE A 268 -17.74 28.38 -25.79
CA ILE A 268 -18.47 28.28 -24.53
C ILE A 268 -17.56 28.06 -23.32
N PRO A 269 -16.67 27.07 -23.30
CA PRO A 269 -15.97 26.76 -22.04
C PRO A 269 -15.08 27.89 -21.59
N HIS A 270 -14.58 28.70 -22.52
CA HIS A 270 -13.80 29.86 -22.15
C HIS A 270 -14.67 30.99 -21.61
N GLN A 271 -15.85 31.18 -22.20
CA GLN A 271 -16.81 32.11 -21.63
C GLN A 271 -17.10 31.76 -20.18
N ALA A 272 -17.17 30.46 -19.87
CA ALA A 272 -17.48 30.05 -18.51
C ALA A 272 -16.33 30.39 -17.57
N GLY A 273 -15.10 30.14 -18.02
CA GLY A 273 -13.95 30.55 -17.23
C GLY A 273 -13.92 32.05 -16.99
N ILE A 274 -14.06 32.83 -18.06
CA ILE A 274 -14.12 34.29 -17.92
C ILE A 274 -15.18 34.68 -16.91
N GLY A 275 -16.34 34.04 -16.97
CA GLY A 275 -17.39 34.36 -16.02
C GLY A 275 -16.99 34.07 -14.59
N HIS A 276 -16.40 32.91 -14.36
CA HIS A 276 -15.93 32.58 -13.02
C HIS A 276 -14.89 33.58 -12.55
N PHE A 277 -13.92 33.91 -13.42
CA PHE A 277 -12.93 34.90 -13.05
C PHE A 277 -13.58 36.22 -12.67
N TYR A 278 -14.57 36.66 -13.46
CA TYR A 278 -15.26 37.92 -13.16
C TYR A 278 -15.86 37.91 -11.77
N HIS A 279 -16.52 36.81 -11.38
CA HIS A 279 -17.13 36.80 -10.06
C HIS A 279 -16.09 36.87 -8.97
N ILE A 280 -14.94 36.22 -9.18
CA ILE A 280 -13.93 36.15 -8.13
C ILE A 280 -13.15 37.46 -8.05
N PHE A 281 -12.67 37.93 -9.18
CA PHE A 281 -11.72 39.03 -9.15
C PHE A 281 -12.36 40.37 -9.31
N TYR A 282 -13.53 40.46 -9.96
CA TYR A 282 -14.17 41.76 -10.10
C TYR A 282 -15.29 41.98 -9.10
N GLU A 283 -16.11 40.97 -8.82
CA GLU A 283 -17.11 41.11 -7.77
C GLU A 283 -16.60 40.73 -6.40
N GLY A 284 -15.48 40.01 -6.33
CA GLY A 284 -14.99 39.52 -5.05
C GLY A 284 -15.94 38.60 -4.33
N CYS A 285 -16.53 37.65 -5.06
CA CYS A 285 -17.57 36.82 -4.46
C CYS A 285 -17.03 35.95 -3.33
N LEU A 286 -15.72 35.70 -3.26
CA LEU A 286 -15.18 34.85 -2.20
C LEU A 286 -14.93 35.60 -0.90
N THR A 287 -14.92 36.93 -0.93
CA THR A 287 -14.64 37.70 0.27
C THR A 287 -15.67 38.78 0.56
N ASP A 288 -16.84 38.75 -0.08
CA ASP A 288 -17.82 39.81 0.12
C ASP A 288 -18.84 39.49 1.19
N HIS A 289 -18.61 38.44 1.98
CA HIS A 289 -19.49 38.09 3.07
C HIS A 289 -18.65 37.57 4.21
N GLU A 290 -19.21 37.62 5.41
CA GLU A 290 -18.55 37.13 6.60
C GLU A 290 -18.98 35.70 6.93
N VAL A 291 -18.04 34.94 7.48
CA VAL A 291 -18.30 33.61 8.00
C VAL A 291 -17.69 33.55 9.39
N GLY A 292 -18.35 32.82 10.28
CA GLY A 292 -17.85 32.71 11.62
C GLY A 292 -16.84 31.60 11.77
N GLU A 293 -16.08 31.66 12.87
CA GLU A 293 -15.05 30.67 13.11
C GLU A 293 -15.64 29.27 13.25
N ASP A 294 -16.89 29.17 13.70
CA ASP A 294 -17.54 27.87 13.80
C ASP A 294 -17.82 27.23 12.42
N GLU A 295 -17.56 27.95 11.33
CA GLU A 295 -17.85 27.42 9.99
C GLU A 295 -16.72 27.75 9.02
N GLU A 296 -15.50 27.94 9.54
CA GLU A 296 -14.31 28.20 8.75
C GLU A 296 -13.25 27.18 9.13
N ALA A 297 -12.61 26.58 8.11
CA ALA A 297 -11.87 25.35 8.32
C ALA A 297 -10.58 25.59 9.10
N SER A 298 -9.80 26.61 8.75
CA SER A 298 -8.54 26.80 9.47
C SER A 298 -8.79 27.05 10.96
N SER A 299 -9.92 27.64 11.29
CA SER A 299 -10.24 27.83 12.69
C SER A 299 -10.81 26.56 13.30
N LEU A 300 -11.62 25.82 12.54
CA LEU A 300 -12.05 24.49 12.98
C LEU A 300 -10.90 23.52 13.16
N TYR A 301 -9.84 23.66 12.36
CA TYR A 301 -8.75 22.68 12.34
C TYR A 301 -7.42 23.42 12.39
N PRO A 302 -7.08 23.99 13.54
CA PRO A 302 -5.92 24.86 13.60
C PRO A 302 -4.61 24.11 13.58
N ASP A 303 -4.64 22.78 13.77
CA ASP A 303 -3.41 22.02 13.70
C ASP A 303 -2.90 21.96 12.28
N VAL A 304 -3.79 22.07 11.30
CA VAL A 304 -3.41 22.10 9.91
C VAL A 304 -2.65 23.40 9.64
N LYS A 305 -1.34 23.30 9.40
CA LYS A 305 -0.54 24.47 9.10
C LYS A 305 -0.59 24.66 7.60
N TYR A 306 -1.59 25.41 7.15
CA TYR A 306 -1.80 25.51 5.72
C TYR A 306 -0.64 26.18 5.04
N LYS A 307 -0.41 25.81 3.78
CA LYS A 307 0.68 26.39 3.02
C LYS A 307 0.31 27.81 2.59
N ARG A 308 1.18 28.77 2.93
CA ARG A 308 0.95 30.16 2.57
C ARG A 308 1.41 30.39 1.13
N MET A 309 0.91 31.46 0.53
CA MET A 309 1.11 31.59 -0.91
C MET A 309 2.55 31.96 -1.27
N ASP A 310 3.32 32.52 -0.34
CA ASP A 310 4.74 32.74 -0.63
C ASP A 310 5.48 31.41 -0.76
N ASP A 311 5.27 30.49 0.19
CA ASP A 311 5.80 29.15 0.04
C ASP A 311 5.31 28.46 -1.23
N TYR A 312 4.00 28.58 -1.54
CA TYR A 312 3.45 27.94 -2.73
C TYR A 312 4.13 28.46 -3.99
N LEU A 313 4.31 29.77 -4.10
CA LEU A 313 4.93 30.29 -5.31
C LEU A 313 6.42 29.95 -5.38
N ARG A 314 7.06 29.68 -4.24
CA ARG A 314 8.48 29.42 -4.27
C ARG A 314 8.79 28.19 -5.13
N MET A 315 7.92 27.19 -5.12
CA MET A 315 8.23 26.01 -5.91
C MET A 315 8.32 26.32 -7.40
N PHE A 316 8.08 27.57 -7.81
CA PHE A 316 8.17 27.93 -9.22
C PHE A 316 9.44 28.69 -9.56
N LEU A 317 10.30 28.97 -8.60
CA LEU A 317 11.54 29.76 -8.84
C LEU A 317 12.61 28.98 -9.56
N LYS B 9 27.23 13.21 -12.61
CA LYS B 9 28.34 13.62 -13.47
C LYS B 9 28.02 13.41 -14.94
N THR B 10 27.39 12.29 -15.32
CA THR B 10 26.84 12.23 -16.66
C THR B 10 25.57 13.08 -16.72
N ARG B 11 25.49 13.95 -17.72
CA ARG B 11 24.41 14.93 -17.83
C ARG B 11 23.50 14.47 -18.95
N VAL B 12 22.22 14.29 -18.62
CA VAL B 12 21.24 13.68 -19.52
C VAL B 12 20.06 14.62 -19.69
N LEU B 13 19.67 14.85 -20.93
CA LEU B 13 18.46 15.59 -21.25
C LEU B 13 17.38 14.63 -21.73
N VAL B 14 16.24 14.63 -21.05
CA VAL B 14 15.10 13.78 -21.42
C VAL B 14 14.10 14.62 -22.20
N VAL B 15 13.78 14.17 -23.41
CA VAL B 15 12.78 14.80 -24.27
C VAL B 15 11.58 13.88 -24.33
N GLY B 16 10.42 14.38 -23.94
CA GLY B 16 9.30 13.53 -23.65
C GLY B 16 9.18 13.19 -22.19
N ALA B 17 9.58 14.10 -21.30
CA ALA B 17 9.76 13.76 -19.90
C ALA B 17 8.46 13.45 -19.17
N THR B 18 7.32 13.91 -19.67
CA THR B 18 6.07 13.62 -18.99
C THR B 18 5.29 12.50 -19.65
N GLY B 19 5.86 11.84 -20.64
CA GLY B 19 5.18 10.74 -21.28
C GLY B 19 5.13 9.52 -20.38
N TYR B 20 4.54 8.45 -20.91
CA TYR B 20 4.32 7.25 -20.12
C TYR B 20 5.64 6.61 -19.71
N ILE B 21 6.48 6.23 -20.68
CA ILE B 21 7.80 5.73 -20.31
C ILE B 21 8.76 6.88 -19.99
N GLY B 22 8.57 8.05 -20.61
CA GLY B 22 9.47 9.18 -20.38
C GLY B 22 9.56 9.56 -18.91
N LYS B 23 8.42 9.74 -18.25
CA LYS B 23 8.47 10.14 -16.85
C LYS B 23 9.18 9.10 -15.99
N ARG B 24 9.16 7.83 -16.39
CA ARG B 24 9.87 6.83 -15.61
C ARG B 24 11.36 6.87 -15.88
N ILE B 25 11.74 7.17 -17.12
CA ILE B 25 13.15 7.35 -17.45
C ILE B 25 13.71 8.55 -16.71
N VAL B 26 12.92 9.60 -16.55
CA VAL B 26 13.38 10.76 -15.77
C VAL B 26 13.75 10.34 -14.37
N ARG B 27 12.87 9.59 -13.70
CA ARG B 27 13.14 9.21 -12.33
C ARG B 27 14.30 8.23 -12.25
N ALA B 28 14.40 7.33 -13.21
CA ALA B 28 15.48 6.37 -13.19
C ALA B 28 16.83 7.05 -13.40
N CYS B 29 16.88 8.10 -14.21
CA CYS B 29 18.12 8.87 -14.33
C CYS B 29 18.50 9.50 -13.00
N LEU B 30 17.55 10.17 -12.35
CA LEU B 30 17.82 10.76 -11.05
C LEU B 30 18.30 9.71 -10.07
N ALA B 31 17.60 8.57 -10.02
CA ALA B 31 17.96 7.51 -9.11
C ALA B 31 19.33 6.94 -9.45
N GLU B 32 19.72 6.97 -10.71
CA GLU B 32 21.03 6.50 -11.09
C GLU B 32 22.14 7.50 -10.76
N GLY B 33 21.81 8.73 -10.40
CA GLY B 33 22.82 9.72 -10.12
C GLY B 33 23.21 10.62 -11.28
N HIS B 34 22.57 10.46 -12.44
CA HIS B 34 22.87 11.34 -13.55
C HIS B 34 22.41 12.75 -13.21
N GLU B 35 23.07 13.73 -13.79
CA GLU B 35 22.58 15.09 -13.72
C GLU B 35 21.53 15.25 -14.79
N THR B 36 20.26 15.31 -14.39
CA THR B 36 19.14 15.03 -15.27
C THR B 36 18.40 16.31 -15.59
N TYR B 37 18.29 16.63 -16.89
CA TYR B 37 17.58 17.79 -17.40
C TYR B 37 16.35 17.33 -18.17
N VAL B 38 15.26 18.08 -18.07
CA VAL B 38 14.01 17.70 -18.70
C VAL B 38 13.48 18.85 -19.54
N LEU B 39 13.16 18.56 -20.80
CA LEU B 39 12.66 19.60 -21.70
C LEU B 39 11.23 19.96 -21.36
N GLN B 40 11.00 21.19 -20.92
CA GLN B 40 9.66 21.71 -20.66
C GLN B 40 9.24 22.57 -21.84
N ARG B 41 8.20 22.12 -22.57
CA ARG B 41 7.83 22.87 -23.75
C ARG B 41 6.76 23.90 -23.41
N PRO B 42 6.76 25.03 -24.11
CA PRO B 42 5.74 26.06 -23.82
C PRO B 42 4.33 25.63 -24.15
N GLU B 43 4.17 24.72 -25.11
CA GLU B 43 2.85 24.29 -25.54
C GLU B 43 2.06 23.59 -24.44
N ILE B 44 2.71 23.11 -23.39
CA ILE B 44 1.97 22.33 -22.41
C ILE B 44 1.69 23.16 -21.15
N GLY B 45 1.60 24.48 -21.33
CA GLY B 45 1.43 25.38 -20.21
C GLY B 45 0.08 25.32 -19.52
N LEU B 46 -0.95 24.76 -20.18
CA LEU B 46 -2.30 24.73 -19.63
C LEU B 46 -2.78 23.32 -19.29
N GLU B 47 -1.87 22.34 -19.34
CA GLU B 47 -2.16 20.96 -18.98
C GLU B 47 -1.65 20.72 -17.58
N ILE B 48 -2.57 20.62 -16.62
CA ILE B 48 -2.18 20.69 -15.21
C ILE B 48 -1.30 19.51 -14.83
N GLU B 49 -1.58 18.32 -15.34
CA GLU B 49 -0.79 17.16 -14.94
C GLU B 49 0.63 17.24 -15.45
N LYS B 50 0.83 17.72 -16.68
CA LYS B 50 2.21 17.93 -17.12
C LYS B 50 2.90 18.99 -16.29
N VAL B 51 2.23 20.10 -16.04
CA VAL B 51 2.87 21.16 -15.28
C VAL B 51 3.29 20.64 -13.91
N GLN B 52 2.42 19.86 -13.26
CA GLN B 52 2.76 19.44 -11.92
C GLN B 52 3.76 18.29 -11.91
N LEU B 53 3.86 17.53 -13.00
CA LEU B 53 4.97 16.59 -13.10
C LEU B 53 6.31 17.31 -13.12
N PHE B 54 6.41 18.41 -13.88
CA PHE B 54 7.66 19.16 -13.93
C PHE B 54 8.02 19.72 -12.56
N LEU B 55 7.07 20.31 -11.86
CA LEU B 55 7.34 20.71 -10.48
C LEU B 55 7.86 19.54 -9.67
N SER B 56 7.28 18.36 -9.85
CA SER B 56 7.70 17.22 -9.06
C SER B 56 9.09 16.75 -9.46
N PHE B 57 9.39 16.74 -10.76
CA PHE B 57 10.75 16.49 -11.21
C PHE B 57 11.73 17.49 -10.60
N LYS B 58 11.36 18.76 -10.60
CA LYS B 58 12.20 19.80 -10.02
C LYS B 58 12.51 19.49 -8.56
N LYS B 59 11.50 19.08 -7.80
CA LYS B 59 11.70 18.80 -6.40
C LYS B 59 12.71 17.69 -6.18
N LEU B 60 12.74 16.71 -7.09
CA LEU B 60 13.73 15.64 -7.00
C LEU B 60 15.10 16.04 -7.53
N GLY B 61 15.26 17.26 -7.97
CA GLY B 61 16.57 17.71 -8.40
C GLY B 61 16.77 17.73 -9.89
N ALA B 62 15.72 17.53 -10.68
CA ALA B 62 15.87 17.68 -12.12
C ALA B 62 15.93 19.15 -12.49
N ARG B 63 16.58 19.45 -13.60
CA ARG B 63 16.73 20.82 -14.07
C ARG B 63 15.83 21.07 -15.26
N ILE B 64 14.95 22.07 -15.12
CA ILE B 64 14.03 22.46 -16.19
C ILE B 64 14.80 23.15 -17.29
N VAL B 65 14.56 22.74 -18.52
CA VAL B 65 15.13 23.39 -19.69
C VAL B 65 13.99 23.70 -20.63
N GLU B 66 13.77 24.98 -20.89
CA GLU B 66 12.68 25.39 -21.74
C GLU B 66 13.08 25.32 -23.21
N GLY B 67 12.24 24.69 -24.01
CA GLY B 67 12.51 24.55 -25.44
C GLY B 67 11.26 24.09 -26.16
N SER B 68 11.28 24.27 -27.47
CA SER B 68 10.11 24.03 -28.30
C SER B 68 10.56 23.41 -29.61
N PHE B 69 9.84 22.39 -30.07
CA PHE B 69 10.20 21.78 -31.34
C PHE B 69 9.97 22.72 -32.50
N SER B 70 9.17 23.75 -32.31
CA SER B 70 8.94 24.77 -33.30
C SER B 70 9.97 25.89 -33.25
N ASP B 71 11.08 25.67 -32.53
CA ASP B 71 12.09 26.72 -32.30
C ASP B 71 13.46 26.04 -32.34
N HIS B 72 13.91 25.72 -33.55
CA HIS B 72 15.15 24.99 -33.73
C HIS B 72 16.26 25.49 -32.81
N GLN B 73 16.31 26.79 -32.54
CA GLN B 73 17.42 27.28 -31.73
C GLN B 73 17.27 26.88 -30.27
N SER B 74 16.05 26.82 -29.77
CA SER B 74 15.85 26.40 -28.38
C SER B 74 16.32 24.97 -28.20
N LEU B 75 16.11 24.11 -29.20
CA LEU B 75 16.58 22.74 -29.13
C LEU B 75 18.11 22.70 -29.09
N VAL B 76 18.76 23.37 -30.05
CA VAL B 76 20.22 23.40 -30.05
C VAL B 76 20.76 23.88 -28.70
N SER B 77 20.19 24.95 -28.15
CA SER B 77 20.61 25.39 -26.82
C SER B 77 20.44 24.26 -25.81
N ALA B 78 19.34 23.51 -25.92
CA ALA B 78 19.05 22.49 -24.91
C ALA B 78 20.03 21.33 -24.98
N VAL B 79 20.23 20.74 -26.16
CA VAL B 79 21.16 19.61 -26.25
C VAL B 79 22.58 20.04 -25.92
N LYS B 80 22.94 21.30 -26.20
CA LYS B 80 24.27 21.77 -25.85
C LYS B 80 24.55 21.64 -24.37
N LEU B 81 23.51 21.60 -23.54
CA LEU B 81 23.75 21.57 -22.10
C LEU B 81 24.18 20.21 -21.57
N VAL B 82 24.06 19.13 -22.34
CA VAL B 82 24.20 17.79 -21.77
C VAL B 82 25.19 16.94 -22.57
N ASP B 83 25.49 15.77 -22.00
CA ASP B 83 26.28 14.74 -22.66
C ASP B 83 25.43 13.72 -23.41
N VAL B 84 24.20 13.46 -22.95
CA VAL B 84 23.36 12.40 -23.50
C VAL B 84 21.94 12.92 -23.60
N VAL B 85 21.30 12.66 -24.74
CA VAL B 85 19.90 12.98 -24.93
C VAL B 85 19.12 11.69 -25.06
N VAL B 86 18.00 11.60 -24.34
CA VAL B 86 17.08 10.47 -24.43
C VAL B 86 15.74 11.01 -24.87
N SER B 87 15.19 10.42 -25.92
CA SER B 87 13.89 10.79 -26.44
C SER B 87 12.89 9.70 -26.16
N ALA B 88 11.77 10.07 -25.54
CA ALA B 88 10.66 9.18 -25.29
C ALA B 88 9.42 9.66 -26.03
N MET B 89 9.62 10.20 -27.24
CA MET B 89 8.54 10.73 -28.05
C MET B 89 7.44 9.69 -28.25
N SER B 90 6.20 10.18 -28.32
CA SER B 90 5.04 9.33 -28.45
C SER B 90 5.08 8.50 -29.72
N GLY B 91 4.52 7.30 -29.65
CA GLY B 91 4.53 6.41 -30.82
C GLY B 91 3.50 5.31 -30.77
N VAL B 92 2.28 5.68 -30.36
CA VAL B 92 1.17 4.75 -30.20
C VAL B 92 -0.06 5.44 -30.76
N HIS B 93 -0.77 4.74 -31.66
CA HIS B 93 -1.80 5.38 -32.47
C HIS B 93 -3.00 5.84 -31.63
N PHE B 94 -3.44 5.06 -30.64
CA PHE B 94 -4.57 5.49 -29.83
C PHE B 94 -4.19 6.52 -28.78
N ARG B 95 -2.91 6.88 -28.67
CA ARG B 95 -2.49 8.02 -27.85
C ARG B 95 -2.07 9.17 -28.77
N SER B 96 -0.93 9.02 -29.43
CA SER B 96 -0.29 10.04 -30.25
C SER B 96 0.91 9.34 -30.88
N HIS B 97 1.22 9.69 -32.13
CA HIS B 97 2.22 8.94 -32.90
C HIS B 97 3.21 9.88 -33.59
N ASN B 98 3.93 10.70 -32.82
CA ASN B 98 4.74 11.76 -33.40
C ASN B 98 6.22 11.39 -33.52
N ILE B 99 6.52 10.12 -33.81
CA ILE B 99 7.90 9.66 -33.90
C ILE B 99 8.74 10.59 -34.76
N LEU B 100 8.23 10.96 -35.93
CA LEU B 100 9.06 11.69 -36.89
C LEU B 100 9.39 13.11 -36.44
N VAL B 101 8.67 13.66 -35.46
CA VAL B 101 9.07 14.93 -34.88
C VAL B 101 10.50 14.87 -34.36
N GLN B 102 10.98 13.67 -34.02
CA GLN B 102 12.36 13.56 -33.54
C GLN B 102 13.37 14.10 -34.55
N LEU B 103 13.06 14.01 -35.85
CA LEU B 103 13.98 14.51 -36.86
C LEU B 103 14.46 15.93 -36.55
N LYS B 104 13.55 16.82 -36.14
CA LYS B 104 13.98 18.15 -35.74
C LYS B 104 14.99 18.10 -34.60
N LEU B 105 14.89 17.07 -33.75
CA LEU B 105 15.81 16.95 -32.61
C LEU B 105 17.15 16.40 -33.06
N VAL B 106 17.13 15.46 -34.02
CA VAL B 106 18.37 15.00 -34.63
C VAL B 106 19.11 16.17 -35.26
N GLU B 107 18.39 17.01 -36.02
CA GLU B 107 19.00 18.20 -36.61
C GLU B 107 19.74 19.01 -35.57
N ALA B 108 19.06 19.33 -34.47
CA ALA B 108 19.67 20.14 -33.43
C ALA B 108 20.90 19.46 -32.85
N ILE B 109 20.88 18.14 -32.70
CA ILE B 109 22.03 17.44 -32.14
C ILE B 109 23.21 17.52 -33.10
N LYS B 110 22.96 17.28 -34.39
CA LYS B 110 24.01 17.39 -35.40
C LYS B 110 24.65 18.76 -35.36
N GLU B 111 23.84 19.81 -35.43
CA GLU B 111 24.39 21.15 -35.37
C GLU B 111 25.24 21.36 -34.13
N ALA B 112 24.73 20.92 -32.97
CA ALA B 112 25.38 21.25 -31.72
C ALA B 112 26.71 20.50 -31.52
N GLY B 113 26.82 19.27 -32.02
CA GLY B 113 28.07 18.53 -32.05
C GLY B 113 28.65 18.07 -30.73
N ASN B 114 28.19 18.57 -29.58
CA ASN B 114 28.71 18.12 -28.30
C ASN B 114 28.10 16.80 -27.82
N VAL B 115 27.00 16.34 -28.42
CA VAL B 115 26.24 15.20 -27.87
C VAL B 115 27.05 13.92 -28.06
N LYS B 116 27.31 13.22 -26.95
CA LYS B 116 28.06 11.98 -27.02
C LYS B 116 27.20 10.76 -27.33
N ARG B 117 25.92 10.76 -26.92
CA ARG B 117 25.06 9.61 -27.20
C ARG B 117 23.59 10.02 -27.21
N PHE B 118 22.87 9.51 -28.21
CA PHE B 118 21.45 9.75 -28.34
C PHE B 118 20.70 8.43 -28.28
N LEU B 119 19.68 8.35 -27.42
CA LEU B 119 18.76 7.20 -27.41
C LEU B 119 17.45 7.67 -28.00
N PRO B 120 17.17 7.31 -29.24
CA PRO B 120 15.86 7.64 -29.83
C PRO B 120 14.74 6.89 -29.17
N SER B 121 13.52 7.35 -29.43
CA SER B 121 12.34 6.72 -28.86
C SER B 121 12.09 5.38 -29.54
N GLU B 122 12.63 4.31 -28.96
CA GLU B 122 12.50 2.96 -29.49
C GLU B 122 11.63 2.21 -28.53
N PHE B 123 12.20 1.40 -27.61
CA PHE B 123 11.50 0.85 -26.45
C PHE B 123 10.42 -0.16 -26.83
N GLY B 124 10.58 -0.88 -27.94
CA GLY B 124 9.59 -1.84 -28.35
C GLY B 124 10.07 -2.83 -29.40
N MET B 125 9.22 -3.13 -30.37
CA MET B 125 9.63 -4.04 -31.41
C MET B 125 10.84 -3.47 -32.16
N ASP B 126 11.71 -4.37 -32.60
CA ASP B 126 12.97 -3.98 -33.21
C ASP B 126 12.72 -3.56 -34.65
N PRO B 127 12.64 -2.26 -34.93
CA PRO B 127 12.09 -1.78 -36.21
C PRO B 127 12.69 -2.50 -37.41
N PRO B 128 14.01 -2.64 -37.48
CA PRO B 128 14.61 -3.26 -38.67
C PRO B 128 14.17 -4.70 -38.91
N ARG B 129 13.50 -5.34 -37.97
CA ARG B 129 13.06 -6.70 -38.20
C ARG B 129 11.61 -6.75 -38.62
N MET B 130 10.98 -5.60 -38.81
CA MET B 130 9.55 -5.52 -39.07
C MET B 130 9.24 -5.13 -40.52
N GLY B 131 10.15 -5.47 -41.45
CA GLY B 131 9.95 -5.10 -42.83
C GLY B 131 8.66 -5.60 -43.42
N HIS B 132 8.09 -6.66 -42.85
CA HIS B 132 6.94 -7.32 -43.42
C HIS B 132 5.65 -7.00 -42.66
N ALA B 133 5.69 -5.98 -41.82
CA ALA B 133 4.61 -5.71 -40.89
C ALA B 133 3.31 -5.33 -41.61
N LEU B 134 2.21 -5.44 -40.87
CA LEU B 134 0.90 -5.10 -41.40
C LEU B 134 0.69 -3.60 -41.39
N PRO B 135 0.47 -2.96 -42.54
CA PRO B 135 -0.05 -1.57 -42.53
C PRO B 135 -1.38 -1.58 -41.82
N PRO B 136 -1.73 -0.51 -41.08
CA PRO B 136 -1.00 0.73 -40.83
C PRO B 136 -0.01 0.63 -39.66
N GLY B 137 -0.17 -0.37 -38.80
CA GLY B 137 0.76 -0.59 -37.72
C GLY B 137 2.20 -0.47 -38.18
N ARG B 138 2.44 -0.83 -39.44
CA ARG B 138 3.76 -0.70 -40.03
C ARG B 138 4.38 0.68 -39.77
N GLU B 139 3.55 1.71 -39.68
CA GLU B 139 4.08 3.07 -39.60
C GLU B 139 5.05 3.23 -38.46
N THR B 140 4.72 2.67 -37.29
CA THR B 140 5.60 2.78 -36.15
C THR B 140 7.03 2.38 -36.51
N PHE B 141 7.18 1.25 -37.19
CA PHE B 141 8.52 0.74 -37.51
C PHE B 141 9.17 1.50 -38.65
N ASP B 142 8.38 1.94 -39.64
CA ASP B 142 8.95 2.76 -40.71
C ASP B 142 9.44 4.09 -40.19
N GLN B 143 8.67 4.72 -39.29
CA GLN B 143 9.06 6.03 -38.79
C GLN B 143 10.29 5.94 -37.88
N LYS B 144 10.35 4.95 -37.01
CA LYS B 144 11.57 4.79 -36.20
C LYS B 144 12.76 4.47 -37.09
N MET B 145 12.55 3.68 -38.14
CA MET B 145 13.63 3.44 -39.09
C MET B 145 14.11 4.73 -39.72
N GLU B 146 13.18 5.59 -40.13
CA GLU B 146 13.60 6.85 -40.72
C GLU B 146 14.40 7.68 -39.72
N VAL B 147 14.05 7.61 -38.45
CA VAL B 147 14.81 8.34 -37.43
C VAL B 147 16.21 7.76 -37.28
N ARG B 148 16.32 6.44 -37.24
CA ARG B 148 17.62 5.81 -37.17
C ARG B 148 18.53 6.28 -38.30
N GLN B 149 17.97 6.41 -39.50
CA GLN B 149 18.82 6.75 -40.63
C GLN B 149 19.34 8.17 -40.51
N ALA B 150 18.48 9.11 -40.12
CA ALA B 150 18.97 10.45 -39.85
C ALA B 150 20.07 10.45 -38.80
N ILE B 151 19.93 9.62 -37.75
CA ILE B 151 20.94 9.56 -36.71
C ILE B 151 22.28 9.12 -37.28
N GLU B 152 22.26 8.01 -38.01
CA GLU B 152 23.52 7.48 -38.50
C GLU B 152 24.09 8.38 -39.60
N ALA B 153 23.22 8.87 -40.49
CA ALA B 153 23.63 9.82 -41.51
C ALA B 153 24.32 11.03 -40.90
N ALA B 154 23.98 11.40 -39.66
CA ALA B 154 24.66 12.51 -39.00
C ALA B 154 25.88 12.07 -38.23
N GLY B 155 26.16 10.77 -38.18
CA GLY B 155 27.23 10.31 -37.33
C GLY B 155 27.03 10.61 -35.86
N ILE B 156 25.77 10.65 -35.42
CA ILE B 156 25.49 10.77 -33.99
C ILE B 156 25.63 9.39 -33.34
N PRO B 157 26.38 9.25 -32.26
CA PRO B 157 26.43 7.96 -31.57
C PRO B 157 25.10 7.64 -30.91
N TYR B 158 24.77 6.35 -30.87
CA TYR B 158 23.42 5.93 -30.52
C TYR B 158 23.43 4.68 -29.66
N THR B 159 22.33 4.49 -28.93
CA THR B 159 21.94 3.19 -28.39
C THR B 159 20.44 3.02 -28.63
N TYR B 160 20.06 1.87 -29.14
CA TYR B 160 18.67 1.56 -29.43
C TYR B 160 18.20 0.56 -28.40
N VAL B 161 17.21 0.93 -27.59
CA VAL B 161 16.66 0.05 -26.57
C VAL B 161 15.39 -0.59 -27.10
N VAL B 162 15.34 -1.93 -27.14
CA VAL B 162 14.24 -2.64 -27.78
C VAL B 162 13.97 -3.97 -27.08
N GLY B 163 12.79 -4.52 -27.34
CA GLY B 163 12.58 -5.96 -27.26
C GLY B 163 11.56 -6.46 -26.26
N ALA B 164 10.91 -5.63 -25.46
CA ALA B 164 10.01 -6.11 -24.42
C ALA B 164 8.62 -5.47 -24.58
N CYS B 165 7.57 -6.22 -24.23
CA CYS B 165 6.26 -5.63 -24.04
C CYS B 165 6.19 -4.90 -22.71
N PHE B 166 5.61 -3.70 -22.72
CA PHE B 166 5.34 -2.99 -21.46
C PHE B 166 4.34 -3.80 -20.65
N ALA B 167 4.72 -4.15 -19.42
CA ALA B 167 3.87 -5.02 -18.62
C ALA B 167 2.44 -4.48 -18.53
N ALA B 168 2.29 -3.17 -18.34
CA ALA B 168 0.94 -2.63 -18.14
C ALA B 168 0.04 -2.96 -19.31
N TYR B 169 0.59 -2.95 -20.52
CA TYR B 169 -0.26 -3.09 -21.70
C TYR B 169 -0.46 -4.53 -22.15
N PHE B 170 0.33 -5.47 -21.66
CA PHE B 170 0.28 -6.85 -22.13
C PHE B 170 0.25 -7.89 -21.03
N ALA B 171 0.66 -7.57 -19.81
CA ALA B 171 0.64 -8.53 -18.72
C ALA B 171 -0.47 -8.25 -17.72
N GLY B 172 -0.57 -7.02 -17.22
CA GLY B 172 -1.63 -6.69 -16.28
C GLY B 172 -3.02 -7.06 -16.77
N ASN B 173 -3.19 -7.18 -18.10
CA ASN B 173 -4.49 -7.50 -18.67
C ASN B 173 -4.51 -8.88 -19.30
N LEU B 174 -3.52 -9.71 -19.02
CA LEU B 174 -3.41 -11.03 -19.61
C LEU B 174 -3.51 -10.97 -21.13
N SER B 175 -3.07 -9.86 -21.70
CA SER B 175 -3.00 -9.65 -23.15
C SER B 175 -4.37 -9.49 -23.78
N GLN B 176 -5.40 -9.22 -23.00
CA GLN B 176 -6.70 -8.91 -23.56
C GLN B 176 -6.69 -7.46 -24.04
N MET B 177 -6.95 -7.26 -25.33
CA MET B 177 -6.85 -5.92 -25.92
C MET B 177 -7.83 -4.95 -25.31
N VAL B 178 -8.95 -5.43 -24.79
CA VAL B 178 -10.01 -4.49 -24.47
C VAL B 178 -9.68 -3.63 -23.25
N THR B 179 -8.65 -3.95 -22.48
CA THR B 179 -8.66 -3.55 -21.09
C THR B 179 -7.22 -3.50 -20.55
N LEU B 180 -7.09 -2.96 -19.35
CA LEU B 180 -5.80 -2.96 -18.68
C LEU B 180 -5.81 -3.77 -17.40
N LEU B 181 -6.89 -4.45 -17.09
CA LEU B 181 -7.05 -5.22 -15.88
C LEU B 181 -7.24 -6.69 -16.23
N PRO B 182 -6.95 -7.60 -15.31
CA PRO B 182 -7.18 -9.01 -15.58
C PRO B 182 -8.67 -9.28 -15.71
N PRO B 183 -9.05 -10.20 -16.60
CA PRO B 183 -10.46 -10.55 -16.72
C PRO B 183 -10.95 -11.37 -15.53
N LYS B 184 -12.28 -11.35 -15.34
CA LYS B 184 -12.86 -11.98 -14.15
C LYS B 184 -13.11 -13.48 -14.34
N GLU B 185 -13.56 -13.90 -15.53
CA GLU B 185 -13.94 -15.31 -15.68
C GLU B 185 -13.38 -15.94 -16.94
N LYS B 186 -13.32 -15.19 -18.03
CA LYS B 186 -12.99 -15.71 -19.34
C LYS B 186 -11.78 -14.97 -19.87
N VAL B 187 -10.99 -15.66 -20.68
CA VAL B 187 -9.86 -15.06 -21.35
C VAL B 187 -9.76 -15.62 -22.76
N ASN B 188 -9.40 -14.77 -23.72
CA ASN B 188 -9.03 -15.23 -25.05
C ASN B 188 -7.55 -15.60 -25.10
N ILE B 189 -7.25 -16.78 -25.62
CA ILE B 189 -5.88 -17.20 -25.91
C ILE B 189 -5.66 -17.10 -27.42
N TYR B 190 -4.58 -16.44 -27.82
CA TYR B 190 -4.28 -16.22 -29.22
C TYR B 190 -3.56 -17.43 -29.79
N GLY B 191 -4.16 -18.06 -30.80
CA GLY B 191 -3.58 -19.30 -31.30
C GLY B 191 -3.60 -20.34 -30.23
N ASP B 192 -2.52 -21.09 -30.11
CA ASP B 192 -2.45 -22.08 -29.04
C ASP B 192 -1.94 -21.51 -27.74
N GLY B 193 -1.62 -20.21 -27.71
CA GLY B 193 -1.11 -19.64 -26.48
C GLY B 193 0.26 -20.16 -26.10
N ASN B 194 1.01 -20.67 -27.07
CA ASN B 194 2.32 -21.26 -26.81
C ASN B 194 3.43 -20.51 -27.53
N VAL B 195 3.17 -19.29 -27.96
CA VAL B 195 4.20 -18.44 -28.55
C VAL B 195 4.80 -17.59 -27.44
N LYS B 196 6.13 -17.57 -27.35
CA LYS B 196 6.84 -16.87 -26.29
C LYS B 196 6.87 -15.37 -26.54
N VAL B 197 6.59 -14.61 -25.50
CA VAL B 197 6.57 -13.16 -25.53
C VAL B 197 7.51 -12.64 -24.46
N VAL B 198 8.06 -11.46 -24.67
CA VAL B 198 8.90 -10.80 -23.69
C VAL B 198 8.07 -9.77 -22.95
N PHE B 199 8.05 -9.85 -21.62
CA PHE B 199 7.35 -8.88 -20.80
C PHE B 199 8.35 -8.18 -19.89
N ALA B 200 8.15 -6.90 -19.66
CA ALA B 200 9.02 -6.22 -18.72
C ALA B 200 8.25 -5.12 -18.04
N ASP B 201 8.47 -5.02 -16.73
CA ASP B 201 7.97 -3.88 -15.97
C ASP B 201 8.61 -2.60 -16.50
N GLU B 202 7.79 -1.58 -16.72
CA GLU B 202 8.29 -0.36 -17.35
C GLU B 202 9.32 0.34 -16.47
N ASP B 203 9.22 0.19 -15.15
CA ASP B 203 10.23 0.76 -14.29
C ASP B 203 11.58 0.09 -14.51
N ASP B 204 11.57 -1.20 -14.83
CA ASP B 204 12.83 -1.86 -15.14
C ASP B 204 13.35 -1.44 -16.50
N ILE B 205 12.46 -1.20 -17.46
CA ILE B 205 12.88 -0.64 -18.73
C ILE B 205 13.58 0.69 -18.48
N ALA B 206 13.00 1.53 -17.65
CA ALA B 206 13.59 2.82 -17.40
C ALA B 206 14.93 2.66 -16.68
N LYS B 207 15.01 1.70 -15.78
CA LYS B 207 16.24 1.49 -15.05
C LYS B 207 17.36 1.00 -15.99
N TYR B 208 17.06 0.01 -16.81
CA TYR B 208 18.06 -0.43 -17.77
C TYR B 208 18.49 0.70 -18.69
N THR B 209 17.55 1.59 -19.06
CA THR B 209 17.85 2.72 -19.93
C THR B 209 18.81 3.68 -19.24
N ALA B 210 18.54 4.00 -17.98
CA ALA B 210 19.43 4.88 -17.23
C ALA B 210 20.81 4.25 -17.09
N LYS B 211 20.87 2.92 -16.91
CA LYS B 211 22.15 2.27 -16.74
C LYS B 211 22.92 2.14 -18.05
N THR B 212 22.23 1.97 -19.19
CA THR B 212 22.96 1.70 -20.42
C THR B 212 23.53 2.95 -21.09
N LEU B 213 23.04 4.13 -20.74
CA LEU B 213 23.29 5.27 -21.61
C LEU B 213 24.69 5.82 -21.45
N ASN B 214 25.42 5.42 -20.40
CA ASN B 214 26.81 5.81 -20.23
C ASN B 214 27.74 4.60 -20.20
N ASP B 215 27.32 3.49 -20.78
CA ASP B 215 28.03 2.23 -20.71
C ASP B 215 28.80 2.02 -22.00
N PRO B 216 30.13 1.93 -21.95
CA PRO B 216 30.88 1.76 -23.21
C PRO B 216 30.41 0.54 -23.97
N ARG B 217 29.99 -0.49 -23.25
CA ARG B 217 29.68 -1.74 -23.92
C ARG B 217 28.51 -1.60 -24.88
N THR B 218 27.69 -0.55 -24.76
CA THR B 218 26.51 -0.41 -25.61
C THR B 218 26.55 0.83 -26.50
N LEU B 219 27.69 1.51 -26.60
CA LEU B 219 27.79 2.62 -27.53
C LEU B 219 27.62 2.12 -28.96
N ASN B 220 26.70 2.74 -29.70
CA ASN B 220 26.39 2.35 -31.09
C ASN B 220 25.83 0.95 -31.20
N LYS B 221 25.06 0.50 -30.23
CA LYS B 221 24.56 -0.87 -30.22
C LYS B 221 23.07 -0.86 -29.98
N THR B 222 22.42 -1.95 -30.40
CA THR B 222 21.06 -2.27 -29.97
C THR B 222 21.14 -3.04 -28.65
N VAL B 223 20.47 -2.52 -27.62
CA VAL B 223 20.35 -3.25 -26.36
C VAL B 223 18.97 -3.88 -26.30
N ASN B 224 18.94 -5.20 -26.18
CA ASN B 224 17.72 -5.97 -26.02
C ASN B 224 17.34 -6.09 -24.55
N ILE B 225 16.08 -5.84 -24.23
CA ILE B 225 15.55 -6.09 -22.91
C ILE B 225 14.79 -7.41 -22.99
N ARG B 226 15.45 -8.50 -22.60
CA ARG B 226 14.85 -9.84 -22.66
C ARG B 226 15.14 -10.58 -21.37
N PRO B 227 14.54 -10.15 -20.26
CA PRO B 227 14.85 -10.78 -18.98
C PRO B 227 14.38 -12.22 -18.99
N PRO B 228 15.29 -13.17 -18.78
CA PRO B 228 14.95 -14.59 -19.04
C PRO B 228 13.69 -15.09 -18.35
N ASP B 229 13.48 -14.76 -17.07
CA ASP B 229 12.31 -15.28 -16.39
C ASP B 229 11.04 -14.64 -16.90
N ASN B 230 11.14 -13.64 -17.75
CA ASN B 230 9.97 -12.93 -18.25
C ASN B 230 9.71 -13.24 -19.70
N VAL B 231 10.29 -14.31 -20.22
CA VAL B 231 10.01 -14.80 -21.55
C VAL B 231 8.96 -15.89 -21.38
N LEU B 232 7.71 -15.56 -21.71
CA LEU B 232 6.55 -16.34 -21.31
C LEU B 232 5.59 -16.49 -22.47
N THR B 233 4.97 -17.67 -22.60
CA THR B 233 3.85 -17.76 -23.51
C THR B 233 2.65 -17.10 -22.86
N GLN B 234 1.60 -16.89 -23.66
CA GLN B 234 0.42 -16.28 -23.09
C GLN B 234 -0.27 -17.24 -22.11
N LEU B 235 -0.30 -18.54 -22.42
CA LEU B 235 -0.78 -19.50 -21.44
C LEU B 235 0.05 -19.46 -20.16
N GLU B 236 1.38 -19.38 -20.29
CA GLU B 236 2.21 -19.26 -19.10
C GLU B 236 1.85 -18.02 -18.30
N LEU B 237 1.68 -16.89 -18.98
CA LEU B 237 1.23 -15.68 -18.30
C LEU B 237 -0.09 -15.90 -17.59
N VAL B 238 -1.06 -16.52 -18.27
CA VAL B 238 -2.39 -16.70 -17.68
C VAL B 238 -2.33 -17.64 -16.49
N GLN B 239 -1.41 -18.60 -16.51
CA GLN B 239 -1.31 -19.51 -15.38
C GLN B 239 -0.70 -18.84 -14.16
N ILE B 240 0.20 -17.87 -14.35
CA ILE B 240 0.64 -17.06 -13.22
C ILE B 240 -0.56 -16.46 -12.52
N TRP B 241 -1.48 -15.86 -13.28
CA TRP B 241 -2.62 -15.20 -12.68
C TRP B 241 -3.56 -16.21 -12.01
N GLU B 242 -3.75 -17.38 -12.62
CA GLU B 242 -4.65 -18.36 -12.00
C GLU B 242 -4.06 -18.91 -10.72
N LYS B 243 -2.73 -18.98 -10.63
CA LYS B 243 -2.09 -19.45 -9.41
C LYS B 243 -2.19 -18.40 -8.31
N LEU B 244 -2.09 -17.11 -8.68
CA LEU B 244 -2.25 -16.05 -7.69
C LEU B 244 -3.69 -16.02 -7.15
N THR B 245 -4.69 -15.96 -8.05
CA THR B 245 -6.07 -15.94 -7.59
C THR B 245 -6.56 -17.30 -7.11
N GLY B 246 -5.97 -18.39 -7.57
CA GLY B 246 -6.53 -19.67 -7.24
C GLY B 246 -7.81 -20.00 -8.00
N LYS B 247 -8.14 -19.23 -9.03
CA LYS B 247 -9.32 -19.45 -9.84
C LYS B 247 -8.89 -19.76 -11.27
N GLU B 248 -9.45 -20.83 -11.84
CA GLU B 248 -9.19 -21.13 -13.23
C GLU B 248 -10.06 -20.29 -14.12
N LEU B 249 -9.49 -19.78 -15.20
CA LEU B 249 -10.27 -18.98 -16.13
C LEU B 249 -10.73 -19.86 -17.28
N GLU B 250 -11.90 -19.51 -17.83
CA GLU B 250 -12.41 -20.18 -19.00
C GLU B 250 -11.73 -19.63 -20.23
N LYS B 251 -11.13 -20.50 -21.05
CA LYS B 251 -10.23 -20.12 -22.12
C LYS B 251 -10.86 -20.37 -23.48
N THR B 252 -10.74 -19.40 -24.37
CA THR B 252 -11.18 -19.52 -25.76
C THR B 252 -10.01 -19.28 -26.68
N ASN B 253 -9.77 -20.22 -27.59
CA ASN B 253 -8.69 -20.06 -28.55
C ASN B 253 -9.18 -19.32 -29.77
N ILE B 254 -8.35 -18.42 -30.28
CA ILE B 254 -8.71 -17.55 -31.38
C ILE B 254 -7.70 -17.78 -32.49
N ALA B 255 -8.17 -18.31 -33.61
CA ALA B 255 -7.28 -18.59 -34.73
C ALA B 255 -6.85 -17.29 -35.38
N ALA B 256 -5.68 -17.34 -36.03
CA ALA B 256 -5.13 -16.13 -36.64
C ALA B 256 -6.16 -15.48 -37.54
N GLN B 257 -6.81 -16.28 -38.39
CA GLN B 257 -7.71 -15.71 -39.39
C GLN B 257 -8.88 -15.00 -38.74
N ASP B 258 -9.41 -15.56 -37.65
CA ASP B 258 -10.51 -14.90 -36.97
C ASP B 258 -10.03 -13.65 -36.26
N PHE B 259 -8.80 -13.66 -35.77
CA PHE B 259 -8.23 -12.47 -35.14
C PHE B 259 -8.08 -11.35 -36.14
N LEU B 260 -7.70 -11.66 -37.36
CA LEU B 260 -7.49 -10.65 -38.38
C LEU B 260 -8.75 -10.32 -39.18
N ALA B 261 -9.86 -11.00 -38.91
CA ALA B 261 -11.04 -10.91 -39.78
C ALA B 261 -11.59 -9.50 -39.80
N ASN B 262 -11.74 -8.93 -41.00
CA ASN B 262 -12.37 -7.64 -41.19
C ASN B 262 -11.54 -6.51 -40.59
N ILE B 263 -10.23 -6.72 -40.49
CA ILE B 263 -9.38 -5.71 -39.89
C ILE B 263 -9.44 -4.42 -40.70
N GLU B 264 -9.54 -4.54 -42.01
CA GLU B 264 -9.58 -3.36 -42.87
C GLU B 264 -10.80 -2.50 -42.62
N GLN B 265 -11.76 -2.95 -41.82
CA GLN B 265 -12.91 -2.13 -41.43
C GLN B 265 -12.78 -1.53 -40.05
N MET B 266 -11.60 -1.61 -39.43
CA MET B 266 -11.42 -1.10 -38.09
C MET B 266 -10.92 0.32 -38.14
N GLU B 267 -11.16 1.07 -37.05
CA GLU B 267 -10.50 2.36 -36.90
C GLU B 267 -8.98 2.17 -36.98
N ILE B 268 -8.30 3.14 -37.59
CA ILE B 268 -6.86 3.04 -37.84
C ILE B 268 -6.07 2.71 -36.58
N PRO B 269 -6.35 3.36 -35.44
CA PRO B 269 -5.64 2.97 -34.20
C PRO B 269 -5.79 1.51 -33.86
N HIS B 270 -7.01 0.98 -33.98
CA HIS B 270 -7.22 -0.43 -33.67
C HIS B 270 -6.60 -1.32 -34.73
N GLN B 271 -6.55 -0.86 -35.98
CA GLN B 271 -5.82 -1.62 -36.97
C GLN B 271 -4.37 -1.79 -36.56
N ALA B 272 -3.76 -0.69 -36.10
CA ALA B 272 -2.36 -0.72 -35.65
C ALA B 272 -2.19 -1.72 -34.52
N GLY B 273 -2.98 -1.58 -33.46
CA GLY B 273 -2.87 -2.48 -32.33
C GLY B 273 -3.02 -3.94 -32.73
N ILE B 274 -4.10 -4.25 -33.45
CA ILE B 274 -4.31 -5.61 -33.91
C ILE B 274 -3.08 -6.12 -34.63
N GLY B 275 -2.47 -5.28 -35.47
CA GLY B 275 -1.31 -5.73 -36.21
C GLY B 275 -0.13 -6.02 -35.31
N HIS B 276 0.14 -5.13 -34.36
CA HIS B 276 1.24 -5.35 -33.42
C HIS B 276 1.03 -6.62 -32.61
N PHE B 277 -0.15 -6.76 -32.02
CA PHE B 277 -0.47 -8.00 -31.31
C PHE B 277 -0.18 -9.22 -32.18
N TYR B 278 -0.60 -9.18 -33.44
CA TYR B 278 -0.41 -10.33 -34.31
C TYR B 278 1.07 -10.69 -34.41
N HIS B 279 1.92 -9.70 -34.66
CA HIS B 279 3.35 -9.99 -34.79
C HIS B 279 3.93 -10.52 -33.48
N ILE B 280 3.41 -10.03 -32.34
CA ILE B 280 3.94 -10.46 -31.06
C ILE B 280 3.44 -11.86 -30.72
N PHE B 281 2.12 -12.03 -30.71
CA PHE B 281 1.51 -13.22 -30.13
C PHE B 281 1.30 -14.34 -31.13
N TYR B 282 1.23 -14.03 -32.42
CA TYR B 282 1.06 -15.06 -33.42
C TYR B 282 2.36 -15.42 -34.11
N GLU B 283 3.16 -14.43 -34.49
CA GLU B 283 4.44 -14.71 -35.14
C GLU B 283 5.61 -14.78 -34.17
N GLY B 284 5.46 -14.28 -32.95
CA GLY B 284 6.54 -14.35 -31.99
C GLY B 284 7.73 -13.50 -32.35
N CYS B 285 7.48 -12.31 -32.92
CA CYS B 285 8.57 -11.44 -33.34
C CYS B 285 9.53 -11.07 -32.20
N LEU B 286 9.08 -11.08 -30.93
CA LEU B 286 9.99 -10.75 -29.85
C LEU B 286 10.89 -11.90 -29.44
N THR B 287 10.66 -13.11 -29.94
CA THR B 287 11.47 -14.25 -29.52
C THR B 287 11.85 -15.15 -30.69
N ASP B 288 11.63 -14.74 -31.93
CA ASP B 288 11.94 -15.56 -33.09
C ASP B 288 13.40 -15.47 -33.49
N HIS B 289 14.24 -14.90 -32.63
CA HIS B 289 15.65 -14.71 -32.95
C HIS B 289 16.39 -14.68 -31.63
N GLU B 290 17.66 -15.06 -31.66
CA GLU B 290 18.45 -15.06 -30.45
C GLU B 290 19.34 -13.83 -30.37
N VAL B 291 19.70 -13.47 -29.16
CA VAL B 291 20.57 -12.33 -28.91
C VAL B 291 21.63 -12.74 -27.91
N GLY B 292 22.79 -12.06 -27.96
CA GLY B 292 23.90 -12.43 -27.10
C GLY B 292 23.85 -11.78 -25.73
N GLU B 293 24.64 -12.33 -24.82
CA GLU B 293 24.67 -11.76 -23.49
C GLU B 293 25.31 -10.38 -23.46
N ASP B 294 26.11 -10.03 -24.47
CA ASP B 294 26.71 -8.70 -24.51
C ASP B 294 25.80 -7.64 -25.13
N GLU B 295 24.55 -8.00 -25.46
CA GLU B 295 23.56 -7.09 -26.04
C GLU B 295 22.19 -7.31 -25.42
N GLU B 296 22.14 -7.81 -24.19
CA GLU B 296 20.90 -8.08 -23.48
C GLU B 296 20.99 -7.45 -22.10
N ALA B 297 20.01 -6.61 -21.77
CA ALA B 297 20.14 -5.73 -20.61
C ALA B 297 20.33 -6.50 -19.31
N SER B 298 19.49 -7.52 -19.06
CA SER B 298 19.61 -8.24 -17.78
C SER B 298 20.98 -8.91 -17.65
N SER B 299 21.56 -9.37 -18.74
CA SER B 299 22.91 -9.89 -18.69
C SER B 299 23.95 -8.78 -18.50
N LEU B 300 23.77 -7.64 -19.16
CA LEU B 300 24.72 -6.53 -19.01
C LEU B 300 24.64 -5.90 -17.64
N TYR B 301 23.46 -5.90 -17.02
CA TYR B 301 23.22 -5.19 -15.77
C TYR B 301 22.58 -6.18 -14.81
N PRO B 302 23.32 -7.21 -14.40
CA PRO B 302 22.76 -8.21 -13.49
C PRO B 302 22.51 -7.67 -12.10
N ASP B 303 22.97 -6.46 -11.80
CA ASP B 303 22.64 -5.86 -10.53
C ASP B 303 21.16 -5.53 -10.41
N VAL B 304 20.44 -5.49 -11.54
CA VAL B 304 19.05 -5.07 -11.54
C VAL B 304 18.17 -6.26 -11.20
N LYS B 305 17.47 -6.18 -10.08
CA LYS B 305 16.56 -7.25 -9.70
C LYS B 305 15.25 -7.00 -10.44
N TYR B 306 15.15 -7.49 -11.66
CA TYR B 306 13.98 -7.14 -12.43
C TYR B 306 12.75 -7.82 -11.85
N LYS B 307 11.62 -7.17 -12.06
CA LYS B 307 10.37 -7.65 -11.52
C LYS B 307 9.82 -8.74 -12.43
N ARG B 308 9.54 -9.91 -11.84
CA ARG B 308 8.95 -11.04 -12.53
C ARG B 308 7.45 -10.83 -12.66
N MET B 309 6.84 -11.54 -13.61
CA MET B 309 5.43 -11.26 -13.87
C MET B 309 4.51 -11.75 -12.77
N ASP B 310 4.96 -12.64 -11.87
CA ASP B 310 4.15 -12.94 -10.70
C ASP B 310 4.16 -11.79 -9.71
N ASP B 311 5.34 -11.19 -9.46
CA ASP B 311 5.34 -9.98 -8.64
C ASP B 311 4.55 -8.86 -9.30
N TYR B 312 4.68 -8.72 -10.61
CA TYR B 312 3.94 -7.65 -11.27
C TYR B 312 2.44 -7.83 -11.08
N LEU B 313 1.94 -9.05 -11.30
CA LEU B 313 0.51 -9.29 -11.26
C LEU B 313 -0.07 -9.19 -9.86
N ARG B 314 0.74 -9.40 -8.82
CA ARG B 314 0.25 -9.29 -7.45
C ARG B 314 -0.40 -7.95 -7.19
N MET B 315 0.07 -6.91 -7.87
CA MET B 315 -0.50 -5.58 -7.68
C MET B 315 -2.00 -5.59 -7.92
N PHE B 316 -2.50 -6.51 -8.74
CA PHE B 316 -3.89 -6.49 -9.11
C PHE B 316 -4.77 -7.35 -8.24
N LEU B 317 -4.22 -8.02 -7.23
CA LEU B 317 -5.01 -8.95 -6.45
C LEU B 317 -5.99 -8.23 -5.57
N LYS C 9 11.64 41.62 12.08
CA LYS C 9 11.66 42.27 10.78
C LYS C 9 12.92 41.94 9.92
N THR C 10 14.14 42.06 10.45
CA THR C 10 15.28 41.58 9.67
C THR C 10 15.30 40.05 9.67
N ARG C 11 15.47 39.47 8.50
CA ARG C 11 15.55 38.03 8.34
C ARG C 11 17.00 37.64 8.29
N VAL C 12 17.42 36.78 9.21
CA VAL C 12 18.81 36.38 9.36
C VAL C 12 18.93 34.88 9.16
N LEU C 13 19.88 34.48 8.32
CA LEU C 13 20.28 33.08 8.21
C LEU C 13 21.57 32.88 8.98
N VAL C 14 21.57 31.93 9.92
CA VAL C 14 22.76 31.56 10.65
C VAL C 14 23.31 30.27 10.08
N VAL C 15 24.53 30.30 9.54
CA VAL C 15 25.20 29.11 9.05
C VAL C 15 26.26 28.72 10.07
N GLY C 16 26.28 27.45 10.43
CA GLY C 16 27.05 27.05 11.59
C GLY C 16 26.24 27.18 12.86
N ALA C 17 24.95 26.86 12.80
CA ALA C 17 24.02 27.20 13.88
C ALA C 17 24.26 26.39 15.16
N THR C 18 24.80 25.17 15.06
CA THR C 18 25.06 24.38 16.27
C THR C 18 26.51 24.43 16.75
N GLY C 19 27.33 25.33 16.22
CA GLY C 19 28.69 25.47 16.70
C GLY C 19 28.76 26.20 18.03
N TYR C 20 29.98 26.29 18.57
CA TYR C 20 30.15 26.85 19.90
C TYR C 20 29.64 28.28 19.98
N ILE C 21 30.13 29.14 19.10
CA ILE C 21 29.60 30.49 19.07
C ILE C 21 28.33 30.54 18.25
N GLY C 22 28.17 29.62 17.29
CA GLY C 22 26.99 29.66 16.44
C GLY C 22 25.68 29.55 17.21
N LYS C 23 25.60 28.60 18.15
CA LYS C 23 24.32 28.40 18.81
C LYS C 23 23.96 29.59 19.68
N ARG C 24 24.96 30.28 20.23
CA ARG C 24 24.70 31.51 20.97
C ARG C 24 24.22 32.63 20.05
N ILE C 25 24.78 32.71 18.84
CA ILE C 25 24.31 33.67 17.85
C ILE C 25 22.85 33.41 17.50
N VAL C 26 22.49 32.15 17.32
CA VAL C 26 21.10 31.82 17.03
C VAL C 26 20.19 32.35 18.14
N ARG C 27 20.50 32.02 19.39
CA ARG C 27 19.62 32.45 20.47
C ARG C 27 19.61 33.97 20.60
N ALA C 28 20.77 34.60 20.46
CA ALA C 28 20.80 36.05 20.60
C ALA C 28 20.03 36.73 19.49
N CYS C 29 19.99 36.13 18.29
CA CYS C 29 19.20 36.69 17.22
C CYS C 29 17.71 36.56 17.50
N LEU C 30 17.27 35.45 18.07
CA LEU C 30 15.89 35.32 18.49
C LEU C 30 15.54 36.37 19.54
N ALA C 31 16.39 36.52 20.54
CA ALA C 31 16.09 37.44 21.63
C ALA C 31 16.04 38.87 21.13
N GLU C 32 16.92 39.24 20.20
CA GLU C 32 16.92 40.60 19.68
C GLU C 32 15.71 40.90 18.81
N GLY C 33 14.95 39.87 18.38
CA GLY C 33 13.79 40.07 17.55
C GLY C 33 13.96 39.86 16.05
N HIS C 34 15.08 39.30 15.60
CA HIS C 34 15.19 39.01 14.18
C HIS C 34 14.36 37.80 13.82
N GLU C 35 13.87 37.77 12.59
CA GLU C 35 13.33 36.54 12.04
C GLU C 35 14.51 35.65 11.69
N THR C 36 14.68 34.59 12.45
CA THR C 36 15.94 33.87 12.53
C THR C 36 15.80 32.51 11.85
N TYR C 37 16.58 32.30 10.81
CA TYR C 37 16.62 31.06 10.07
C TYR C 37 17.93 30.36 10.39
N VAL C 38 17.93 29.04 10.34
CA VAL C 38 19.14 28.30 10.61
C VAL C 38 19.32 27.24 9.55
N LEU C 39 20.54 27.01 9.13
CA LEU C 39 20.82 26.05 8.07
C LEU C 39 21.05 24.68 8.69
N GLN C 40 20.21 23.71 8.33
CA GLN C 40 20.38 22.35 8.79
C GLN C 40 20.85 21.48 7.63
N ARG C 41 22.00 20.99 7.72
CA ARG C 41 22.67 20.25 6.68
C ARG C 41 22.32 18.77 6.77
N PRO C 42 22.04 18.12 5.64
CA PRO C 42 21.72 16.69 5.67
C PRO C 42 22.82 15.83 6.27
N GLU C 43 24.04 16.34 6.38
CA GLU C 43 25.16 15.50 6.75
C GLU C 43 25.19 15.16 8.23
N ILE C 44 24.44 15.87 9.07
CA ILE C 44 24.62 15.74 10.50
C ILE C 44 23.81 14.56 11.03
N GLY C 45 23.59 13.58 10.17
CA GLY C 45 22.71 12.44 10.39
C GLY C 45 22.57 11.93 11.79
N LEU C 46 23.54 11.18 12.28
CA LEU C 46 23.46 10.59 13.59
C LEU C 46 24.06 11.48 14.69
N GLU C 47 24.22 12.78 14.45
CA GLU C 47 24.78 13.63 15.48
C GLU C 47 23.64 14.15 16.34
N ILE C 48 23.34 13.40 17.40
CA ILE C 48 22.13 13.63 18.18
C ILE C 48 22.13 15.01 18.81
N GLU C 49 23.29 15.50 19.25
CA GLU C 49 23.30 16.78 19.93
C GLU C 49 23.00 17.91 18.97
N LYS C 50 23.44 17.77 17.72
CA LYS C 50 23.09 18.77 16.72
C LYS C 50 21.62 18.71 16.38
N VAL C 51 21.11 17.50 16.17
CA VAL C 51 19.71 17.36 15.80
C VAL C 51 18.83 17.97 16.88
N GLN C 52 19.16 17.72 18.14
CA GLN C 52 18.28 18.21 19.18
C GLN C 52 18.50 19.70 19.45
N LEU C 53 19.69 20.22 19.17
CA LEU C 53 19.85 21.67 19.16
C LEU C 53 18.90 22.30 18.16
N PHE C 54 18.87 21.78 16.92
CA PHE C 54 17.95 22.32 15.93
C PHE C 54 16.50 22.24 16.40
N LEU C 55 16.11 21.12 17.00
CA LEU C 55 14.75 21.04 17.54
C LEU C 55 14.52 22.12 18.59
N SER C 56 15.52 22.36 19.43
CA SER C 56 15.34 23.39 20.45
C SER C 56 15.23 24.78 19.81
N PHE C 57 16.03 25.03 18.75
CA PHE C 57 15.89 26.27 17.99
C PHE C 57 14.47 26.41 17.44
N LYS C 58 13.93 25.36 16.83
CA LYS C 58 12.58 25.44 16.28
C LYS C 58 11.56 25.76 17.36
N LYS C 59 11.66 25.10 18.50
CA LYS C 59 10.73 25.39 19.58
C LYS C 59 10.77 26.85 19.97
N LEU C 60 11.94 27.49 19.91
CA LEU C 60 12.01 28.90 20.26
C LEU C 60 11.60 29.83 19.12
N GLY C 61 11.39 29.30 17.91
CA GLY C 61 10.90 30.13 16.83
C GLY C 61 11.82 30.29 15.65
N ALA C 62 12.96 29.64 15.63
CA ALA C 62 13.80 29.72 14.45
C ALA C 62 13.18 28.89 13.35
N ARG C 63 13.46 29.25 12.10
CA ARG C 63 12.97 28.49 10.97
C ARG C 63 14.09 27.62 10.38
N ILE C 64 13.82 26.36 10.25
CA ILE C 64 14.79 25.42 9.72
C ILE C 64 14.86 25.58 8.21
N VAL C 65 16.07 25.56 7.68
CA VAL C 65 16.30 25.69 6.26
C VAL C 65 17.25 24.58 5.87
N GLU C 66 16.81 23.71 4.98
CA GLU C 66 17.60 22.54 4.65
C GLU C 66 18.49 22.89 3.46
N GLY C 67 19.80 22.71 3.64
CA GLY C 67 20.76 22.98 2.60
C GLY C 67 22.02 22.20 2.87
N SER C 68 22.82 22.02 1.82
CA SER C 68 24.10 21.37 1.96
C SER C 68 25.15 22.15 1.21
N PHE C 69 26.37 22.18 1.76
CA PHE C 69 27.47 22.79 1.05
C PHE C 69 27.88 22.00 -0.20
N SER C 70 27.47 20.75 -0.30
CA SER C 70 27.71 20.00 -1.52
C SER C 70 26.72 20.33 -2.61
N ASP C 71 25.76 21.21 -2.33
CA ASP C 71 24.63 21.47 -3.22
C ASP C 71 24.49 22.97 -3.39
N HIS C 72 25.22 23.52 -4.37
CA HIS C 72 25.23 24.95 -4.60
C HIS C 72 23.83 25.54 -4.63
N GLN C 73 22.91 24.86 -5.31
CA GLN C 73 21.57 25.40 -5.45
C GLN C 73 20.85 25.44 -4.12
N SER C 74 21.15 24.48 -3.24
CA SER C 74 20.50 24.48 -1.94
C SER C 74 20.98 25.66 -1.10
N LEU C 75 22.22 26.07 -1.29
CA LEU C 75 22.69 27.28 -0.61
C LEU C 75 22.05 28.51 -1.22
N VAL C 76 21.99 28.57 -2.56
CA VAL C 76 21.35 29.70 -3.22
C VAL C 76 19.95 29.89 -2.68
N SER C 77 19.16 28.83 -2.68
CA SER C 77 17.79 28.95 -2.17
C SER C 77 17.79 29.39 -0.71
N ALA C 78 18.76 28.93 0.09
CA ALA C 78 18.77 29.26 1.51
C ALA C 78 19.02 30.74 1.73
N VAL C 79 20.08 31.29 1.13
CA VAL C 79 20.35 32.71 1.31
C VAL C 79 19.32 33.59 0.60
N LYS C 80 18.48 33.03 -0.27
CA LYS C 80 17.45 33.85 -0.91
C LYS C 80 16.33 34.21 0.05
N LEU C 81 16.21 33.52 1.17
CA LEU C 81 15.11 33.74 2.12
C LEU C 81 15.38 34.88 3.08
N VAL C 82 16.61 35.36 3.17
CA VAL C 82 17.00 36.20 4.29
C VAL C 82 17.63 37.47 3.76
N ASP C 83 17.76 38.45 4.65
CA ASP C 83 18.47 39.68 4.38
C ASP C 83 19.93 39.61 4.80
N VAL C 84 20.23 38.92 5.90
CA VAL C 84 21.58 38.88 6.45
C VAL C 84 21.98 37.43 6.65
N VAL C 85 23.18 37.09 6.22
CA VAL C 85 23.76 35.78 6.49
C VAL C 85 24.87 35.97 7.52
N VAL C 86 24.85 35.17 8.57
CA VAL C 86 25.94 35.14 9.54
C VAL C 86 26.55 33.75 9.50
N SER C 87 27.87 33.67 9.37
CA SER C 87 28.55 32.40 9.35
C SER C 87 29.39 32.24 10.60
N ALA C 88 29.24 31.11 11.26
CA ALA C 88 30.07 30.72 12.40
C ALA C 88 30.82 29.43 12.08
N MET C 89 31.26 29.30 10.83
CA MET C 89 32.03 28.14 10.39
C MET C 89 33.26 27.93 11.27
N SER C 90 33.61 26.67 11.48
CA SER C 90 34.64 26.31 12.45
C SER C 90 35.99 26.83 12.01
N GLY C 91 36.84 27.11 13.01
CA GLY C 91 38.13 27.72 12.75
C GLY C 91 39.11 27.68 13.91
N VAL C 92 39.24 26.52 14.54
CA VAL C 92 40.39 26.23 15.38
C VAL C 92 40.78 24.78 15.17
N HIS C 93 42.10 24.53 15.11
CA HIS C 93 42.65 23.29 14.56
C HIS C 93 42.37 22.08 15.45
N PHE C 94 42.20 22.27 16.76
CA PHE C 94 41.90 21.09 17.57
C PHE C 94 40.42 20.72 17.51
N ARG C 95 39.58 21.54 16.89
CA ARG C 95 38.20 21.19 16.62
C ARG C 95 38.06 20.88 15.14
N SER C 96 37.86 21.92 14.35
CA SER C 96 37.75 21.79 12.91
C SER C 96 38.07 23.14 12.30
N HIS C 97 38.73 23.14 11.13
CA HIS C 97 39.27 24.35 10.53
C HIS C 97 38.81 24.45 9.06
N ASN C 98 37.50 24.62 8.86
CA ASN C 98 36.88 24.63 7.54
C ASN C 98 36.47 26.03 7.10
N ILE C 99 37.29 27.01 7.44
CA ILE C 99 37.03 28.40 7.08
C ILE C 99 36.80 28.56 5.59
N LEU C 100 37.52 27.78 4.77
CA LEU C 100 37.48 27.98 3.34
C LEU C 100 36.23 27.44 2.67
N VAL C 101 35.54 26.48 3.32
CA VAL C 101 34.22 26.04 2.86
C VAL C 101 33.28 27.22 2.71
N GLN C 102 33.53 28.32 3.44
CA GLN C 102 32.65 29.48 3.28
C GLN C 102 32.74 30.09 1.89
N LEU C 103 33.79 29.78 1.12
CA LEU C 103 33.88 30.31 -0.24
C LEU C 103 32.70 29.88 -1.07
N LYS C 104 32.21 28.66 -0.84
CA LYS C 104 31.02 28.20 -1.53
C LYS C 104 29.79 29.01 -1.12
N LEU C 105 29.75 29.45 0.13
CA LEU C 105 28.63 30.27 0.58
C LEU C 105 28.74 31.67 0.00
N VAL C 106 29.94 32.22 -0.08
CA VAL C 106 30.12 33.49 -0.77
C VAL C 106 29.59 33.39 -2.19
N GLU C 107 29.94 32.32 -2.90
CA GLU C 107 29.49 32.15 -4.27
C GLU C 107 27.97 32.03 -4.35
N ALA C 108 27.36 31.33 -3.39
CA ALA C 108 25.91 31.25 -3.37
C ALA C 108 25.30 32.61 -3.13
N ILE C 109 25.89 33.40 -2.23
CA ILE C 109 25.38 34.74 -1.95
C ILE C 109 25.48 35.60 -3.20
N LYS C 110 26.60 35.49 -3.90
CA LYS C 110 26.80 36.27 -5.11
C LYS C 110 25.72 35.96 -6.14
N GLU C 111 25.43 34.68 -6.36
CA GLU C 111 24.43 34.35 -7.37
C GLU C 111 23.05 34.85 -6.95
N ALA C 112 22.71 34.72 -5.66
CA ALA C 112 21.34 34.99 -5.23
C ALA C 112 21.04 36.48 -5.26
N GLY C 113 21.99 37.31 -4.82
CA GLY C 113 21.92 38.73 -5.05
C GLY C 113 21.03 39.53 -4.12
N ASN C 114 20.26 38.89 -3.27
CA ASN C 114 19.33 39.61 -2.40
C ASN C 114 19.94 40.01 -1.06
N VAL C 115 21.14 39.54 -0.74
CA VAL C 115 21.65 39.63 0.62
C VAL C 115 22.15 41.05 0.87
N LYS C 116 21.66 41.65 1.94
CA LYS C 116 22.07 43.02 2.28
C LYS C 116 23.35 43.08 3.10
N ARG C 117 23.74 42.00 3.77
CA ARG C 117 24.99 42.03 4.52
C ARG C 117 25.37 40.61 4.89
N PHE C 118 26.66 40.34 4.87
CA PHE C 118 27.19 39.04 5.23
C PHE C 118 28.23 39.22 6.33
N LEU C 119 28.07 38.49 7.44
CA LEU C 119 29.09 38.43 8.47
C LEU C 119 29.82 37.10 8.37
N PRO C 120 31.03 37.07 7.85
CA PRO C 120 31.77 35.82 7.79
C PRO C 120 32.22 35.41 9.18
N SER C 121 32.76 34.20 9.25
CA SER C 121 33.17 33.61 10.52
C SER C 121 34.51 34.22 10.92
N GLU C 122 34.44 35.23 11.79
CA GLU C 122 35.62 35.94 12.23
C GLU C 122 35.79 35.75 13.73
N PHE C 123 35.30 36.66 14.55
CA PHE C 123 35.11 36.46 15.99
C PHE C 123 36.43 36.23 16.75
N GLY C 124 37.53 36.77 16.25
CA GLY C 124 38.82 36.52 16.87
C GLY C 124 39.84 37.60 16.51
N MET C 125 41.10 37.20 16.46
CA MET C 125 42.15 38.12 16.06
C MET C 125 41.84 38.69 14.67
N ASP C 126 42.23 39.94 14.46
CA ASP C 126 41.90 40.70 13.26
C ASP C 126 42.79 40.25 12.10
N PRO C 127 42.28 39.47 11.16
CA PRO C 127 43.14 38.77 10.18
C PRO C 127 44.12 39.72 9.49
N PRO C 128 43.65 40.81 8.86
CA PRO C 128 44.60 41.68 8.13
C PRO C 128 45.73 42.22 8.97
N ARG C 129 45.71 42.03 10.28
CA ARG C 129 46.79 42.52 11.12
C ARG C 129 47.78 41.43 11.48
N MET C 130 47.61 40.22 10.98
CA MET C 130 48.42 39.08 11.39
C MET C 130 49.31 38.58 10.26
N GLY C 131 49.59 39.41 9.26
CA GLY C 131 50.41 39.01 8.13
C GLY C 131 51.78 38.47 8.50
N HIS C 132 52.24 38.73 9.73
CA HIS C 132 53.54 38.28 10.20
C HIS C 132 53.47 36.95 10.95
N ALA C 133 52.26 36.50 11.30
CA ALA C 133 52.12 35.29 12.09
C ALA C 133 52.93 34.14 11.49
N LEU C 134 53.28 33.14 12.36
CA LEU C 134 54.05 31.90 12.16
C LEU C 134 53.11 30.74 11.82
N PRO C 135 53.41 29.93 10.79
CA PRO C 135 52.57 28.75 10.59
C PRO C 135 52.82 27.74 11.71
N PRO C 136 51.93 26.77 11.90
CA PRO C 136 50.68 26.57 11.15
C PRO C 136 49.53 27.42 11.69
N GLY C 137 49.76 28.13 12.80
CA GLY C 137 48.74 29.04 13.31
C GLY C 137 48.32 30.08 12.31
N ARG C 138 49.19 30.41 11.36
CA ARG C 138 48.92 31.42 10.34
C ARG C 138 47.70 31.07 9.50
N GLU C 139 47.39 29.78 9.35
CA GLU C 139 46.35 29.36 8.43
C GLU C 139 45.00 29.96 8.79
N THR C 140 44.70 30.05 10.09
CA THR C 140 43.44 30.65 10.49
C THR C 140 43.29 32.03 9.84
N PHE C 141 44.36 32.81 9.86
CA PHE C 141 44.30 34.17 9.35
C PHE C 141 44.37 34.21 7.83
N ASP C 142 45.24 33.39 7.24
CA ASP C 142 45.30 33.35 5.78
C ASP C 142 43.94 32.98 5.18
N GLN C 143 43.25 32.01 5.78
CA GLN C 143 41.99 31.57 5.18
C GLN C 143 40.89 32.60 5.41
N LYS C 144 40.82 33.20 6.61
CA LYS C 144 39.83 34.25 6.80
C LYS C 144 40.06 35.42 5.85
N MET C 145 41.32 35.74 5.52
CA MET C 145 41.59 36.79 4.53
C MET C 145 41.10 36.39 3.15
N GLU C 146 41.29 35.14 2.77
CA GLU C 146 40.84 34.72 1.46
C GLU C 146 39.33 34.86 1.33
N VAL C 147 38.60 34.52 2.40
CA VAL C 147 37.16 34.73 2.41
C VAL C 147 36.83 36.21 2.30
N ARG C 148 37.50 37.04 3.09
CA ARG C 148 37.33 38.49 2.97
C ARG C 148 37.54 38.95 1.53
N GLN C 149 38.61 38.47 0.89
CA GLN C 149 38.88 38.87 -0.49
C GLN C 149 37.80 38.39 -1.43
N ALA C 150 37.21 37.22 -1.19
CA ALA C 150 36.10 36.81 -2.04
C ALA C 150 34.88 37.67 -1.79
N ILE C 151 34.57 37.97 -0.53
CA ILE C 151 33.42 38.82 -0.24
C ILE C 151 33.53 40.11 -1.01
N GLU C 152 34.67 40.79 -0.88
CA GLU C 152 34.81 42.14 -1.41
C GLU C 152 34.88 42.11 -2.93
N ALA C 153 35.63 41.16 -3.49
CA ALA C 153 35.62 40.96 -4.94
C ALA C 153 34.21 40.81 -5.47
N ALA C 154 33.30 40.30 -4.64
CA ALA C 154 31.95 40.04 -5.11
C ALA C 154 31.01 41.21 -4.87
N GLY C 155 31.41 42.22 -4.11
CA GLY C 155 30.52 43.33 -3.83
C GLY C 155 29.49 43.06 -2.75
N ILE C 156 29.73 42.05 -1.92
CA ILE C 156 28.79 41.73 -0.84
C ILE C 156 29.07 42.69 0.31
N PRO C 157 28.08 43.45 0.77
CA PRO C 157 28.29 44.23 1.99
C PRO C 157 28.55 43.27 3.14
N TYR C 158 29.25 43.76 4.16
CA TYR C 158 29.82 42.87 5.14
C TYR C 158 29.94 43.59 6.47
N THR C 159 30.10 42.80 7.54
CA THR C 159 30.62 43.30 8.80
C THR C 159 31.54 42.24 9.38
N TYR C 160 32.73 42.65 9.74
CA TYR C 160 33.73 41.77 10.32
C TYR C 160 33.77 42.02 11.82
N VAL C 161 33.44 40.99 12.59
CA VAL C 161 33.36 41.09 14.05
C VAL C 161 34.62 40.47 14.62
N VAL C 162 35.41 41.24 15.36
CA VAL C 162 36.73 40.80 15.81
C VAL C 162 37.02 41.38 17.20
N GLY C 163 38.08 40.87 17.82
CA GLY C 163 38.84 41.63 18.79
C GLY C 163 38.97 41.03 20.17
N ALA C 164 38.31 39.93 20.49
CA ALA C 164 38.26 39.49 21.86
C ALA C 164 38.50 37.99 21.97
N CYS C 165 39.19 37.60 23.05
CA CYS C 165 39.29 36.21 23.46
C CYS C 165 37.95 35.73 24.00
N PHE C 166 37.51 34.56 23.56
CA PHE C 166 36.38 33.90 24.21
C PHE C 166 36.73 33.60 25.66
N ALA C 167 35.89 34.07 26.60
CA ALA C 167 36.23 33.92 28.01
C ALA C 167 36.45 32.47 28.41
N ALA C 168 35.69 31.55 27.83
CA ALA C 168 35.80 30.16 28.24
C ALA C 168 37.17 29.60 27.92
N TYR C 169 37.82 30.11 26.90
CA TYR C 169 39.07 29.53 26.44
C TYR C 169 40.28 30.24 27.00
N PHE C 170 40.08 31.44 27.55
CA PHE C 170 41.18 32.27 27.97
C PHE C 170 41.02 32.88 29.35
N ALA C 171 39.81 33.00 29.87
CA ALA C 171 39.61 33.59 31.18
C ALA C 171 39.32 32.55 32.25
N GLY C 172 38.42 31.60 31.97
CA GLY C 172 38.08 30.62 33.00
C GLY C 172 39.22 29.69 33.37
N ASN C 173 40.23 29.59 32.52
CA ASN C 173 41.39 28.75 32.79
C ASN C 173 42.61 29.57 33.16
N LEU C 174 42.44 30.84 33.50
CA LEU C 174 43.56 31.73 33.76
C LEU C 174 44.60 31.65 32.64
N SER C 175 44.13 31.37 31.42
CA SER C 175 44.94 31.29 30.22
C SER C 175 45.89 30.11 30.22
N GLN C 176 45.66 29.11 31.03
CA GLN C 176 46.49 27.91 30.98
C GLN C 176 46.01 27.00 29.86
N MET C 177 46.93 26.55 29.02
CA MET C 177 46.53 25.75 27.87
C MET C 177 46.12 24.32 28.29
N VAL C 178 45.29 23.69 27.45
CA VAL C 178 44.86 22.32 27.67
C VAL C 178 44.25 22.15 29.07
N THR C 179 43.62 23.21 29.57
CA THR C 179 42.59 23.04 30.57
C THR C 179 41.57 24.16 30.38
N LEU C 180 40.39 23.95 30.92
CA LEU C 180 39.35 24.96 30.92
C LEU C 180 38.93 25.38 32.33
N LEU C 181 39.51 24.82 33.36
CA LEU C 181 39.17 25.21 34.71
C LEU C 181 40.32 25.99 35.32
N PRO C 182 40.08 26.72 36.40
CA PRO C 182 41.18 27.41 37.05
C PRO C 182 42.13 26.43 37.68
N PRO C 183 43.42 26.71 37.65
CA PRO C 183 44.38 25.81 38.26
C PRO C 183 44.23 25.80 39.77
N LYS C 184 44.60 24.67 40.38
CA LYS C 184 44.45 24.54 41.82
C LYS C 184 45.51 25.32 42.58
N GLU C 185 46.78 25.28 42.14
CA GLU C 185 47.83 25.84 42.98
C GLU C 185 48.89 26.61 42.22
N LYS C 186 49.29 26.11 41.06
CA LYS C 186 50.36 26.72 40.30
C LYS C 186 49.78 27.32 39.02
N VAL C 187 50.32 28.46 38.62
CA VAL C 187 49.87 29.10 37.39
C VAL C 187 51.09 29.63 36.65
N ASN C 188 51.12 29.42 35.33
CA ASN C 188 52.16 29.99 34.48
C ASN C 188 51.75 31.37 34.01
N ILE C 189 52.66 32.34 34.13
CA ILE C 189 52.45 33.68 33.62
C ILE C 189 53.33 33.84 32.38
N TYR C 190 52.77 34.41 31.32
CA TYR C 190 53.48 34.57 30.06
C TYR C 190 54.26 35.88 30.07
N GLY C 191 55.59 35.78 30.00
CA GLY C 191 56.40 36.97 30.17
C GLY C 191 56.18 37.56 31.55
N ASP C 192 56.16 38.88 31.62
CA ASP C 192 55.88 39.48 32.91
C ASP C 192 54.41 39.46 33.26
N GLY C 193 53.55 39.06 32.33
CA GLY C 193 52.13 39.10 32.58
C GLY C 193 51.58 40.50 32.57
N ASN C 194 52.18 41.41 31.82
CA ASN C 194 51.74 42.80 31.77
C ASN C 194 51.30 43.24 30.40
N VAL C 195 51.07 42.32 29.48
CA VAL C 195 50.50 42.66 28.18
C VAL C 195 48.98 42.61 28.30
N LYS C 196 48.32 43.69 27.89
CA LYS C 196 46.87 43.77 27.94
C LYS C 196 46.24 42.81 26.95
N VAL C 197 45.19 42.11 27.40
CA VAL C 197 44.39 41.18 26.59
C VAL C 197 42.92 41.55 26.69
N VAL C 198 42.19 41.34 25.60
CA VAL C 198 40.75 41.60 25.58
C VAL C 198 40.02 40.29 25.85
N PHE C 199 39.17 40.30 26.89
CA PHE C 199 38.37 39.14 27.29
C PHE C 199 36.87 39.42 27.12
N ALA C 200 36.11 38.42 26.68
CA ALA C 200 34.69 38.67 26.51
C ALA C 200 33.88 37.39 26.68
N ASP C 201 32.80 37.48 27.44
CA ASP C 201 31.82 36.40 27.54
C ASP C 201 31.22 36.13 26.16
N GLU C 202 31.21 34.87 25.79
CA GLU C 202 30.73 34.53 24.46
C GLU C 202 29.27 34.91 24.27
N ASP C 203 28.49 34.94 25.34
CA ASP C 203 27.13 35.40 25.17
C ASP C 203 27.12 36.87 24.79
N ASP C 204 28.01 37.67 25.38
CA ASP C 204 28.12 39.07 24.99
C ASP C 204 28.57 39.20 23.55
N ILE C 205 29.51 38.35 23.11
CA ILE C 205 29.90 38.39 21.71
C ILE C 205 28.67 38.15 20.83
N ALA C 206 27.84 37.19 21.20
CA ALA C 206 26.65 36.89 20.40
C ALA C 206 25.67 38.05 20.44
N LYS C 207 25.45 38.64 21.61
CA LYS C 207 24.57 39.79 21.71
C LYS C 207 25.05 40.93 20.81
N TYR C 208 26.31 41.32 20.94
CA TYR C 208 26.82 42.36 20.06
C TYR C 208 26.65 41.99 18.59
N THR C 209 26.91 40.72 18.24
CA THR C 209 26.72 40.29 16.87
C THR C 209 25.29 40.54 16.41
N ALA C 210 24.31 40.14 17.23
CA ALA C 210 22.92 40.27 16.83
C ALA C 210 22.51 41.74 16.72
N LYS C 211 23.13 42.61 17.50
CA LYS C 211 22.75 44.03 17.45
C LYS C 211 23.39 44.76 16.28
N THR C 212 24.54 44.31 15.82
CA THR C 212 25.28 45.05 14.80
C THR C 212 24.87 44.67 13.38
N LEU C 213 24.28 43.48 13.19
CA LEU C 213 24.13 42.96 11.85
C LEU C 213 23.12 43.74 11.00
N ASN C 214 22.40 44.68 11.58
CA ASN C 214 21.62 45.60 10.77
C ASN C 214 21.77 47.01 11.33
N ASP C 215 22.95 47.32 11.85
CA ASP C 215 23.27 48.67 12.30
C ASP C 215 23.92 49.38 11.13
N PRO C 216 23.30 50.43 10.58
CA PRO C 216 23.92 51.12 9.44
C PRO C 216 25.30 51.63 9.76
N ARG C 217 25.57 51.90 11.04
CA ARG C 217 26.89 52.36 11.44
C ARG C 217 27.98 51.35 11.16
N THR C 218 27.64 50.07 10.97
CA THR C 218 28.67 49.04 10.83
C THR C 218 28.61 48.33 9.49
N LEU C 219 27.84 48.82 8.54
CA LEU C 219 27.87 48.26 7.20
C LEU C 219 29.23 48.53 6.58
N ASN C 220 29.85 47.48 6.04
CA ASN C 220 31.17 47.59 5.43
C ASN C 220 32.20 48.12 6.44
N LYS C 221 32.15 47.60 7.64
CA LYS C 221 33.06 48.02 8.69
C LYS C 221 33.58 46.80 9.42
N THR C 222 34.76 46.96 10.02
CA THR C 222 35.21 46.08 11.07
C THR C 222 34.64 46.58 12.39
N VAL C 223 34.06 45.69 13.19
CA VAL C 223 33.54 46.05 14.50
C VAL C 223 34.36 45.32 15.53
N ASN C 224 34.92 46.08 16.47
CA ASN C 224 35.82 45.54 17.49
C ASN C 224 35.04 45.32 18.78
N ILE C 225 35.25 44.16 19.38
CA ILE C 225 34.69 43.88 20.68
C ILE C 225 35.81 44.08 21.69
N ARG C 226 35.82 45.24 22.34
CA ARG C 226 36.89 45.63 23.26
C ARG C 226 36.27 46.35 24.45
N PRO C 227 35.57 45.62 25.31
CA PRO C 227 34.89 46.25 26.44
C PRO C 227 35.90 46.68 27.49
N PRO C 228 35.89 47.95 27.86
CA PRO C 228 37.06 48.52 28.57
C PRO C 228 37.39 47.82 29.87
N ASP C 229 36.40 47.43 30.67
CA ASP C 229 36.71 46.74 31.91
C ASP C 229 37.31 45.38 31.70
N ASN C 230 37.25 44.85 30.48
CA ASN C 230 37.69 43.50 30.21
C ASN C 230 39.00 43.50 29.44
N VAL C 231 39.65 44.66 29.37
CA VAL C 231 41.00 44.79 28.86
C VAL C 231 41.92 44.60 30.07
N LEU C 232 42.51 43.41 30.19
CA LEU C 232 43.25 43.02 31.37
C LEU C 232 44.52 42.31 30.98
N THR C 233 45.59 42.58 31.72
CA THR C 233 46.76 41.73 31.61
C THR C 233 46.45 40.37 32.22
N GLN C 234 47.31 39.40 31.97
CA GLN C 234 47.06 38.08 32.53
C GLN C 234 47.25 38.10 34.03
N LEU C 235 48.21 38.91 34.49
CA LEU C 235 48.40 39.02 35.94
C LEU C 235 47.17 39.63 36.60
N GLU C 236 46.60 40.67 35.99
CA GLU C 236 45.32 41.18 36.48
C GLU C 236 44.27 40.06 36.57
N LEU C 237 44.11 39.29 35.49
CA LEU C 237 43.15 38.18 35.50
C LEU C 237 43.45 37.22 36.63
N VAL C 238 44.69 36.77 36.72
CA VAL C 238 45.07 35.89 37.82
C VAL C 238 44.82 36.58 39.15
N GLN C 239 44.91 37.90 39.19
CA GLN C 239 44.70 38.56 40.46
C GLN C 239 43.24 38.61 40.86
N ILE C 240 42.35 38.68 39.88
CA ILE C 240 40.92 38.57 40.18
C ILE C 240 40.62 37.23 40.86
N TRP C 241 41.14 36.15 40.29
CA TRP C 241 40.89 34.82 40.86
C TRP C 241 41.44 34.72 42.28
N GLU C 242 42.67 35.19 42.50
CA GLU C 242 43.25 35.12 43.84
C GLU C 242 42.37 35.84 44.85
N LYS C 243 41.76 36.97 44.44
CA LYS C 243 40.84 37.68 45.29
C LYS C 243 39.55 36.89 45.52
N LEU C 244 39.06 36.23 44.49
CA LEU C 244 37.83 35.46 44.67
C LEU C 244 38.05 34.29 45.60
N THR C 245 39.21 33.64 45.50
CA THR C 245 39.49 32.47 46.31
C THR C 245 40.15 32.82 47.63
N GLY C 246 40.70 34.02 47.77
CA GLY C 246 41.45 34.37 48.95
C GLY C 246 42.74 33.60 49.11
N LYS C 247 43.20 33.00 48.03
CA LYS C 247 44.33 32.09 48.04
C LYS C 247 45.28 32.51 46.94
N GLU C 248 46.56 32.65 47.27
CA GLU C 248 47.53 33.10 46.29
C GLU C 248 48.07 31.89 45.53
N LEU C 249 48.29 32.07 44.24
CA LEU C 249 48.81 31.00 43.41
C LEU C 249 50.31 31.13 43.22
N GLU C 250 50.96 29.98 43.05
CA GLU C 250 52.38 29.96 42.78
C GLU C 250 52.61 30.27 41.31
N LYS C 251 53.12 31.46 41.04
CA LYS C 251 53.27 31.94 39.68
C LYS C 251 54.67 31.64 39.18
N THR C 252 54.77 31.07 37.99
CA THR C 252 56.03 30.84 37.31
C THR C 252 56.00 31.61 36.00
N ASN C 253 56.96 32.50 35.82
CA ASN C 253 57.00 33.31 34.61
C ASN C 253 57.67 32.55 33.47
N ILE C 254 57.09 32.65 32.28
CA ILE C 254 57.59 31.94 31.11
C ILE C 254 58.03 32.96 30.09
N ALA C 255 59.30 32.91 29.72
CA ALA C 255 59.83 33.80 28.70
C ALA C 255 59.45 33.27 27.32
N ALA C 256 59.29 34.20 26.38
CA ALA C 256 58.92 33.82 25.02
C ALA C 256 59.71 32.62 24.53
N GLN C 257 61.03 32.65 24.71
CA GLN C 257 61.87 31.57 24.18
C GLN C 257 61.53 30.24 24.82
N ASP C 258 61.07 30.25 26.08
CA ASP C 258 60.75 29.01 26.75
C ASP C 258 59.35 28.53 26.39
N PHE C 259 58.44 29.48 26.15
CA PHE C 259 57.11 29.13 25.71
C PHE C 259 57.16 28.42 24.37
N LEU C 260 58.02 28.89 23.46
CA LEU C 260 58.11 28.39 22.10
C LEU C 260 59.11 27.25 21.95
N ALA C 261 59.82 26.87 23.00
CA ALA C 261 60.87 25.86 22.89
C ALA C 261 60.33 24.55 22.34
N ASN C 262 60.99 24.05 21.29
CA ASN C 262 60.70 22.75 20.73
C ASN C 262 59.33 22.72 20.08
N ILE C 263 58.83 23.88 19.68
CA ILE C 263 57.47 23.92 19.13
C ILE C 263 57.39 23.02 17.90
N GLU C 264 58.42 23.04 17.07
CA GLU C 264 58.41 22.25 15.84
C GLU C 264 58.25 20.76 16.10
N GLN C 265 58.40 20.30 17.33
CA GLN C 265 58.23 18.87 17.60
C GLN C 265 56.84 18.52 18.06
N MET C 266 55.93 19.48 18.16
CA MET C 266 54.61 19.21 18.69
C MET C 266 53.61 18.93 17.58
N GLU C 267 52.41 18.51 17.99
CA GLU C 267 51.46 17.82 17.14
C GLU C 267 50.90 18.67 15.99
N ILE C 268 50.97 20.00 16.04
CA ILE C 268 50.51 20.87 14.94
C ILE C 268 49.22 21.60 15.28
N PRO C 269 48.15 20.91 15.66
CA PRO C 269 47.06 21.64 16.30
C PRO C 269 47.55 22.36 17.53
N HIS C 270 48.46 21.73 18.26
CA HIS C 270 49.03 22.40 19.41
C HIS C 270 50.06 23.47 19.00
N GLN C 271 50.75 23.28 17.87
CA GLN C 271 51.58 24.35 17.34
C GLN C 271 50.75 25.58 17.00
N ALA C 272 49.55 25.39 16.45
CA ALA C 272 48.72 26.52 16.07
C ALA C 272 48.19 27.25 17.30
N GLY C 273 47.87 26.51 18.35
CA GLY C 273 47.42 27.13 19.58
C GLY C 273 48.53 27.89 20.28
N ILE C 274 49.71 27.28 20.38
CA ILE C 274 50.85 28.00 20.92
C ILE C 274 51.10 29.28 20.13
N GLY C 275 51.02 29.21 18.80
CA GLY C 275 51.22 30.40 18.00
C GLY C 275 50.20 31.48 18.30
N HIS C 276 48.94 31.08 18.46
CA HIS C 276 47.89 32.03 18.75
C HIS C 276 48.10 32.69 20.10
N PHE C 277 48.39 31.90 21.13
CA PHE C 277 48.68 32.46 22.44
C PHE C 277 49.87 33.41 22.36
N TYR C 278 50.91 33.01 21.62
CA TYR C 278 52.06 33.89 21.43
C TYR C 278 51.63 35.27 20.96
N HIS C 279 50.77 35.32 19.95
CA HIS C 279 50.33 36.62 19.43
C HIS C 279 49.53 37.37 20.46
N ILE C 280 48.72 36.66 21.22
CA ILE C 280 47.84 37.32 22.17
C ILE C 280 48.65 37.83 23.36
N PHE C 281 49.42 36.94 23.99
CA PHE C 281 50.02 37.24 25.28
C PHE C 281 51.46 37.78 25.21
N TYR C 282 52.19 37.56 24.13
CA TYR C 282 53.52 38.17 24.05
C TYR C 282 53.57 39.37 23.13
N GLU C 283 52.88 39.34 22.00
CA GLU C 283 52.86 40.53 21.16
C GLU C 283 51.77 41.51 21.56
N GLY C 284 50.79 41.07 22.35
CA GLY C 284 49.62 41.87 22.63
C GLY C 284 48.87 42.32 21.40
N CYS C 285 48.55 41.38 20.50
CA CYS C 285 47.92 41.78 19.24
C CYS C 285 46.51 42.31 19.42
N LEU C 286 45.82 41.95 20.50
CA LEU C 286 44.46 42.46 20.66
C LEU C 286 44.41 43.90 21.19
N THR C 287 45.54 44.44 21.65
CA THR C 287 45.57 45.76 22.25
C THR C 287 46.71 46.64 21.73
N ASP C 288 47.50 46.19 20.77
CA ASP C 288 48.63 46.97 20.28
C ASP C 288 48.22 48.05 19.28
N HIS C 289 46.93 48.35 19.14
CA HIS C 289 46.47 49.39 18.25
C HIS C 289 45.18 49.97 18.82
N GLU C 290 44.90 51.22 18.48
CA GLU C 290 43.71 51.88 19.00
C GLU C 290 42.58 51.75 18.00
N VAL C 291 41.35 51.69 18.52
CA VAL C 291 40.16 51.75 17.70
C VAL C 291 39.24 52.80 18.29
N GLY C 292 38.60 53.58 17.43
CA GLY C 292 37.71 54.61 17.90
C GLY C 292 36.40 54.05 18.41
N GLU C 293 35.69 54.89 19.17
CA GLU C 293 34.42 54.47 19.73
C GLU C 293 33.39 54.16 18.64
N ASP C 294 33.53 54.77 17.46
CA ASP C 294 32.56 54.50 16.40
C ASP C 294 32.77 53.14 15.74
N GLU C 295 33.69 52.32 16.26
CA GLU C 295 33.97 51.02 15.68
C GLU C 295 34.23 50.02 16.78
N GLU C 296 33.72 50.28 17.97
CA GLU C 296 33.87 49.42 19.14
C GLU C 296 32.50 49.12 19.72
N ALA C 297 32.25 47.83 19.95
CA ALA C 297 30.90 47.36 20.22
C ALA C 297 30.34 47.93 21.52
N SER C 298 31.14 47.96 22.59
CA SER C 298 30.58 48.39 23.85
C SER C 298 30.17 49.85 23.82
N SER C 299 30.77 50.62 22.92
CA SER C 299 30.35 51.99 22.72
C SER C 299 29.25 52.11 21.68
N LEU C 300 29.26 51.26 20.66
CA LEU C 300 28.15 51.25 19.73
C LEU C 300 26.85 50.83 20.41
N TYR C 301 26.95 49.99 21.43
CA TYR C 301 25.81 49.31 22.03
C TYR C 301 25.93 49.41 23.54
N PRO C 302 25.77 50.62 24.08
CA PRO C 302 26.01 50.83 25.51
C PRO C 302 24.99 50.20 26.43
N ASP C 303 23.85 49.75 25.93
CA ASP C 303 22.91 49.11 26.84
C ASP C 303 23.30 47.67 27.12
N VAL C 304 24.22 47.11 26.36
CA VAL C 304 24.70 45.78 26.69
C VAL C 304 25.56 45.90 27.94
N LYS C 305 25.09 45.33 29.04
CA LYS C 305 25.85 45.35 30.29
C LYS C 305 26.76 44.13 30.27
N TYR C 306 27.87 44.26 29.56
CA TYR C 306 28.70 43.09 29.32
C TYR C 306 29.20 42.52 30.64
N LYS C 307 29.44 41.22 30.65
CA LYS C 307 29.89 40.57 31.88
C LYS C 307 31.38 40.81 32.11
N ARG C 308 31.71 41.30 33.31
CA ARG C 308 33.10 41.51 33.70
C ARG C 308 33.73 40.21 34.14
N MET C 309 35.05 40.18 34.17
CA MET C 309 35.69 38.91 34.38
C MET C 309 35.62 38.44 35.83
N ASP C 310 35.31 39.32 36.77
CA ASP C 310 35.13 38.79 38.12
C ASP C 310 33.82 38.05 38.21
N ASP C 311 32.76 38.57 37.60
CA ASP C 311 31.51 37.82 37.56
C ASP C 311 31.66 36.54 36.76
N TYR C 312 32.38 36.60 35.63
CA TYR C 312 32.57 35.38 34.84
C TYR C 312 33.31 34.33 35.64
N LEU C 313 34.40 34.70 36.29
CA LEU C 313 35.17 33.72 37.06
C LEU C 313 34.40 33.20 38.26
N ARG C 314 33.47 33.98 38.79
CA ARG C 314 32.78 33.55 40.01
C ARG C 314 32.09 32.21 39.82
N MET C 315 31.61 31.91 38.62
CA MET C 315 30.86 30.67 38.46
C MET C 315 31.75 29.43 38.58
N PHE C 316 33.06 29.60 38.67
CA PHE C 316 33.94 28.47 38.86
C PHE C 316 34.24 28.22 40.32
N LEU C 317 33.81 29.11 41.21
CA LEU C 317 34.08 28.99 42.64
C LEU C 317 33.50 27.72 43.21
N LYS D 9 16.55 15.30 50.45
CA LYS D 9 16.92 14.48 51.60
C LYS D 9 17.62 13.19 51.15
N THR D 10 17.20 12.57 50.04
CA THR D 10 18.01 11.50 49.47
C THR D 10 19.17 12.12 48.69
N ARG D 11 20.37 11.62 48.94
CA ARG D 11 21.59 12.13 48.32
C ARG D 11 22.01 11.20 47.20
N VAL D 12 22.09 11.72 45.99
CA VAL D 12 22.34 10.90 44.80
C VAL D 12 23.60 11.36 44.10
N LEU D 13 24.41 10.39 43.69
CA LEU D 13 25.60 10.62 42.89
C LEU D 13 25.38 10.08 41.48
N VAL D 14 25.45 10.97 40.49
CA VAL D 14 25.28 10.59 39.09
C VAL D 14 26.66 10.43 38.47
N VAL D 15 26.97 9.24 37.97
CA VAL D 15 28.24 8.95 37.32
C VAL D 15 27.97 8.81 35.84
N GLY D 16 28.65 9.63 35.04
CA GLY D 16 28.31 9.75 33.63
C GLY D 16 27.34 10.89 33.43
N ALA D 17 27.56 11.97 34.17
CA ALA D 17 26.59 13.04 34.29
C ALA D 17 26.44 13.89 33.03
N THR D 18 27.41 13.84 32.12
CA THR D 18 27.31 14.59 30.89
C THR D 18 26.90 13.72 29.72
N GLY D 19 26.52 12.48 29.97
CA GLY D 19 26.12 11.59 28.90
C GLY D 19 24.74 11.93 28.38
N TYR D 20 24.34 11.20 27.34
CA TYR D 20 23.05 11.46 26.73
C TYR D 20 21.91 11.27 27.73
N ILE D 21 21.77 10.06 28.26
CA ILE D 21 20.75 9.88 29.30
C ILE D 21 21.22 10.47 30.61
N GLY D 22 22.53 10.45 30.86
CA GLY D 22 23.05 10.93 32.14
C GLY D 22 22.64 12.35 32.45
N LYS D 23 22.75 13.25 31.48
CA LYS D 23 22.43 14.63 31.82
C LYS D 23 20.97 14.77 32.13
N ARG D 24 20.11 13.96 31.51
CA ARG D 24 18.70 14.04 31.81
C ARG D 24 18.41 13.47 33.18
N ILE D 25 19.17 12.46 33.58
CA ILE D 25 19.01 11.93 34.93
C ILE D 25 19.42 12.98 35.96
N VAL D 26 20.49 13.74 35.67
CA VAL D 26 20.90 14.80 36.58
C VAL D 26 19.75 15.78 36.79
N ARG D 27 19.20 16.31 35.70
CA ARG D 27 18.17 17.32 35.88
C ARG D 27 16.91 16.75 36.50
N ALA D 28 16.59 15.48 36.22
CA ALA D 28 15.42 14.86 36.82
C ALA D 28 15.60 14.70 38.32
N CYS D 29 16.81 14.31 38.75
CA CYS D 29 17.09 14.19 40.19
C CYS D 29 16.96 15.52 40.91
N LEU D 30 17.44 16.61 40.30
CA LEU D 30 17.26 17.92 40.89
C LEU D 30 15.79 18.30 40.94
N ALA D 31 15.07 18.08 39.85
CA ALA D 31 13.65 18.42 39.83
C ALA D 31 12.85 17.59 40.82
N GLU D 32 13.30 16.38 41.10
CA GLU D 32 12.64 15.52 42.05
C GLU D 32 12.90 15.94 43.50
N GLY D 33 13.81 16.89 43.74
CA GLY D 33 14.19 17.29 45.07
C GLY D 33 15.39 16.56 45.66
N HIS D 34 15.96 15.60 44.95
CA HIS D 34 17.12 14.91 45.50
C HIS D 34 18.27 15.89 45.65
N GLU D 35 19.10 15.64 46.66
CA GLU D 35 20.35 16.34 46.78
C GLU D 35 21.31 15.65 45.85
N THR D 36 21.66 16.31 44.76
CA THR D 36 22.25 15.66 43.60
C THR D 36 23.72 16.02 43.46
N TYR D 37 24.56 15.01 43.41
CA TYR D 37 26.00 15.12 43.24
C TYR D 37 26.36 14.55 41.87
N VAL D 38 27.33 15.18 41.21
CA VAL D 38 27.74 14.75 39.87
C VAL D 38 29.25 14.58 39.87
N LEU D 39 29.72 13.45 39.32
CA LEU D 39 31.14 13.15 39.31
C LEU D 39 31.81 13.86 38.15
N GLN D 40 32.73 14.75 38.45
CA GLN D 40 33.51 15.43 37.43
C GLN D 40 34.90 14.82 37.37
N ARG D 41 35.23 14.31 36.29
CA ARG D 41 36.48 13.60 36.07
C ARG D 41 37.55 14.55 35.53
N PRO D 42 38.79 14.46 35.98
CA PRO D 42 39.80 15.40 35.48
C PRO D 42 40.10 15.24 34.01
N GLU D 43 39.77 14.09 33.43
CA GLU D 43 40.16 13.83 32.04
C GLU D 43 39.33 14.64 31.05
N ILE D 44 38.20 15.18 31.47
CA ILE D 44 37.33 15.87 30.53
C ILE D 44 37.70 17.34 30.57
N GLY D 45 38.99 17.63 30.45
CA GLY D 45 39.54 18.93 30.76
C GLY D 45 39.41 19.98 29.68
N LEU D 46 39.64 19.62 28.42
CA LEU D 46 39.46 20.55 27.31
C LEU D 46 38.22 20.26 26.48
N GLU D 47 37.35 19.39 26.96
CA GLU D 47 36.06 19.19 26.30
C GLU D 47 35.09 20.24 26.81
N ILE D 48 34.90 21.28 26.01
CA ILE D 48 34.22 22.49 26.48
C ILE D 48 32.76 22.20 26.82
N GLU D 49 32.08 21.37 26.03
CA GLU D 49 30.67 21.11 26.28
C GLU D 49 30.46 20.41 27.62
N LYS D 50 31.38 19.50 27.99
CA LYS D 50 31.27 18.84 29.29
C LYS D 50 31.53 19.82 30.44
N VAL D 51 32.57 20.65 30.30
CA VAL D 51 32.84 21.67 31.31
C VAL D 51 31.63 22.55 31.53
N GLN D 52 31.05 23.09 30.45
CA GLN D 52 29.97 24.03 30.65
C GLN D 52 28.69 23.34 31.10
N LEU D 53 28.54 22.04 30.81
CA LEU D 53 27.45 21.29 31.42
C LEU D 53 27.59 21.30 32.93
N PHE D 54 28.79 20.96 33.42
CA PHE D 54 28.98 20.96 34.86
C PHE D 54 28.71 22.33 35.44
N LEU D 55 29.10 23.39 34.74
CA LEU D 55 28.77 24.72 35.21
C LEU D 55 27.27 24.90 35.32
N SER D 56 26.50 24.44 34.33
CA SER D 56 25.07 24.67 34.39
C SER D 56 24.40 23.77 35.42
N PHE D 57 24.94 22.57 35.66
CA PHE D 57 24.48 21.75 36.77
C PHE D 57 24.68 22.48 38.09
N LYS D 58 25.87 23.05 38.26
CA LYS D 58 26.17 23.77 39.50
C LYS D 58 25.16 24.86 39.72
N LYS D 59 24.84 25.61 38.66
CA LYS D 59 23.84 26.66 38.77
C LYS D 59 22.50 26.15 39.27
N LEU D 60 22.14 24.93 38.90
CA LEU D 60 20.84 24.37 39.29
C LEU D 60 20.83 23.75 40.69
N GLY D 61 21.97 23.71 41.36
CA GLY D 61 22.04 23.19 42.72
C GLY D 61 22.73 21.86 42.84
N ALA D 62 23.23 21.29 41.75
CA ALA D 62 24.03 20.08 41.85
C ALA D 62 25.37 20.39 42.49
N ARG D 63 25.91 19.40 43.18
CA ARG D 63 27.21 19.51 43.84
C ARG D 63 28.25 18.73 43.04
N ILE D 64 29.40 19.35 42.83
CA ILE D 64 30.48 18.77 42.04
C ILE D 64 31.33 17.90 42.94
N VAL D 65 31.63 16.70 42.48
CA VAL D 65 32.51 15.78 43.19
C VAL D 65 33.58 15.40 42.19
N GLU D 66 34.81 15.77 42.48
CA GLU D 66 35.92 15.43 41.61
C GLU D 66 36.36 14.00 41.87
N GLY D 67 36.57 13.26 40.80
CA GLY D 67 37.04 11.89 40.94
C GLY D 67 37.46 11.37 39.60
N SER D 68 38.16 10.24 39.63
CA SER D 68 38.63 9.61 38.41
C SER D 68 38.62 8.11 38.57
N PHE D 69 38.19 7.41 37.51
CA PHE D 69 38.16 5.96 37.53
C PHE D 69 39.55 5.35 37.62
N SER D 70 40.60 6.15 37.49
CA SER D 70 41.99 5.72 37.60
C SER D 70 42.53 5.89 39.01
N ASP D 71 41.67 6.10 39.99
CA ASP D 71 42.07 6.55 41.31
C ASP D 71 41.00 6.05 42.26
N HIS D 72 41.08 4.74 42.53
CA HIS D 72 40.14 4.03 43.37
C HIS D 72 39.72 4.82 44.59
N GLN D 73 40.67 5.50 45.23
CA GLN D 73 40.30 6.21 46.44
C GLN D 73 39.43 7.42 46.15
N SER D 74 39.62 8.09 45.01
CA SER D 74 38.68 9.15 44.64
C SER D 74 37.27 8.61 44.49
N LEU D 75 37.14 7.40 43.94
CA LEU D 75 35.80 6.83 43.78
C LEU D 75 35.17 6.51 45.13
N VAL D 76 35.94 5.92 46.04
CA VAL D 76 35.36 5.59 47.34
C VAL D 76 34.96 6.86 48.08
N SER D 77 35.80 7.90 48.03
CA SER D 77 35.40 9.18 48.60
C SER D 77 34.13 9.68 47.97
N ALA D 78 34.00 9.55 46.65
CA ALA D 78 32.80 10.04 45.98
C ALA D 78 31.55 9.32 46.51
N VAL D 79 31.54 7.99 46.46
CA VAL D 79 30.32 7.27 46.82
C VAL D 79 30.02 7.41 48.31
N LYS D 80 31.05 7.62 49.15
CA LYS D 80 30.74 7.77 50.55
C LYS D 80 29.96 9.03 50.85
N LEU D 81 29.84 9.96 49.90
CA LEU D 81 29.07 11.16 50.15
C LEU D 81 27.56 10.97 50.01
N VAL D 82 27.10 9.83 49.47
CA VAL D 82 25.72 9.73 49.01
C VAL D 82 25.09 8.45 49.54
N ASP D 83 23.78 8.36 49.35
CA ASP D 83 23.02 7.14 49.62
C ASP D 83 22.79 6.31 48.37
N VAL D 84 22.64 6.95 47.22
CA VAL D 84 22.28 6.28 45.98
C VAL D 84 23.26 6.71 44.90
N VAL D 85 23.79 5.74 44.19
CA VAL D 85 24.65 5.97 43.03
C VAL D 85 23.89 5.54 41.79
N VAL D 86 23.81 6.43 40.81
CA VAL D 86 23.27 6.11 39.49
C VAL D 86 24.40 6.23 38.47
N SER D 87 24.61 5.17 37.70
CA SER D 87 25.59 5.18 36.63
C SER D 87 24.91 5.21 35.27
N ALA D 88 25.28 6.21 34.45
CA ALA D 88 24.87 6.30 33.06
C ALA D 88 26.03 6.05 32.10
N MET D 89 26.95 5.17 32.49
CA MET D 89 28.12 4.88 31.68
C MET D 89 27.72 4.50 30.25
N SER D 90 28.58 4.85 29.30
CA SER D 90 28.27 4.70 27.89
C SER D 90 28.19 3.22 27.53
N GLY D 91 27.39 2.93 26.49
CA GLY D 91 27.14 1.57 26.07
C GLY D 91 26.51 1.50 24.69
N VAL D 92 27.10 2.23 23.74
CA VAL D 92 26.66 2.23 22.35
C VAL D 92 27.91 2.24 21.47
N HIS D 93 28.03 1.23 20.60
CA HIS D 93 29.29 1.02 19.88
C HIS D 93 29.68 2.23 19.03
N PHE D 94 28.72 2.88 18.37
CA PHE D 94 29.12 4.04 17.56
C PHE D 94 29.38 5.30 18.39
N ARG D 95 29.07 5.28 19.69
CA ARG D 95 29.54 6.34 20.59
C ARG D 95 30.78 5.86 21.32
N SER D 96 30.57 5.17 22.45
CA SER D 96 31.61 4.40 23.12
C SER D 96 30.91 3.37 23.99
N HIS D 97 31.64 2.34 24.39
CA HIS D 97 31.03 1.17 24.95
C HIS D 97 31.86 0.68 26.14
N ASN D 98 31.86 1.48 27.21
CA ASN D 98 32.73 1.27 28.35
C ASN D 98 31.95 0.78 29.57
N ILE D 99 30.97 -0.08 29.34
CA ILE D 99 30.17 -0.65 30.43
C ILE D 99 31.06 -1.25 31.51
N LEU D 100 32.08 -2.01 31.11
CA LEU D 100 32.89 -2.70 32.11
C LEU D 100 33.71 -1.75 32.97
N VAL D 101 33.86 -0.48 32.60
CA VAL D 101 34.54 0.44 33.49
C VAL D 101 33.79 0.58 34.80
N GLN D 102 32.53 0.12 34.86
CA GLN D 102 31.75 0.26 36.09
C GLN D 102 32.20 -0.72 37.17
N LEU D 103 32.86 -1.80 36.80
CA LEU D 103 33.33 -2.74 37.82
C LEU D 103 34.18 -2.02 38.84
N LYS D 104 34.97 -1.04 38.40
CA LYS D 104 35.75 -0.24 39.33
C LYS D 104 34.84 0.53 40.28
N LEU D 105 33.74 1.06 39.75
CA LEU D 105 32.79 1.76 40.60
C LEU D 105 32.14 0.79 41.58
N VAL D 106 31.83 -0.42 41.13
CA VAL D 106 31.29 -1.45 42.02
C VAL D 106 32.29 -1.76 43.14
N GLU D 107 33.58 -1.91 42.79
CA GLU D 107 34.57 -2.19 43.82
C GLU D 107 34.60 -1.05 44.84
N ALA D 108 34.50 0.18 44.36
CA ALA D 108 34.47 1.34 45.24
C ALA D 108 33.23 1.32 46.13
N ILE D 109 32.09 0.95 45.56
CA ILE D 109 30.88 0.95 46.37
C ILE D 109 30.98 -0.09 47.47
N LYS D 110 31.33 -1.33 47.09
CA LYS D 110 31.57 -2.40 48.05
C LYS D 110 32.48 -1.95 49.20
N GLU D 111 33.60 -1.32 48.88
CA GLU D 111 34.50 -0.88 49.94
C GLU D 111 33.81 0.13 50.85
N ALA D 112 33.15 1.13 50.27
CA ALA D 112 32.60 2.20 51.08
C ALA D 112 31.45 1.74 51.97
N GLY D 113 30.74 0.69 51.57
CA GLY D 113 29.75 0.06 52.42
C GLY D 113 28.52 0.87 52.78
N ASN D 114 28.46 2.16 52.43
CA ASN D 114 27.32 2.99 52.84
C ASN D 114 26.22 3.11 51.79
N VAL D 115 26.42 2.63 50.58
CA VAL D 115 25.47 2.95 49.52
C VAL D 115 24.22 2.12 49.71
N LYS D 116 23.06 2.79 49.79
CA LYS D 116 21.82 2.08 50.00
C LYS D 116 21.24 1.53 48.71
N ARG D 117 21.60 2.12 47.56
CA ARG D 117 21.14 1.57 46.29
C ARG D 117 22.06 2.01 45.16
N PHE D 118 22.25 1.11 44.21
CA PHE D 118 23.01 1.38 42.99
C PHE D 118 22.12 1.13 41.79
N LEU D 119 22.05 2.09 40.88
CA LEU D 119 21.37 1.90 39.60
C LEU D 119 22.43 1.83 38.51
N PRO D 120 22.78 0.65 38.05
CA PRO D 120 23.80 0.55 37.00
C PRO D 120 23.25 1.01 35.65
N SER D 121 24.16 1.06 34.68
CA SER D 121 23.86 1.61 33.37
C SER D 121 23.10 0.57 32.56
N GLU D 122 21.77 0.61 32.66
CA GLU D 122 20.91 -0.34 31.97
C GLU D 122 20.15 0.41 30.89
N PHE D 123 18.89 0.78 31.12
CA PHE D 123 18.19 1.75 30.26
C PHE D 123 17.93 1.22 28.86
N GLY D 124 17.85 -0.09 28.68
CA GLY D 124 17.55 -0.62 27.37
C GLY D 124 17.04 -2.03 27.40
N MET D 125 17.50 -2.87 26.48
CA MET D 125 17.06 -4.25 26.48
C MET D 125 17.50 -4.94 27.78
N ASP D 126 16.66 -5.86 28.23
CA ASP D 126 16.84 -6.60 29.47
C ASP D 126 17.96 -7.62 29.29
N PRO D 127 19.15 -7.39 29.85
CA PRO D 127 20.33 -8.17 29.43
C PRO D 127 20.12 -9.66 29.63
N PRO D 128 19.51 -10.10 30.73
CA PRO D 128 19.37 -11.55 30.96
C PRO D 128 18.42 -12.26 29.98
N ARG D 129 17.60 -11.54 29.24
CA ARG D 129 16.77 -12.19 28.24
C ARG D 129 17.46 -12.29 26.89
N MET D 130 18.67 -11.77 26.76
CA MET D 130 19.34 -11.67 25.47
C MET D 130 20.37 -12.77 25.25
N GLY D 131 20.26 -13.89 25.96
CA GLY D 131 21.25 -14.94 25.88
C GLY D 131 21.59 -15.38 24.47
N HIS D 132 20.70 -15.11 23.52
CA HIS D 132 20.89 -15.57 22.14
C HIS D 132 21.17 -14.43 21.18
N ALA D 133 21.63 -13.30 21.69
CA ALA D 133 21.85 -12.16 20.82
C ALA D 133 23.01 -12.40 19.87
N LEU D 134 23.02 -11.61 18.79
CA LEU D 134 24.00 -11.64 17.70
C LEU D 134 25.28 -10.91 18.09
N PRO D 135 26.41 -11.62 18.25
CA PRO D 135 27.65 -10.84 18.32
C PRO D 135 27.80 -10.02 17.05
N PRO D 136 28.38 -8.82 17.15
CA PRO D 136 28.94 -8.18 18.33
C PRO D 136 27.90 -7.48 19.20
N GLY D 137 26.68 -7.32 18.68
CA GLY D 137 25.66 -6.65 19.46
C GLY D 137 25.55 -7.21 20.86
N ARG D 138 25.69 -8.53 21.00
CA ARG D 138 25.51 -9.16 22.30
C ARG D 138 26.54 -8.70 23.32
N GLU D 139 27.56 -7.95 22.91
CA GLU D 139 28.55 -7.49 23.89
C GLU D 139 27.92 -6.54 24.90
N THR D 140 27.02 -5.67 24.45
CA THR D 140 26.32 -4.79 25.37
C THR D 140 25.72 -5.61 26.51
N PHE D 141 25.06 -6.73 26.19
CA PHE D 141 24.34 -7.49 27.20
C PHE D 141 25.26 -8.39 28.01
N ASP D 142 26.31 -8.92 27.39
CA ASP D 142 27.24 -9.73 28.16
C ASP D 142 27.93 -8.86 29.21
N GLN D 143 28.28 -7.63 28.84
CA GLN D 143 28.99 -6.77 29.77
C GLN D 143 28.08 -6.23 30.85
N LYS D 144 26.84 -5.88 30.51
CA LYS D 144 25.92 -5.46 31.56
C LYS D 144 25.63 -6.62 32.50
N MET D 145 25.56 -7.84 31.98
CA MET D 145 25.40 -8.99 32.87
C MET D 145 26.58 -9.10 33.82
N GLU D 146 27.80 -8.99 33.30
CA GLU D 146 28.96 -9.09 34.18
C GLU D 146 28.94 -8.02 35.26
N VAL D 147 28.36 -6.84 34.98
CA VAL D 147 28.27 -5.82 36.02
C VAL D 147 27.23 -6.22 37.05
N ARG D 148 26.10 -6.78 36.59
CA ARG D 148 25.08 -7.29 37.50
C ARG D 148 25.67 -8.31 38.46
N GLN D 149 26.43 -9.28 37.96
CA GLN D 149 26.90 -10.32 38.85
C GLN D 149 27.92 -9.79 39.84
N ALA D 150 28.66 -8.73 39.48
CA ALA D 150 29.54 -8.13 40.46
C ALA D 150 28.77 -7.34 41.51
N ILE D 151 27.64 -6.77 41.11
CA ILE D 151 26.80 -6.04 42.06
C ILE D 151 26.22 -7.00 43.09
N GLU D 152 25.67 -8.11 42.61
CA GLU D 152 25.01 -9.05 43.50
C GLU D 152 26.02 -9.86 44.30
N ALA D 153 27.17 -10.15 43.71
CA ALA D 153 28.25 -10.79 44.44
C ALA D 153 28.71 -9.96 45.63
N ALA D 154 28.70 -8.64 45.49
CA ALA D 154 29.12 -7.77 46.58
C ALA D 154 27.97 -7.42 47.51
N GLY D 155 26.79 -8.01 47.29
CA GLY D 155 25.66 -7.68 48.12
C GLY D 155 25.20 -6.24 48.05
N ILE D 156 25.52 -5.53 46.97
CA ILE D 156 25.07 -4.15 46.82
C ILE D 156 23.61 -4.14 46.39
N PRO D 157 22.73 -3.39 47.06
CA PRO D 157 21.32 -3.35 46.64
C PRO D 157 21.16 -2.54 45.37
N TYR D 158 20.19 -2.95 44.55
CA TYR D 158 20.14 -2.50 43.15
C TYR D 158 18.72 -2.24 42.67
N THR D 159 18.65 -1.50 41.56
CA THR D 159 17.46 -1.41 40.72
C THR D 159 17.93 -1.40 39.28
N TYR D 160 17.33 -2.23 38.46
CA TYR D 160 17.69 -2.31 37.05
C TYR D 160 16.55 -1.68 36.26
N VAL D 161 16.84 -0.59 35.57
CA VAL D 161 15.84 0.14 34.78
C VAL D 161 15.96 -0.27 33.33
N VAL D 162 14.92 -0.93 32.77
CA VAL D 162 14.99 -1.48 31.42
C VAL D 162 13.66 -1.33 30.68
N GLY D 163 13.73 -1.60 29.37
CA GLY D 163 12.61 -2.05 28.59
C GLY D 163 12.08 -1.13 27.51
N ALA D 164 12.66 0.06 27.28
CA ALA D 164 12.09 1.00 26.32
C ALA D 164 13.14 1.52 25.34
N CYS D 165 12.72 1.72 24.09
CA CYS D 165 13.55 2.40 23.12
C CYS D 165 13.58 3.88 23.40
N PHE D 166 14.78 4.48 23.42
CA PHE D 166 14.89 5.92 23.48
C PHE D 166 14.19 6.54 22.28
N ALA D 167 13.29 7.48 22.55
CA ALA D 167 12.46 8.02 21.47
C ALA D 167 13.32 8.64 20.39
N ALA D 168 14.42 9.29 20.77
CA ALA D 168 15.24 9.98 19.79
C ALA D 168 15.81 9.01 18.77
N TYR D 169 16.13 7.80 19.18
CA TYR D 169 16.82 6.87 18.29
C TYR D 169 15.89 5.96 17.53
N PHE D 170 14.63 5.84 17.95
CA PHE D 170 13.75 4.87 17.33
C PHE D 170 12.40 5.43 16.90
N ALA D 171 11.94 6.53 17.50
CA ALA D 171 10.65 7.11 17.16
C ALA D 171 10.77 8.33 16.26
N GLY D 172 11.59 9.31 16.64
CA GLY D 172 11.72 10.52 15.84
C GLY D 172 12.13 10.29 14.41
N ASN D 173 12.76 9.15 14.10
CA ASN D 173 13.18 8.85 12.74
C ASN D 173 12.33 7.76 12.08
N LEU D 174 11.17 7.40 12.67
CA LEU D 174 10.34 6.29 12.19
C LEU D 174 11.14 5.00 12.08
N SER D 175 12.09 4.83 12.99
CA SER D 175 12.93 3.64 13.09
C SER D 175 13.83 3.43 11.87
N GLN D 176 14.09 4.46 11.06
CA GLN D 176 15.08 4.33 10.00
C GLN D 176 16.48 4.51 10.57
N MET D 177 17.38 3.58 10.24
CA MET D 177 18.68 3.68 10.86
C MET D 177 19.49 4.82 10.23
N VAL D 178 20.55 5.19 10.92
CA VAL D 178 21.50 6.15 10.36
C VAL D 178 20.75 7.42 9.93
N THR D 179 19.69 7.75 10.66
CA THR D 179 19.16 9.10 10.64
C THR D 179 18.43 9.30 11.94
N LEU D 180 18.17 10.56 12.26
CA LEU D 180 17.47 10.91 13.48
C LEU D 180 16.25 11.76 13.20
N LEU D 181 15.93 11.98 11.94
CA LEU D 181 14.78 12.76 11.52
C LEU D 181 13.83 11.90 10.70
N PRO D 182 12.56 12.25 10.65
CA PRO D 182 11.59 11.47 9.86
C PRO D 182 11.88 11.60 8.37
N PRO D 183 11.71 10.52 7.61
CA PRO D 183 11.93 10.60 6.17
C PRO D 183 10.86 11.46 5.52
N LYS D 184 11.12 11.86 4.28
CA LYS D 184 10.23 12.80 3.63
C LYS D 184 9.25 12.15 2.66
N GLU D 185 9.65 11.08 1.98
CA GLU D 185 8.83 10.45 0.95
C GLU D 185 8.66 8.96 1.16
N LYS D 186 9.71 8.26 1.61
CA LYS D 186 9.84 6.82 1.57
C LYS D 186 10.25 6.35 2.94
N VAL D 187 9.77 5.19 3.34
CA VAL D 187 10.17 4.61 4.61
C VAL D 187 10.31 3.10 4.45
N ASN D 188 11.31 2.54 5.09
CA ASN D 188 11.44 1.11 5.18
C ASN D 188 10.63 0.59 6.35
N ILE D 189 9.93 -0.51 6.14
CA ILE D 189 9.17 -1.16 7.20
C ILE D 189 9.81 -2.51 7.44
N TYR D 190 10.14 -2.80 8.69
CA TYR D 190 10.87 -4.01 8.99
C TYR D 190 9.88 -5.15 9.09
N GLY D 191 10.07 -6.16 8.25
CA GLY D 191 9.11 -7.25 8.16
C GLY D 191 7.76 -6.70 7.76
N ASP D 192 6.71 -7.16 8.43
CA ASP D 192 5.39 -6.59 8.15
C ASP D 192 5.10 -5.33 8.92
N GLY D 193 5.96 -4.97 9.87
CA GLY D 193 5.72 -3.78 10.64
C GLY D 193 4.65 -3.95 11.69
N ASN D 194 4.40 -5.18 12.10
CA ASN D 194 3.35 -5.51 13.04
C ASN D 194 3.91 -6.03 14.36
N VAL D 195 5.18 -5.78 14.64
CA VAL D 195 5.78 -6.26 15.88
C VAL D 195 5.80 -5.10 16.88
N LYS D 196 5.25 -5.34 18.06
CA LYS D 196 5.09 -4.30 19.05
C LYS D 196 6.43 -3.91 19.65
N VAL D 197 6.64 -2.60 19.78
CA VAL D 197 7.87 -2.02 20.28
C VAL D 197 7.52 -1.01 21.37
N VAL D 198 8.37 -0.89 22.37
CA VAL D 198 8.17 0.04 23.47
C VAL D 198 8.99 1.29 23.20
N PHE D 199 8.33 2.43 23.17
CA PHE D 199 8.97 3.71 22.97
C PHE D 199 8.82 4.56 24.23
N ALA D 200 9.83 5.37 24.52
CA ALA D 200 9.71 6.27 25.65
C ALA D 200 10.57 7.49 25.44
N ASP D 201 10.00 8.66 25.74
CA ASP D 201 10.72 9.91 25.75
C ASP D 201 11.78 9.88 26.85
N GLU D 202 13.01 10.24 26.48
CA GLU D 202 14.13 10.08 27.40
C GLU D 202 13.97 10.93 28.65
N ASP D 203 13.28 12.07 28.55
CA ASP D 203 12.99 12.84 29.75
C ASP D 203 12.11 12.07 30.72
N ASP D 204 11.20 11.23 30.22
CA ASP D 204 10.37 10.43 31.11
C ASP D 204 11.18 9.28 31.70
N ILE D 205 11.96 8.60 30.86
CA ILE D 205 12.91 7.62 31.37
C ILE D 205 13.68 8.20 32.55
N ALA D 206 14.23 9.40 32.38
CA ALA D 206 14.97 10.03 33.46
C ALA D 206 14.07 10.30 34.66
N LYS D 207 12.84 10.71 34.42
CA LYS D 207 11.93 11.01 35.52
C LYS D 207 11.57 9.74 36.30
N TYR D 208 11.20 8.68 35.59
CA TYR D 208 10.98 7.41 36.27
C TYR D 208 12.19 7.00 37.08
N THR D 209 13.38 7.24 36.54
CA THR D 209 14.61 6.83 37.22
C THR D 209 14.82 7.64 38.50
N ALA D 210 14.60 8.95 38.44
CA ALA D 210 14.68 9.76 39.64
C ALA D 210 13.61 9.38 40.64
N LYS D 211 12.48 8.88 40.17
CA LYS D 211 11.38 8.59 41.08
C LYS D 211 11.55 7.24 41.75
N THR D 212 12.23 6.30 41.10
CA THR D 212 12.27 4.94 41.61
C THR D 212 13.42 4.68 42.57
N LEU D 213 14.48 5.50 42.53
CA LEU D 213 15.70 5.13 43.25
C LEU D 213 15.56 5.27 44.75
N ASN D 214 14.50 5.91 45.24
CA ASN D 214 14.15 5.94 46.66
C ASN D 214 12.89 5.12 46.96
N ASP D 215 12.37 4.39 45.99
CA ASP D 215 11.12 3.66 46.17
C ASP D 215 11.41 2.32 46.84
N PRO D 216 10.88 2.05 48.03
CA PRO D 216 11.02 0.71 48.59
C PRO D 216 10.50 -0.36 47.67
N ARG D 217 9.47 -0.04 46.89
CA ARG D 217 8.85 -1.06 46.07
C ARG D 217 9.77 -1.61 45.00
N THR D 218 10.81 -0.88 44.62
CA THR D 218 11.71 -1.33 43.56
C THR D 218 13.11 -1.68 44.06
N LEU D 219 13.31 -1.77 45.37
CA LEU D 219 14.60 -2.22 45.87
C LEU D 219 14.90 -3.64 45.42
N ASN D 220 16.09 -3.85 44.85
CA ASN D 220 16.51 -5.16 44.33
C ASN D 220 15.54 -5.73 43.29
N LYS D 221 14.89 -4.90 42.50
CA LYS D 221 13.99 -5.35 41.45
C LYS D 221 14.45 -4.81 40.09
N THR D 222 13.97 -5.44 39.02
CA THR D 222 14.01 -4.85 37.69
C THR D 222 12.75 -4.04 37.49
N VAL D 223 12.90 -2.76 37.13
CA VAL D 223 11.76 -1.90 36.81
C VAL D 223 11.68 -1.74 35.31
N ASN D 224 10.54 -2.14 34.74
CA ASN D 224 10.32 -1.98 33.31
C ASN D 224 9.69 -0.63 33.05
N ILE D 225 10.17 0.03 32.00
CA ILE D 225 9.53 1.23 31.47
C ILE D 225 8.75 0.78 30.25
N ARG D 226 7.46 0.47 30.43
CA ARG D 226 6.59 0.04 29.34
C ARG D 226 5.29 0.82 29.37
N PRO D 227 5.34 2.11 29.07
CA PRO D 227 4.14 2.92 29.14
C PRO D 227 3.13 2.44 28.11
N PRO D 228 1.91 2.09 28.56
CA PRO D 228 0.97 1.37 27.67
C PRO D 228 0.68 2.05 26.34
N ASP D 229 0.39 3.36 26.35
CA ASP D 229 0.03 4.00 25.10
C ASP D 229 1.22 4.12 24.14
N ASN D 230 2.43 3.81 24.57
CA ASN D 230 3.60 3.87 23.71
C ASN D 230 4.05 2.49 23.27
N VAL D 231 3.20 1.49 23.42
CA VAL D 231 3.51 0.14 22.93
C VAL D 231 2.91 0.07 21.54
N LEU D 232 3.77 0.11 20.53
CA LEU D 232 3.36 0.42 19.16
C LEU D 232 4.15 -0.46 18.20
N THR D 233 3.50 -0.92 17.14
CA THR D 233 4.23 -1.47 16.01
C THR D 233 4.90 -0.34 15.25
N GLN D 234 5.87 -0.69 14.39
CA GLN D 234 6.50 0.34 13.56
C GLN D 234 5.47 0.95 12.62
N LEU D 235 4.54 0.13 12.12
CA LEU D 235 3.54 0.63 11.19
C LEU D 235 2.60 1.59 11.90
N GLU D 236 2.25 1.29 13.14
CA GLU D 236 1.48 2.23 13.96
C GLU D 236 2.23 3.55 14.16
N LEU D 237 3.53 3.47 14.44
CA LEU D 237 4.32 4.69 14.59
C LEU D 237 4.30 5.50 13.32
N VAL D 238 4.53 4.85 12.18
CA VAL D 238 4.49 5.55 10.90
C VAL D 238 3.13 6.19 10.70
N GLN D 239 2.05 5.48 11.05
CA GLN D 239 0.72 6.02 10.79
C GLN D 239 0.43 7.22 11.67
N ILE D 240 1.03 7.29 12.85
CA ILE D 240 0.93 8.50 13.65
C ILE D 240 1.50 9.68 12.87
N TRP D 241 2.65 9.46 12.23
CA TRP D 241 3.31 10.55 11.55
C TRP D 241 2.56 10.97 10.30
N GLU D 242 2.00 10.00 9.58
CA GLU D 242 1.26 10.33 8.37
C GLU D 242 0.01 11.13 8.69
N LYS D 243 -0.59 10.87 9.84
CA LYS D 243 -1.73 11.67 10.26
C LYS D 243 -1.29 13.09 10.63
N LEU D 244 -0.17 13.23 11.33
CA LEU D 244 0.28 14.57 11.66
C LEU D 244 0.62 15.38 10.42
N THR D 245 1.33 14.77 9.47
CA THR D 245 1.71 15.51 8.27
C THR D 245 0.59 15.55 7.24
N GLY D 246 -0.39 14.66 7.34
CA GLY D 246 -1.36 14.49 6.28
C GLY D 246 -0.78 13.97 4.99
N LYS D 247 0.44 13.43 5.01
CA LYS D 247 1.06 12.88 3.81
C LYS D 247 1.31 11.39 3.98
N GLU D 248 0.96 10.61 2.95
CA GLU D 248 1.24 9.18 2.95
C GLU D 248 2.67 8.91 2.51
N LEU D 249 3.37 8.02 3.22
CA LEU D 249 4.72 7.65 2.78
C LEU D 249 4.68 6.42 1.88
N GLU D 250 5.68 6.31 1.00
CA GLU D 250 5.86 5.11 0.19
C GLU D 250 6.55 4.04 1.03
N LYS D 251 5.89 2.91 1.23
CA LYS D 251 6.40 1.91 2.16
C LYS D 251 7.03 0.75 1.40
N THR D 252 8.21 0.33 1.86
CA THR D 252 8.89 -0.86 1.37
C THR D 252 9.14 -1.78 2.55
N ASN D 253 8.65 -3.01 2.46
CA ASN D 253 8.90 -3.99 3.49
C ASN D 253 10.24 -4.65 3.26
N ILE D 254 11.02 -4.80 4.32
CA ILE D 254 12.32 -5.42 4.25
C ILE D 254 12.24 -6.75 4.99
N ALA D 255 12.40 -7.84 4.26
CA ALA D 255 12.40 -9.15 4.91
C ALA D 255 13.61 -9.29 5.80
N ALA D 256 13.47 -10.12 6.83
CA ALA D 256 14.57 -10.34 7.76
C ALA D 256 15.85 -10.73 7.03
N GLN D 257 15.73 -11.65 6.07
CA GLN D 257 16.91 -12.14 5.35
C GLN D 257 17.64 -10.98 4.69
N ASP D 258 16.90 -10.03 4.15
CA ASP D 258 17.52 -8.91 3.48
C ASP D 258 18.02 -7.87 4.46
N PHE D 259 17.40 -7.78 5.64
CA PHE D 259 17.87 -6.80 6.61
C PHE D 259 19.26 -7.17 7.10
N LEU D 260 19.52 -8.48 7.22
CA LEU D 260 20.78 -8.99 7.73
C LEU D 260 21.78 -9.32 6.64
N ALA D 261 21.46 -9.10 5.37
CA ALA D 261 22.35 -9.54 4.31
C ALA D 261 23.72 -8.89 4.46
N ASN D 262 24.77 -9.73 4.44
CA ASN D 262 26.14 -9.23 4.41
C ASN D 262 26.47 -8.43 5.67
N ILE D 263 25.82 -8.79 6.79
CA ILE D 263 26.11 -8.12 8.05
C ILE D 263 27.57 -8.31 8.43
N GLU D 264 28.13 -9.48 8.15
CA GLU D 264 29.51 -9.72 8.57
C GLU D 264 30.51 -8.83 7.85
N GLN D 265 30.10 -8.11 6.80
CA GLN D 265 31.00 -7.22 6.10
C GLN D 265 30.86 -5.75 6.49
N MET D 266 30.17 -5.45 7.59
CA MET D 266 29.97 -4.06 7.99
C MET D 266 30.90 -3.69 9.13
N GLU D 267 31.14 -2.38 9.26
CA GLU D 267 31.88 -1.88 10.41
C GLU D 267 31.21 -2.39 11.68
N ILE D 268 32.02 -2.68 12.70
CA ILE D 268 31.49 -3.35 13.89
C ILE D 268 30.39 -2.55 14.56
N PRO D 269 30.50 -1.24 14.74
CA PRO D 269 29.41 -0.49 15.35
C PRO D 269 28.09 -0.63 14.61
N HIS D 270 28.15 -0.75 13.29
CA HIS D 270 26.93 -0.91 12.54
C HIS D 270 26.40 -2.35 12.65
N GLN D 271 27.28 -3.35 12.71
CA GLN D 271 26.81 -4.71 12.98
C GLN D 271 26.01 -4.75 14.27
N ALA D 272 26.45 -4.00 15.28
CA ALA D 272 25.80 -4.07 16.58
C ALA D 272 24.41 -3.45 16.51
N GLY D 273 24.31 -2.28 15.89
CA GLY D 273 23.02 -1.65 15.73
C GLY D 273 22.05 -2.51 14.94
N ILE D 274 22.52 -3.11 13.85
CA ILE D 274 21.66 -4.00 13.08
C ILE D 274 21.18 -5.15 13.95
N GLY D 275 22.07 -5.73 14.74
CA GLY D 275 21.68 -6.83 15.60
C GLY D 275 20.67 -6.39 16.65
N HIS D 276 20.81 -5.18 17.15
CA HIS D 276 19.85 -4.68 18.12
C HIS D 276 18.51 -4.42 17.47
N PHE D 277 18.50 -3.70 16.33
CA PHE D 277 17.25 -3.49 15.59
C PHE D 277 16.57 -4.81 15.30
N TYR D 278 17.33 -5.80 14.86
CA TYR D 278 16.71 -7.08 14.56
C TYR D 278 15.95 -7.61 15.77
N HIS D 279 16.58 -7.60 16.94
CA HIS D 279 15.91 -8.14 18.14
C HIS D 279 14.66 -7.36 18.48
N ILE D 280 14.65 -6.06 18.22
CA ILE D 280 13.53 -5.23 18.64
C ILE D 280 12.38 -5.31 17.64
N PHE D 281 12.68 -5.14 16.36
CA PHE D 281 11.64 -5.00 15.34
C PHE D 281 11.29 -6.29 14.64
N TYR D 282 12.16 -7.30 14.66
CA TYR D 282 11.84 -8.57 14.05
C TYR D 282 11.48 -9.65 15.04
N GLU D 283 12.08 -9.66 16.22
CA GLU D 283 11.76 -10.67 17.22
C GLU D 283 10.87 -10.16 18.33
N GLY D 284 10.63 -8.85 18.39
CA GLY D 284 9.77 -8.29 19.40
C GLY D 284 10.27 -8.41 20.82
N CYS D 285 11.58 -8.35 21.02
CA CYS D 285 12.14 -8.68 22.33
C CYS D 285 11.71 -7.70 23.42
N LEU D 286 11.20 -6.52 23.06
CA LEU D 286 10.72 -5.61 24.08
C LEU D 286 9.30 -5.92 24.53
N THR D 287 8.56 -6.72 23.77
CA THR D 287 7.16 -6.99 24.10
C THR D 287 6.82 -8.48 24.08
N ASP D 288 7.81 -9.35 23.95
CA ASP D 288 7.53 -10.77 23.82
C ASP D 288 7.38 -11.47 25.18
N HIS D 289 7.07 -10.72 26.23
CA HIS D 289 6.89 -11.24 27.58
C HIS D 289 6.13 -10.18 28.35
N GLU D 290 5.42 -10.62 29.37
CA GLU D 290 4.60 -9.73 30.16
C GLU D 290 5.31 -9.33 31.43
N VAL D 291 4.98 -8.15 31.95
CA VAL D 291 5.48 -7.70 33.23
C VAL D 291 4.28 -7.21 34.04
N GLY D 292 4.35 -7.42 35.35
CA GLY D 292 3.28 -6.99 36.21
C GLY D 292 3.35 -5.52 36.56
N GLU D 293 2.21 -4.99 37.00
CA GLU D 293 2.15 -3.56 37.29
C GLU D 293 2.99 -3.18 38.50
N ASP D 294 3.46 -4.14 39.29
CA ASP D 294 4.36 -3.87 40.40
C ASP D 294 5.82 -3.78 39.96
N GLU D 295 6.11 -3.93 38.67
CA GLU D 295 7.47 -3.77 38.17
C GLU D 295 7.47 -3.00 36.87
N GLU D 296 6.43 -2.22 36.62
CA GLU D 296 6.30 -1.38 35.44
C GLU D 296 6.15 0.07 35.89
N ALA D 297 6.96 0.96 35.32
CA ALA D 297 7.13 2.30 35.92
C ALA D 297 5.88 3.16 35.80
N SER D 298 5.20 3.12 34.65
CA SER D 298 4.05 4.01 34.51
C SER D 298 2.93 3.65 35.48
N SER D 299 2.79 2.39 35.88
CA SER D 299 1.81 2.08 36.91
C SER D 299 2.39 2.20 38.32
N LEU D 300 3.70 2.13 38.49
CA LEU D 300 4.26 2.50 39.79
C LEU D 300 4.16 4.01 40.04
N TYR D 301 4.24 4.82 38.98
CA TYR D 301 4.33 6.27 39.09
C TYR D 301 3.30 6.89 38.19
N PRO D 302 2.01 6.68 38.49
CA PRO D 302 0.95 7.26 37.65
C PRO D 302 0.92 8.77 37.69
N ASP D 303 1.67 9.39 38.59
CA ASP D 303 1.78 10.83 38.62
C ASP D 303 2.61 11.39 37.48
N VAL D 304 3.34 10.53 36.76
CA VAL D 304 4.15 10.96 35.63
C VAL D 304 3.29 10.95 34.38
N LYS D 305 3.06 12.12 33.81
CA LYS D 305 2.24 12.22 32.60
C LYS D 305 3.17 11.97 31.42
N TYR D 306 3.36 10.71 31.05
CA TYR D 306 4.40 10.44 30.07
C TYR D 306 4.00 10.97 28.70
N LYS D 307 5.01 11.35 27.92
CA LYS D 307 4.78 11.90 26.59
C LYS D 307 4.46 10.77 25.63
N ARG D 308 3.34 10.88 24.94
CA ARG D 308 2.98 9.92 23.92
C ARG D 308 3.70 10.26 22.62
N MET D 309 3.71 9.30 21.71
CA MET D 309 4.56 9.45 20.54
C MET D 309 3.99 10.43 19.52
N ASP D 310 2.69 10.67 19.52
CA ASP D 310 2.19 11.77 18.69
C ASP D 310 2.70 13.11 19.22
N ASP D 311 2.55 13.36 20.51
CA ASP D 311 3.18 14.55 21.07
C ASP D 311 4.66 14.56 20.71
N TYR D 312 5.36 13.47 21.01
CA TYR D 312 6.79 13.44 20.74
C TYR D 312 7.07 13.83 19.30
N LEU D 313 6.40 13.19 18.35
CA LEU D 313 6.67 13.40 16.94
C LEU D 313 6.32 14.81 16.49
N ARG D 314 5.44 15.49 17.22
CA ARG D 314 5.01 16.82 16.84
C ARG D 314 6.15 17.83 16.81
N MET D 315 7.23 17.60 17.54
CA MET D 315 8.31 18.57 17.50
C MET D 315 9.11 18.51 16.20
N PHE D 316 8.85 17.54 15.33
CA PHE D 316 9.56 17.45 14.06
C PHE D 316 8.76 18.06 12.91
N LEU D 317 7.64 18.71 13.21
CA LEU D 317 6.71 19.13 12.16
C LEU D 317 7.13 20.41 11.44
N LYS E 9 3.87 -29.50 -13.12
CA LYS E 9 4.98 -30.44 -12.95
C LYS E 9 4.68 -31.53 -11.90
N THR E 10 4.12 -31.19 -10.74
CA THR E 10 3.64 -32.22 -9.82
C THR E 10 2.34 -32.84 -10.33
N ARG E 11 2.32 -34.16 -10.46
CA ARG E 11 1.14 -34.87 -10.93
C ARG E 11 0.35 -35.31 -9.71
N VAL E 12 -0.94 -34.95 -9.68
CA VAL E 12 -1.84 -35.23 -8.57
C VAL E 12 -3.04 -36.02 -9.08
N LEU E 13 -3.46 -37.00 -8.30
CA LEU E 13 -4.70 -37.73 -8.54
C LEU E 13 -5.68 -37.42 -7.41
N VAL E 14 -6.86 -36.91 -7.77
CA VAL E 14 -7.93 -36.64 -6.82
C VAL E 14 -8.92 -37.81 -6.87
N VAL E 15 -9.15 -38.43 -5.71
CA VAL E 15 -10.10 -39.53 -5.59
C VAL E 15 -11.25 -39.03 -4.73
N GLY E 16 -12.45 -39.02 -5.28
CA GLY E 16 -13.52 -38.22 -4.73
C GLY E 16 -13.68 -36.89 -5.43
N ALA E 17 -13.37 -36.82 -6.72
CA ALA E 17 -13.28 -35.56 -7.43
C ALA E 17 -14.61 -34.84 -7.61
N THR E 18 -15.76 -35.54 -7.53
CA THR E 18 -17.04 -34.86 -7.63
C THR E 18 -17.65 -34.58 -6.28
N GLY E 19 -16.91 -34.78 -5.20
CA GLY E 19 -17.42 -34.53 -3.88
C GLY E 19 -17.55 -33.05 -3.61
N TYR E 20 -18.03 -32.73 -2.41
CA TYR E 20 -18.20 -31.34 -2.03
C TYR E 20 -16.86 -30.64 -1.91
N ILE E 21 -15.97 -31.16 -1.09
CA ILE E 21 -14.65 -30.55 -1.01
C ILE E 21 -13.76 -31.06 -2.15
N GLY E 22 -13.96 -32.31 -2.59
CA GLY E 22 -13.14 -32.85 -3.66
C GLY E 22 -13.15 -32.01 -4.93
N LYS E 23 -14.31 -31.48 -5.31
CA LYS E 23 -14.35 -30.76 -6.56
C LYS E 23 -13.68 -29.40 -6.43
N ARG E 24 -13.74 -28.80 -5.25
CA ARG E 24 -12.95 -27.60 -5.03
C ARG E 24 -11.47 -27.92 -5.00
N ILE E 25 -11.10 -29.05 -4.41
CA ILE E 25 -9.72 -29.50 -4.45
C ILE E 25 -9.25 -29.65 -5.89
N VAL E 26 -10.09 -30.23 -6.75
CA VAL E 26 -9.69 -30.40 -8.16
C VAL E 26 -9.36 -29.06 -8.79
N ARG E 27 -10.26 -28.10 -8.67
CA ARG E 27 -10.05 -26.80 -9.28
C ARG E 27 -8.85 -26.08 -8.67
N ALA E 28 -8.68 -26.23 -7.36
CA ALA E 28 -7.55 -25.58 -6.72
C ALA E 28 -6.23 -26.13 -7.24
N CYS E 29 -6.17 -27.44 -7.50
CA CYS E 29 -4.96 -28.05 -8.02
C CYS E 29 -4.62 -27.53 -9.41
N LEU E 30 -5.64 -27.35 -10.23
CA LEU E 30 -5.42 -26.80 -11.55
C LEU E 30 -4.91 -25.38 -11.47
N ALA E 31 -5.57 -24.57 -10.64
CA ALA E 31 -5.15 -23.19 -10.49
C ALA E 31 -3.74 -23.11 -9.91
N GLU E 32 -3.39 -24.01 -9.00
CA GLU E 32 -2.05 -23.97 -8.39
C GLU E 32 -0.98 -24.37 -9.38
N GLY E 33 -1.33 -25.07 -10.46
CA GLY E 33 -0.42 -25.46 -11.49
C GLY E 33 -0.07 -26.93 -11.52
N HIS E 34 -0.65 -27.76 -10.66
CA HIS E 34 -0.33 -29.18 -10.70
C HIS E 34 -0.90 -29.80 -11.98
N GLU E 35 -0.25 -30.86 -12.45
CA GLU E 35 -0.82 -31.70 -13.48
C GLU E 35 -1.85 -32.61 -12.80
N THR E 36 -3.13 -32.41 -13.11
CA THR E 36 -4.21 -32.84 -12.24
C THR E 36 -5.01 -33.98 -12.86
N TYR E 37 -5.04 -35.11 -12.17
CA TYR E 37 -5.81 -36.27 -12.58
C TYR E 37 -6.99 -36.46 -11.65
N VAL E 38 -8.14 -36.88 -12.21
CA VAL E 38 -9.33 -37.18 -11.42
C VAL E 38 -9.80 -38.60 -11.74
N LEU E 39 -10.19 -39.34 -10.71
CA LEU E 39 -10.62 -40.73 -10.85
C LEU E 39 -12.09 -40.76 -11.20
N GLN E 40 -12.41 -41.24 -12.40
CA GLN E 40 -13.79 -41.37 -12.87
C GLN E 40 -14.20 -42.84 -12.77
N ARG E 41 -15.09 -43.14 -11.86
CA ARG E 41 -15.50 -44.50 -11.60
C ARG E 41 -16.60 -44.92 -12.58
N PRO E 42 -16.53 -46.13 -13.14
CA PRO E 42 -17.57 -46.56 -14.09
C PRO E 42 -18.95 -46.65 -13.47
N GLU E 43 -19.04 -46.74 -12.14
CA GLU E 43 -20.35 -46.89 -11.49
C GLU E 43 -21.21 -45.64 -11.55
N ILE E 44 -20.71 -44.47 -12.00
CA ILE E 44 -21.55 -43.29 -11.85
C ILE E 44 -22.67 -43.24 -12.86
N GLY E 45 -22.67 -44.15 -13.84
CA GLY E 45 -23.83 -44.41 -14.66
C GLY E 45 -24.61 -43.17 -15.03
N LEU E 46 -25.82 -43.04 -14.49
CA LEU E 46 -26.75 -41.99 -14.84
C LEU E 46 -26.66 -40.77 -13.94
N GLU E 47 -25.61 -40.66 -13.13
CA GLU E 47 -25.48 -39.50 -12.25
C GLU E 47 -25.01 -38.33 -13.10
N ILE E 48 -25.96 -37.52 -13.58
CA ILE E 48 -25.62 -36.55 -14.61
C ILE E 48 -24.80 -35.40 -14.04
N GLU E 49 -24.99 -35.04 -12.78
CA GLU E 49 -24.20 -33.94 -12.25
C GLU E 49 -22.75 -34.37 -12.06
N LYS E 50 -22.51 -35.63 -11.71
CA LYS E 50 -21.14 -36.11 -11.64
C LYS E 50 -20.52 -36.14 -13.03
N VAL E 51 -21.23 -36.70 -14.00
CA VAL E 51 -20.65 -36.78 -15.33
C VAL E 51 -20.27 -35.40 -15.83
N GLN E 52 -21.19 -34.45 -15.69
CA GLN E 52 -20.92 -33.14 -16.26
C GLN E 52 -19.86 -32.39 -15.47
N LEU E 53 -19.73 -32.66 -14.17
CA LEU E 53 -18.56 -32.16 -13.46
C LEU E 53 -17.28 -32.71 -14.07
N PHE E 54 -17.23 -34.01 -14.37
CA PHE E 54 -16.03 -34.55 -15.02
C PHE E 54 -15.79 -33.88 -16.36
N LEU E 55 -16.84 -33.63 -17.14
CA LEU E 55 -16.59 -32.96 -18.41
C LEU E 55 -16.01 -31.58 -18.19
N SER E 56 -16.49 -30.86 -17.17
CA SER E 56 -15.99 -29.51 -16.97
C SER E 56 -14.56 -29.51 -16.47
N PHE E 57 -14.18 -30.51 -15.63
CA PHE E 57 -12.78 -30.65 -15.25
C PHE E 57 -11.91 -30.87 -16.48
N LYS E 58 -12.37 -31.70 -17.40
CA LYS E 58 -11.60 -31.95 -18.60
C LYS E 58 -11.43 -30.69 -19.42
N LYS E 59 -12.48 -29.87 -19.52
CA LYS E 59 -12.35 -28.62 -20.23
C LYS E 59 -11.22 -27.76 -19.66
N LEU E 60 -10.98 -27.84 -18.36
CA LEU E 60 -9.96 -27.02 -17.75
C LEU E 60 -8.59 -27.66 -17.76
N GLY E 61 -8.47 -28.92 -18.18
CA GLY E 61 -7.18 -29.55 -18.30
C GLY E 61 -6.93 -30.69 -17.33
N ALA E 62 -7.88 -31.01 -16.46
CA ALA E 62 -7.76 -32.22 -15.67
C ALA E 62 -7.71 -33.43 -16.60
N ARG E 63 -7.04 -34.49 -16.12
CA ARG E 63 -6.93 -35.75 -16.86
C ARG E 63 -7.89 -36.79 -16.28
N ILE E 64 -8.73 -37.37 -17.14
CA ILE E 64 -9.70 -38.36 -16.72
C ILE E 64 -9.03 -39.72 -16.63
N VAL E 65 -8.96 -40.28 -15.43
CA VAL E 65 -8.43 -41.62 -15.20
C VAL E 65 -9.59 -42.54 -14.81
N GLU E 66 -9.83 -43.57 -15.62
CA GLU E 66 -10.91 -44.50 -15.35
C GLU E 66 -10.45 -45.57 -14.38
N GLY E 67 -11.22 -45.78 -13.33
CA GLY E 67 -10.90 -46.82 -12.38
C GLY E 67 -12.06 -47.04 -11.44
N SER E 68 -12.06 -48.22 -10.83
CA SER E 68 -13.06 -48.62 -9.85
C SER E 68 -12.38 -49.22 -8.64
N PHE E 69 -12.94 -48.93 -7.47
CA PHE E 69 -12.43 -49.54 -6.25
C PHE E 69 -12.68 -51.05 -6.22
N SER E 70 -13.61 -51.55 -7.02
CA SER E 70 -13.81 -53.00 -7.13
C SER E 70 -12.87 -53.60 -8.16
N ASP E 71 -11.74 -52.97 -8.42
CA ASP E 71 -10.82 -53.36 -9.48
C ASP E 71 -9.43 -52.87 -9.07
N HIS E 72 -8.83 -53.64 -8.17
CA HIS E 72 -7.51 -53.30 -7.63
C HIS E 72 -6.53 -52.89 -8.72
N GLN E 73 -6.46 -53.67 -9.79
CA GLN E 73 -5.52 -53.34 -10.85
C GLN E 73 -5.79 -51.96 -11.42
N SER E 74 -7.08 -51.61 -11.58
CA SER E 74 -7.40 -50.30 -12.10
C SER E 74 -6.92 -49.20 -11.16
N LEU E 75 -6.93 -49.45 -9.85
CA LEU E 75 -6.38 -48.49 -8.90
C LEU E 75 -4.86 -48.39 -9.04
N VAL E 76 -4.17 -49.53 -9.12
CA VAL E 76 -2.72 -49.49 -9.27
C VAL E 76 -2.34 -48.73 -10.53
N SER E 77 -2.99 -49.06 -11.65
CA SER E 77 -2.74 -48.31 -12.87
C SER E 77 -3.00 -46.82 -12.66
N ALA E 78 -3.99 -46.48 -11.82
CA ALA E 78 -4.34 -45.07 -11.63
C ALA E 78 -3.25 -44.33 -10.86
N VAL E 79 -2.81 -44.88 -9.72
CA VAL E 79 -1.83 -44.16 -8.90
C VAL E 79 -0.44 -44.21 -9.50
N LYS E 80 -0.14 -45.18 -10.35
CA LYS E 80 1.15 -45.20 -11.02
C LYS E 80 1.35 -43.99 -11.92
N LEU E 81 0.30 -43.24 -12.20
CA LEU E 81 0.41 -42.13 -13.13
C LEU E 81 0.87 -40.85 -12.47
N VAL E 82 0.86 -40.76 -11.14
CA VAL E 82 1.06 -39.48 -10.47
C VAL E 82 2.11 -39.59 -9.37
N ASP E 83 2.42 -38.42 -8.80
CA ASP E 83 3.29 -38.30 -7.65
C ASP E 83 2.52 -38.19 -6.35
N VAL E 84 1.35 -37.57 -6.38
CA VAL E 84 0.59 -37.32 -5.18
C VAL E 84 -0.85 -37.77 -5.40
N VAL E 85 -1.40 -38.43 -4.39
CA VAL E 85 -2.80 -38.86 -4.39
C VAL E 85 -3.51 -38.09 -3.29
N VAL E 86 -4.61 -37.43 -3.66
CA VAL E 86 -5.47 -36.75 -2.70
C VAL E 86 -6.83 -37.41 -2.73
N SER E 87 -7.32 -37.79 -1.56
CA SER E 87 -8.60 -38.45 -1.43
C SER E 87 -9.56 -37.56 -0.67
N ALA E 88 -10.71 -37.32 -1.27
CA ALA E 88 -11.80 -36.58 -0.64
C ALA E 88 -13.02 -37.47 -0.41
N MET E 89 -12.77 -38.77 -0.24
CA MET E 89 -13.82 -39.75 0.05
C MET E 89 -14.75 -39.26 1.15
N SER E 90 -16.03 -39.64 1.04
CA SER E 90 -17.06 -39.10 1.91
C SER E 90 -16.87 -39.54 3.35
N GLY E 91 -17.42 -38.75 4.27
CA GLY E 91 -17.28 -39.00 5.70
C GLY E 91 -18.28 -38.25 6.56
N VAL E 92 -19.51 -38.15 6.09
CA VAL E 92 -20.61 -37.54 6.82
C VAL E 92 -21.81 -38.47 6.70
N HIS E 93 -22.43 -38.79 7.85
CA HIS E 93 -23.43 -39.85 7.90
C HIS E 93 -24.69 -39.53 7.09
N PHE E 94 -25.12 -38.27 7.06
CA PHE E 94 -26.30 -37.97 6.24
C PHE E 94 -25.98 -37.78 4.77
N ARG E 95 -24.72 -37.96 4.36
CA ARG E 95 -24.37 -38.06 2.95
C ARG E 95 -24.03 -39.51 2.63
N SER E 96 -22.82 -39.94 2.96
CA SER E 96 -22.42 -41.33 2.99
C SER E 96 -21.11 -41.33 3.76
N HIS E 97 -20.77 -42.49 4.31
CA HIS E 97 -19.68 -42.59 5.28
C HIS E 97 -18.78 -43.76 4.89
N ASN E 98 -18.01 -43.57 3.81
CA ASN E 98 -17.24 -44.66 3.20
C ASN E 98 -15.74 -44.47 3.35
N ILE E 99 -15.32 -43.91 4.47
CA ILE E 99 -13.90 -43.71 4.73
C ILE E 99 -13.11 -44.97 4.46
N LEU E 100 -13.53 -46.07 5.06
CA LEU E 100 -12.73 -47.29 5.00
C LEU E 100 -12.53 -47.81 3.59
N VAL E 101 -13.30 -47.34 2.61
CA VAL E 101 -13.02 -47.73 1.24
C VAL E 101 -11.64 -47.25 0.78
N GLN E 102 -11.08 -46.25 1.46
CA GLN E 102 -9.73 -45.81 1.14
C GLN E 102 -8.71 -46.91 1.38
N LEU E 103 -8.95 -47.79 2.37
CA LEU E 103 -8.05 -48.91 2.58
C LEU E 103 -7.72 -49.63 1.26
N LYS E 104 -8.72 -49.78 0.39
CA LYS E 104 -8.46 -50.33 -0.92
C LYS E 104 -7.47 -49.47 -1.70
N LEU E 105 -7.50 -48.15 -1.46
CA LEU E 105 -6.60 -47.25 -2.16
C LEU E 105 -5.20 -47.29 -1.56
N VAL E 106 -5.12 -47.37 -0.24
CA VAL E 106 -3.83 -47.52 0.40
C VAL E 106 -3.10 -48.75 -0.15
N GLU E 107 -3.84 -49.85 -0.31
CA GLU E 107 -3.22 -51.07 -0.83
C GLU E 107 -2.66 -50.86 -2.23
N ALA E 108 -3.46 -50.27 -3.13
CA ALA E 108 -2.97 -50.05 -4.49
C ALA E 108 -1.76 -49.13 -4.49
N ILE E 109 -1.74 -48.14 -3.60
CA ILE E 109 -0.60 -47.23 -3.52
C ILE E 109 0.65 -47.98 -3.10
N LYS E 110 0.50 -48.86 -2.12
CA LYS E 110 1.61 -49.69 -1.69
C LYS E 110 2.15 -50.55 -2.84
N GLU E 111 1.26 -51.21 -3.58
CA GLU E 111 1.76 -52.07 -4.65
C GLU E 111 2.43 -51.29 -5.76
N ALA E 112 2.04 -50.03 -5.96
CA ALA E 112 2.57 -49.26 -7.09
C ALA E 112 3.96 -48.74 -6.80
N GLY E 113 4.22 -48.33 -5.56
CA GLY E 113 5.55 -47.92 -5.13
C GLY E 113 5.96 -46.50 -5.48
N ASN E 114 5.32 -45.85 -6.46
CA ASN E 114 5.77 -44.57 -6.99
C ASN E 114 5.19 -43.36 -6.28
N VAL E 115 4.29 -43.51 -5.33
CA VAL E 115 3.63 -42.34 -4.75
C VAL E 115 4.55 -41.71 -3.73
N LYS E 116 4.80 -40.41 -3.91
CA LYS E 116 5.62 -39.66 -2.97
C LYS E 116 4.83 -39.10 -1.79
N ARG E 117 3.52 -38.93 -1.94
CA ARG E 117 2.73 -38.45 -0.81
C ARG E 117 1.27 -38.77 -1.04
N PHE E 118 0.57 -39.04 0.05
CA PHE E 118 -0.86 -39.32 0.04
C PHE E 118 -1.57 -38.43 1.06
N LEU E 119 -2.59 -37.72 0.61
CA LEU E 119 -3.45 -36.94 1.50
C LEU E 119 -4.76 -37.69 1.63
N PRO E 120 -4.99 -38.37 2.74
CA PRO E 120 -6.26 -39.07 2.94
C PRO E 120 -7.37 -38.08 3.26
N SER E 121 -8.58 -38.60 3.25
CA SER E 121 -9.77 -37.78 3.41
C SER E 121 -9.89 -37.42 4.87
N GLU E 122 -9.40 -36.23 5.23
CA GLU E 122 -9.47 -35.79 6.62
C GLU E 122 -10.34 -34.55 6.71
N PHE E 123 -9.72 -33.39 6.70
CA PHE E 123 -10.38 -32.11 6.43
C PHE E 123 -11.34 -31.69 7.51
N GLY E 124 -11.18 -32.19 8.72
CA GLY E 124 -12.05 -31.82 9.82
C GLY E 124 -11.38 -31.99 11.15
N MET E 125 -12.14 -32.42 12.15
CA MET E 125 -11.59 -32.66 13.47
C MET E 125 -10.43 -33.63 13.38
N ASP E 126 -9.43 -33.43 14.27
CA ASP E 126 -8.18 -34.17 14.24
C ASP E 126 -8.44 -35.54 14.86
N PRO E 127 -8.44 -36.59 14.06
CA PRO E 127 -8.86 -37.90 14.53
C PRO E 127 -8.19 -38.29 15.83
N PRO E 128 -6.84 -38.30 15.90
CA PRO E 128 -6.19 -38.87 17.08
C PRO E 128 -6.53 -38.16 18.37
N ARG E 129 -7.04 -36.95 18.32
CA ARG E 129 -7.43 -36.23 19.52
C ARG E 129 -8.89 -36.46 19.88
N MET E 130 -9.55 -37.41 19.23
CA MET E 130 -10.99 -37.61 19.36
C MET E 130 -11.33 -38.94 20.03
N GLY E 131 -10.46 -39.41 20.92
CA GLY E 131 -10.68 -40.68 21.59
C GLY E 131 -11.82 -40.67 22.58
N HIS E 132 -12.43 -39.52 22.88
CA HIS E 132 -13.54 -39.46 23.82
C HIS E 132 -14.74 -38.74 23.22
N LEU E 134 -17.45 -40.19 21.18
CA LEU E 134 -18.89 -40.17 21.44
C LEU E 134 -19.71 -40.81 20.31
N PRO E 135 -20.00 -42.11 20.42
CA PRO E 135 -20.74 -42.89 19.41
C PRO E 135 -22.10 -42.29 19.09
N PRO E 136 -22.57 -42.44 17.83
CA PRO E 136 -21.89 -43.05 16.68
C PRO E 136 -20.96 -42.08 15.93
N GLY E 137 -21.01 -40.80 16.30
CA GLY E 137 -20.10 -39.83 15.72
C GLY E 137 -18.65 -40.29 15.78
N ARG E 138 -18.32 -41.09 16.80
CA ARG E 138 -16.96 -41.60 16.95
C ARG E 138 -16.54 -42.48 15.77
N GLU E 139 -17.50 -43.01 15.01
CA GLU E 139 -17.16 -43.85 13.87
C GLU E 139 -16.31 -43.10 12.85
N THR E 140 -16.63 -41.82 12.60
CA THR E 140 -15.84 -41.04 11.65
C THR E 140 -14.36 -41.04 12.04
N PHE E 141 -14.08 -40.87 13.33
CA PHE E 141 -12.71 -40.72 13.80
C PHE E 141 -11.98 -42.05 13.83
N ASP E 142 -12.64 -43.12 14.28
CA ASP E 142 -11.98 -44.41 14.25
C ASP E 142 -11.66 -44.83 12.83
N GLN E 143 -12.58 -44.60 11.89
CA GLN E 143 -12.32 -45.02 10.52
C GLN E 143 -11.17 -44.22 9.92
N LYS E 144 -11.08 -42.93 10.24
CA LYS E 144 -9.95 -42.15 9.76
C LYS E 144 -8.65 -42.59 10.43
N MET E 145 -8.72 -43.01 11.69
CA MET E 145 -7.54 -43.61 12.33
C MET E 145 -7.16 -44.92 11.68
N GLU E 146 -8.15 -45.77 11.40
CA GLU E 146 -7.83 -47.06 10.79
C GLU E 146 -7.19 -46.87 9.43
N VAL E 147 -7.52 -45.78 8.74
CA VAL E 147 -6.86 -45.44 7.48
C VAL E 147 -5.48 -44.87 7.73
N ARG E 148 -5.36 -43.93 8.68
CA ARG E 148 -4.04 -43.47 9.05
C ARG E 148 -3.12 -44.65 9.30
N GLN E 149 -3.51 -45.53 10.21
CA GLN E 149 -2.62 -46.63 10.59
C GLN E 149 -2.24 -47.49 9.40
N ALA E 150 -3.13 -47.63 8.42
CA ALA E 150 -2.79 -48.38 7.22
C ALA E 150 -1.76 -47.63 6.38
N ILE E 151 -1.89 -46.31 6.29
CA ILE E 151 -0.89 -45.52 5.58
C ILE E 151 0.49 -45.75 6.19
N GLU E 152 0.57 -45.68 7.51
CA GLU E 152 1.87 -45.70 8.17
C GLU E 152 2.46 -47.10 8.17
N ALA E 153 1.61 -48.12 8.36
CA ALA E 153 2.07 -49.50 8.27
C ALA E 153 2.75 -49.80 6.93
N ALA E 154 2.36 -49.11 5.86
CA ALA E 154 2.95 -49.37 4.56
C ALA E 154 4.06 -48.38 4.21
N GLY E 155 4.43 -47.49 5.13
CA GLY E 155 5.48 -46.51 4.87
C GLY E 155 5.18 -45.53 3.75
N ILE E 156 3.91 -45.17 3.56
CA ILE E 156 3.52 -44.20 2.55
C ILE E 156 3.59 -42.82 3.20
N PRO E 157 4.40 -41.89 2.66
CA PRO E 157 4.46 -40.56 3.24
C PRO E 157 3.11 -39.88 3.13
N TYR E 158 2.85 -38.94 4.03
CA TYR E 158 1.51 -38.43 4.14
C TYR E 158 1.50 -36.97 4.53
N THR E 159 0.34 -36.35 4.35
CA THR E 159 -0.01 -35.09 4.99
C THR E 159 -1.45 -35.19 5.43
N TYR E 160 -1.72 -34.82 6.67
CA TYR E 160 -3.07 -34.80 7.23
C TYR E 160 -3.51 -33.35 7.35
N VAL E 161 -4.53 -32.99 6.60
CA VAL E 161 -5.13 -31.66 6.64
C VAL E 161 -6.34 -31.72 7.54
N VAL E 162 -6.36 -30.88 8.57
CA VAL E 162 -7.37 -30.94 9.62
C VAL E 162 -7.55 -29.54 10.19
N GLY E 163 -8.72 -29.32 10.82
CA GLY E 163 -8.80 -28.33 11.87
C GLY E 163 -9.86 -27.26 11.83
N ALA E 164 -10.54 -27.07 10.71
CA ALA E 164 -11.54 -26.01 10.59
C ALA E 164 -12.91 -26.58 10.25
N CYS E 165 -13.94 -25.84 10.65
CA CYS E 165 -15.31 -26.13 10.21
C CYS E 165 -15.51 -25.58 8.81
N PHE E 166 -16.13 -26.37 7.93
CA PHE E 166 -16.50 -25.84 6.63
C PHE E 166 -17.50 -24.73 6.83
N ALA E 167 -17.22 -23.58 6.23
CA ALA E 167 -18.04 -22.39 6.47
C ALA E 167 -19.50 -22.64 6.10
N ALA E 168 -19.73 -23.41 5.04
CA ALA E 168 -21.10 -23.67 4.62
C ALA E 168 -21.90 -24.36 5.71
N TYR E 169 -21.30 -25.32 6.40
CA TYR E 169 -22.08 -26.14 7.30
C TYR E 169 -22.19 -25.55 8.68
N PHE E 170 -21.30 -24.64 9.06
CA PHE E 170 -21.26 -24.13 10.41
C PHE E 170 -21.30 -22.62 10.50
N ALA E 171 -21.01 -21.88 9.43
CA ALA E 171 -20.96 -20.43 9.49
C ALA E 171 -22.18 -19.77 8.87
N GLY E 172 -22.57 -20.18 7.67
CA GLY E 172 -23.69 -19.53 7.01
C GLY E 172 -25.04 -19.78 7.64
N ASN E 173 -25.14 -20.71 8.58
CA ASN E 173 -26.37 -20.99 9.30
C ASN E 173 -26.30 -20.54 10.75
N LEU E 174 -25.31 -19.69 11.08
CA LEU E 174 -25.00 -19.33 12.45
C LEU E 174 -24.99 -20.57 13.31
N SER E 175 -24.58 -21.70 12.73
CA SER E 175 -24.37 -22.94 13.47
C SER E 175 -25.68 -23.61 13.87
N GLN E 176 -26.80 -23.19 13.34
CA GLN E 176 -28.05 -23.90 13.56
C GLN E 176 -28.03 -25.22 12.80
N MET E 177 -28.14 -26.35 13.51
CA MET E 177 -28.22 -27.64 12.84
C MET E 177 -29.38 -27.72 11.86
N VAL E 178 -30.41 -26.91 12.08
CA VAL E 178 -31.63 -27.03 11.29
C VAL E 178 -31.32 -26.94 9.80
N THR E 179 -30.43 -26.04 9.41
CA THR E 179 -30.50 -25.50 8.06
C THR E 179 -29.10 -25.10 7.59
N LEU E 180 -29.05 -24.47 6.42
CA LEU E 180 -27.81 -23.93 5.87
C LEU E 180 -27.90 -22.44 5.59
N LEU E 181 -28.98 -21.79 5.99
CA LEU E 181 -29.13 -20.35 5.83
C LEU E 181 -29.30 -19.70 7.19
N PRO E 182 -29.05 -18.40 7.29
CA PRO E 182 -29.09 -17.72 8.58
C PRO E 182 -30.52 -17.59 9.07
N PRO E 183 -30.75 -17.77 10.37
CA PRO E 183 -32.10 -17.67 10.91
C PRO E 183 -32.65 -16.28 10.75
N LYS E 184 -33.97 -16.18 10.67
CA LYS E 184 -34.60 -14.89 10.45
C LYS E 184 -34.89 -14.14 11.73
N GLU E 185 -35.49 -14.79 12.74
CA GLU E 185 -35.82 -14.10 13.98
C GLU E 185 -35.04 -14.61 15.18
N LYS E 186 -34.95 -15.92 15.37
CA LYS E 186 -34.41 -16.52 16.59
C LYS E 186 -33.15 -17.30 16.29
N VAL E 187 -32.35 -17.55 17.35
CA VAL E 187 -31.13 -18.33 17.20
C VAL E 187 -30.82 -19.00 18.52
N ASN E 188 -30.33 -20.22 18.44
CA ASN E 188 -29.89 -20.95 19.61
C ASN E 188 -28.41 -20.76 19.79
N ILE E 189 -27.99 -20.50 21.01
CA ILE E 189 -26.58 -20.39 21.35
C ILE E 189 -26.23 -21.59 22.20
N TYR E 190 -25.27 -22.36 21.74
CA TYR E 190 -24.87 -23.56 22.46
C TYR E 190 -24.02 -23.18 23.66
N GLY E 191 -24.54 -23.45 24.86
CA GLY E 191 -23.85 -23.05 26.07
C GLY E 191 -23.90 -21.55 26.23
N ASP E 192 -22.78 -20.97 26.66
CA ASP E 192 -22.67 -19.53 26.79
C ASP E 192 -22.37 -18.83 25.48
N GLY E 193 -21.99 -19.58 24.45
CA GLY E 193 -21.67 -18.96 23.17
C GLY E 193 -20.26 -18.44 23.11
N ASN E 194 -19.37 -19.00 23.94
CA ASN E 194 -18.06 -18.44 24.22
C ASN E 194 -16.96 -19.48 24.10
N VAL E 195 -17.20 -20.58 23.39
CA VAL E 195 -16.16 -21.55 23.10
C VAL E 195 -15.61 -21.22 21.72
N LYS E 196 -14.28 -21.15 21.61
CA LYS E 196 -13.68 -20.70 20.37
C LYS E 196 -13.78 -21.79 19.31
N VAL E 197 -14.28 -21.42 18.13
CA VAL E 197 -14.42 -22.34 17.01
C VAL E 197 -13.63 -21.84 15.81
N VAL E 198 -13.11 -22.77 15.02
CA VAL E 198 -12.33 -22.47 13.82
C VAL E 198 -13.20 -22.61 12.59
N PHE E 199 -13.36 -21.52 11.84
CA PHE E 199 -14.16 -21.50 10.62
C PHE E 199 -13.29 -21.23 9.41
N ALA E 200 -13.68 -21.79 8.26
CA ALA E 200 -12.87 -21.63 7.05
C ALA E 200 -13.73 -21.87 5.82
N ASP E 201 -13.85 -20.86 4.98
CA ASP E 201 -14.41 -21.04 3.64
C ASP E 201 -13.70 -22.21 2.95
N GLU E 202 -14.50 -23.10 2.38
CA GLU E 202 -13.96 -24.33 1.81
C GLU E 202 -13.08 -24.07 0.60
N ASP E 203 -13.27 -22.95 -0.10
CA ASP E 203 -12.35 -22.59 -1.17
C ASP E 203 -10.94 -22.44 -0.63
N ASP E 204 -10.79 -21.83 0.55
CA ASP E 204 -9.45 -21.69 1.12
C ASP E 204 -8.91 -23.03 1.58
N ILE E 205 -9.78 -23.87 2.16
CA ILE E 205 -9.37 -25.23 2.51
C ILE E 205 -8.79 -25.91 1.28
N ALA E 206 -9.50 -25.80 0.16
CA ALA E 206 -8.99 -26.39 -1.07
C ALA E 206 -7.65 -25.77 -1.44
N LYS E 207 -7.55 -24.44 -1.37
CA LYS E 207 -6.32 -23.77 -1.75
C LYS E 207 -5.15 -24.20 -0.87
N TYR E 208 -5.34 -24.19 0.46
CA TYR E 208 -4.28 -24.67 1.33
C TYR E 208 -3.88 -26.10 0.97
N THR E 209 -4.85 -26.94 0.60
CA THR E 209 -4.53 -28.32 0.27
C THR E 209 -3.68 -28.39 -0.99
N ALA E 210 -4.03 -27.60 -1.99
CA ALA E 210 -3.24 -27.59 -3.21
C ALA E 210 -1.82 -27.11 -2.95
N LYS E 211 -1.64 -26.18 -2.02
CA LYS E 211 -0.30 -25.67 -1.75
C LYS E 211 0.52 -26.61 -0.87
N THR E 212 -0.11 -27.34 0.05
CA THR E 212 0.68 -28.16 0.96
C THR E 212 1.10 -29.49 0.37
N LEU E 213 0.41 -29.99 -0.66
CA LEU E 213 0.62 -31.39 -1.02
C LEU E 213 2.02 -31.65 -1.56
N ASN E 214 2.73 -30.64 -2.04
CA ASN E 214 4.14 -30.80 -2.37
C ASN E 214 4.98 -29.74 -1.66
N ASP E 215 4.53 -29.29 -0.50
CA ASP E 215 5.36 -28.44 0.35
C ASP E 215 6.24 -29.35 1.20
N PRO E 216 7.55 -29.29 1.06
CA PRO E 216 8.41 -30.21 1.83
C PRO E 216 8.26 -30.00 3.31
N ARG E 217 7.87 -28.80 3.74
CA ARG E 217 7.72 -28.54 5.16
C ARG E 217 6.65 -29.43 5.79
N THR E 218 5.63 -29.82 5.04
CA THR E 218 4.51 -30.56 5.62
C THR E 218 4.56 -32.04 5.32
N LEU E 219 5.67 -32.55 4.78
CA LEU E 219 5.75 -33.97 4.48
C LEU E 219 5.75 -34.77 5.76
N ASN E 220 4.94 -35.82 5.81
CA ASN E 220 4.78 -36.66 6.99
C ASN E 220 4.37 -35.85 8.21
N LYS E 221 3.64 -34.77 7.98
CA LYS E 221 3.17 -33.86 9.03
C LYS E 221 1.65 -33.76 9.01
N THR E 222 1.13 -33.26 10.10
CA THR E 222 -0.25 -32.80 10.19
C THR E 222 -0.25 -31.30 9.98
N VAL E 223 -1.14 -30.80 9.14
CA VAL E 223 -1.28 -29.36 8.93
C VAL E 223 -2.62 -28.95 9.50
N ASN E 224 -2.63 -27.89 10.30
CA ASN E 224 -3.85 -27.31 10.85
C ASN E 224 -4.25 -26.09 10.04
N ILE E 225 -5.52 -26.04 9.64
CA ILE E 225 -6.11 -24.83 9.08
C ILE E 225 -6.75 -24.10 10.25
N ARG E 226 -6.03 -23.17 10.85
CA ARG E 226 -6.54 -22.35 11.94
C ARG E 226 -6.20 -20.90 11.65
N PRO E 227 -6.84 -20.33 10.64
CA PRO E 227 -6.66 -18.90 10.36
C PRO E 227 -7.06 -18.08 11.57
N PRO E 228 -6.16 -17.25 12.11
CA PRO E 228 -6.47 -16.57 13.37
C PRO E 228 -7.67 -15.63 13.31
N ASP E 229 -7.87 -14.90 12.21
CA ASP E 229 -9.02 -14.01 12.18
C ASP E 229 -10.34 -14.75 12.24
N ASN E 230 -10.31 -16.06 12.00
CA ASN E 230 -11.52 -16.83 11.88
C ASN E 230 -11.70 -17.78 13.06
N VAL E 231 -10.91 -17.60 14.11
CA VAL E 231 -11.11 -18.32 15.35
C VAL E 231 -12.13 -17.55 16.17
N LEU E 232 -13.41 -17.91 16.05
CA LEU E 232 -14.51 -17.20 16.67
C LEU E 232 -15.26 -18.09 17.66
N THR E 233 -16.09 -17.43 18.46
CA THR E 233 -17.13 -18.08 19.24
C THR E 233 -18.45 -17.85 18.55
N GLN E 234 -19.45 -18.65 18.91
CA GLN E 234 -20.70 -18.59 18.17
C GLN E 234 -21.35 -17.23 18.36
N LEU E 235 -21.33 -16.71 19.59
CA LEU E 235 -21.83 -15.38 19.81
C LEU E 235 -21.11 -14.37 18.92
N GLU E 236 -19.79 -14.48 18.84
CA GLU E 236 -19.05 -13.59 17.95
C GLU E 236 -19.55 -13.75 16.53
N LEU E 237 -19.61 -14.99 16.05
CA LEU E 237 -20.16 -15.22 14.72
C LEU E 237 -21.55 -14.62 14.60
N VAL E 238 -22.38 -14.78 15.63
CA VAL E 238 -23.74 -14.26 15.54
C VAL E 238 -23.71 -12.73 15.45
N GLN E 239 -22.88 -12.10 16.29
CA GLN E 239 -22.79 -10.64 16.30
C GLN E 239 -22.34 -10.10 14.95
N ILE E 240 -21.41 -10.79 14.28
CA ILE E 240 -21.02 -10.40 12.93
C ILE E 240 -22.25 -10.31 12.04
N TRP E 241 -23.16 -11.28 12.16
CA TRP E 241 -24.38 -11.25 11.36
C TRP E 241 -25.28 -10.12 11.80
N GLU E 242 -25.49 -9.97 13.11
CA GLU E 242 -26.30 -8.85 13.60
C GLU E 242 -25.76 -7.52 13.09
N LYS E 243 -24.44 -7.37 13.07
CA LYS E 243 -23.86 -6.12 12.58
C LYS E 243 -24.14 -5.92 11.09
N LEU E 244 -24.08 -7.00 10.30
CA LEU E 244 -24.33 -6.88 8.88
C LEU E 244 -25.79 -6.60 8.57
N THR E 245 -26.71 -7.21 9.31
CA THR E 245 -28.13 -7.01 9.06
C THR E 245 -28.70 -5.83 9.82
N GLY E 246 -27.98 -5.31 10.81
CA GLY E 246 -28.54 -4.29 11.66
C GLY E 246 -29.42 -4.91 12.73
N LYS E 247 -30.46 -5.64 12.33
CA LYS E 247 -31.33 -6.32 13.28
C LYS E 247 -30.51 -7.24 14.19
N GLU E 248 -31.00 -7.42 15.41
CA GLU E 248 -30.41 -8.41 16.30
C GLU E 248 -31.40 -9.56 16.50
N LEU E 249 -30.87 -10.67 17.01
CA LEU E 249 -31.60 -11.93 17.04
C LEU E 249 -31.91 -12.36 18.47
N GLU E 250 -33.16 -12.75 18.70
CA GLU E 250 -33.54 -13.35 19.96
C GLU E 250 -32.74 -14.61 20.20
N LYS E 251 -31.92 -14.61 21.24
CA LYS E 251 -31.03 -15.72 21.52
C LYS E 251 -31.61 -16.59 22.62
N THR E 252 -31.47 -17.91 22.47
CA THR E 252 -31.82 -18.86 23.50
C THR E 252 -30.61 -19.74 23.79
N ASN E 253 -30.19 -19.78 25.05
CA ASN E 253 -29.01 -20.54 25.42
C ASN E 253 -29.38 -21.98 25.79
N ILE E 254 -28.57 -22.92 25.34
CA ILE E 254 -28.90 -24.32 25.39
C ILE E 254 -27.84 -25.04 26.21
N ALA E 255 -28.19 -25.48 27.41
CA ALA E 255 -27.17 -26.14 28.21
C ALA E 255 -26.81 -27.49 27.63
N ALA E 256 -25.61 -27.98 27.99
CA ALA E 256 -25.11 -29.22 27.43
C ALA E 256 -26.07 -30.36 27.66
N GLN E 257 -26.84 -30.34 28.75
CA GLN E 257 -27.70 -31.49 29.02
C GLN E 257 -28.92 -31.48 28.12
N ASP E 258 -29.49 -30.30 27.89
CA ASP E 258 -30.63 -30.19 26.99
C ASP E 258 -30.23 -30.43 25.54
N PHE E 259 -29.00 -30.08 25.18
CA PHE E 259 -28.58 -30.33 23.82
C PHE E 259 -28.49 -31.81 23.54
N LEU E 260 -28.02 -32.59 24.51
CA LEU E 260 -27.82 -34.02 24.36
C LEU E 260 -29.06 -34.85 24.75
N ALA E 261 -30.14 -34.23 25.20
CA ALA E 261 -31.23 -35.00 25.79
C ALA E 261 -31.81 -35.99 24.77
N ASN E 262 -31.95 -37.25 25.18
CA ASN E 262 -32.64 -38.25 24.37
C ASN E 262 -31.90 -38.53 23.06
N ILE E 263 -30.59 -38.33 23.05
CA ILE E 263 -29.81 -38.54 21.83
C ILE E 263 -29.94 -39.98 21.36
N GLU E 264 -29.89 -40.92 22.30
CA GLU E 264 -29.91 -42.34 21.94
C GLU E 264 -31.18 -42.75 21.22
N GLN E 265 -32.21 -41.88 21.16
CA GLN E 265 -33.44 -42.15 20.44
C GLN E 265 -33.48 -41.52 19.07
N MET E 266 -32.40 -40.92 18.61
CA MET E 266 -32.44 -40.21 17.36
C MET E 266 -31.84 -41.05 16.23
N GLU E 267 -32.11 -40.61 14.99
CA GLU E 267 -31.97 -41.43 13.78
C GLU E 267 -30.57 -42.02 13.56
N ILE E 268 -29.54 -41.53 14.23
CA ILE E 268 -28.19 -42.12 14.22
C ILE E 268 -27.24 -41.30 13.34
N PRO E 269 -27.59 -40.97 12.09
CA PRO E 269 -26.84 -39.89 11.44
C PRO E 269 -27.06 -38.57 12.14
N HIS E 270 -28.22 -38.36 12.73
CA HIS E 270 -28.41 -37.19 13.57
C HIS E 270 -27.66 -37.34 14.88
N GLN E 271 -27.49 -38.57 15.36
CA GLN E 271 -26.67 -38.78 16.54
C GLN E 271 -25.23 -38.35 16.31
N ALA E 272 -24.72 -38.63 15.11
CA ALA E 272 -23.35 -38.25 14.79
C ALA E 272 -23.20 -36.75 14.70
N GLY E 273 -24.12 -36.09 13.99
CA GLY E 273 -24.04 -34.65 13.87
C GLY E 273 -24.11 -33.96 15.22
N ILE E 274 -25.04 -34.38 16.06
CA ILE E 274 -25.16 -33.80 17.39
C ILE E 274 -23.89 -34.07 18.18
N GLY E 275 -23.32 -35.27 18.05
CA GLY E 275 -22.10 -35.56 18.78
C GLY E 275 -20.94 -34.73 18.29
N HIS E 276 -20.83 -34.55 16.97
CA HIS E 276 -19.82 -33.66 16.42
C HIS E 276 -20.02 -32.22 16.90
N PHE E 277 -21.21 -31.66 16.68
CA PHE E 277 -21.46 -30.31 17.16
C PHE E 277 -21.07 -30.13 18.61
N TYR E 278 -21.25 -31.18 19.41
CA TYR E 278 -21.00 -31.06 20.84
C TYR E 278 -19.50 -31.00 21.12
N HIS E 279 -18.71 -31.84 20.44
CA HIS E 279 -17.27 -31.74 20.59
C HIS E 279 -16.75 -30.38 20.16
N ILE E 280 -17.40 -29.73 19.21
CA ILE E 280 -16.94 -28.46 18.70
C ILE E 280 -17.38 -27.32 19.60
N PHE E 281 -18.68 -27.14 19.73
CA PHE E 281 -19.24 -25.96 20.36
C PHE E 281 -19.36 -26.05 21.89
N TYR E 282 -19.24 -27.23 22.48
CA TYR E 282 -19.27 -27.35 23.92
C TYR E 282 -17.92 -27.70 24.52
N GLU E 283 -17.16 -28.60 23.90
CA GLU E 283 -15.84 -28.99 24.37
C GLU E 283 -14.71 -28.21 23.72
N GLY E 284 -15.02 -27.30 22.79
CA GLY E 284 -14.02 -26.59 22.01
C GLY E 284 -12.89 -27.45 21.49
N CYS E 285 -13.20 -28.60 20.91
CA CYS E 285 -12.15 -29.53 20.49
C CYS E 285 -11.28 -28.97 19.38
N LEU E 286 -11.73 -27.95 18.65
CA LEU E 286 -10.91 -27.36 17.60
C LEU E 286 -9.98 -26.28 18.13
N THR E 287 -10.14 -25.93 19.40
CA THR E 287 -9.60 -24.75 20.01
C THR E 287 -8.81 -25.05 21.29
N ASP E 288 -8.88 -26.28 21.81
CA ASP E 288 -8.35 -26.63 23.11
C ASP E 288 -6.88 -27.05 23.05
N HIS E 289 -6.11 -26.55 22.07
CA HIS E 289 -4.68 -26.81 22.06
C HIS E 289 -4.03 -25.84 21.10
N GLU E 290 -2.76 -25.53 21.35
CA GLU E 290 -2.02 -24.61 20.51
C GLU E 290 -1.34 -25.38 19.40
N VAL E 291 -1.19 -24.73 18.26
CA VAL E 291 -0.46 -25.28 17.13
C VAL E 291 0.64 -24.32 16.74
N GLY E 292 1.84 -24.84 16.54
CA GLY E 292 2.93 -24.00 16.07
C GLY E 292 2.66 -23.44 14.69
N GLU E 293 3.21 -22.25 14.43
CA GLU E 293 3.06 -21.65 13.11
C GLU E 293 3.68 -22.52 12.02
N ASP E 294 4.59 -23.42 12.36
CA ASP E 294 5.18 -24.34 11.41
C ASP E 294 4.27 -25.51 11.06
N GLU E 295 3.07 -25.61 11.68
CA GLU E 295 2.11 -26.65 11.37
C GLU E 295 0.72 -26.04 11.17
N GLU E 296 0.66 -24.77 10.79
CA GLU E 296 -0.61 -24.06 10.63
C GLU E 296 -0.60 -23.36 9.27
N ALA E 297 -1.72 -23.49 8.56
CA ALA E 297 -1.72 -23.20 7.15
C ALA E 297 -1.63 -21.71 6.88
N SER E 298 -2.34 -20.89 7.66
CA SER E 298 -2.40 -19.46 7.32
C SER E 298 -1.02 -18.82 7.35
N SER E 299 -0.12 -19.31 8.21
CA SER E 299 1.24 -18.81 8.28
C SER E 299 2.23 -19.61 7.46
N LEU E 300 1.93 -20.87 7.15
CA LEU E 300 2.72 -21.59 6.15
C LEU E 300 2.52 -21.04 4.75
N TYR E 301 1.39 -20.38 4.50
CA TYR E 301 1.02 -19.93 3.15
C TYR E 301 0.38 -18.56 3.27
N PRO E 302 1.16 -17.56 3.67
CA PRO E 302 0.59 -16.21 3.87
C PRO E 302 0.07 -15.56 2.60
N ASP E 303 0.53 -15.95 1.42
CA ASP E 303 -0.03 -15.37 0.20
C ASP E 303 -1.53 -15.62 0.09
N VAL E 304 -2.05 -16.64 0.77
CA VAL E 304 -3.47 -16.97 0.68
C VAL E 304 -4.23 -15.99 1.56
N LYS E 305 -4.94 -15.05 0.93
CA LYS E 305 -5.68 -14.05 1.69
C LYS E 305 -7.03 -14.67 2.00
N TYR E 306 -7.09 -15.37 3.13
CA TYR E 306 -8.22 -16.23 3.39
C TYR E 306 -9.45 -15.42 3.71
N LYS E 307 -10.60 -15.88 3.21
CA LYS E 307 -11.84 -15.16 3.38
C LYS E 307 -12.27 -15.18 4.84
N ARG E 308 -12.48 -13.99 5.40
CA ARG E 308 -12.95 -13.78 6.76
C ARG E 308 -14.47 -13.92 6.82
N MET E 309 -14.98 -14.26 8.01
CA MET E 309 -16.38 -14.66 8.12
C MET E 309 -17.34 -13.50 7.90
N ASP E 310 -16.91 -12.25 8.11
CA ASP E 310 -17.82 -11.16 7.76
C ASP E 310 -17.98 -11.06 6.26
N ASP E 311 -16.91 -11.34 5.51
CA ASP E 311 -17.02 -11.44 4.06
C ASP E 311 -17.89 -12.62 3.66
N TYR E 312 -17.59 -13.80 4.22
CA TYR E 312 -18.37 -14.99 3.89
C TYR E 312 -19.85 -14.75 4.11
N LEU E 313 -20.21 -14.27 5.29
CA LEU E 313 -21.62 -14.08 5.63
C LEU E 313 -22.28 -13.06 4.72
N ARG E 314 -21.51 -12.22 4.05
CA ARG E 314 -22.10 -11.14 3.29
C ARG E 314 -22.89 -11.66 2.11
N MET E 315 -22.63 -12.88 1.66
CA MET E 315 -23.38 -13.37 0.50
C MET E 315 -24.79 -13.83 0.82
N PHE E 316 -25.18 -13.87 2.09
CA PHE E 316 -26.52 -14.29 2.44
C PHE E 316 -27.48 -13.14 2.65
N LEU E 317 -27.07 -11.91 2.35
CA LEU E 317 -27.89 -10.74 2.66
C LEU E 317 -28.94 -10.49 1.59
N LYS F 9 -36.78 -5.95 -18.71
CA LYS F 9 -37.97 -5.31 -18.16
C LYS F 9 -39.11 -6.30 -17.94
N THR F 10 -39.02 -7.50 -18.53
CA THR F 10 -39.94 -8.57 -18.17
C THR F 10 -39.50 -9.23 -16.88
N ARG F 11 -40.47 -9.52 -16.01
CA ARG F 11 -40.19 -10.07 -14.69
C ARG F 11 -40.62 -11.52 -14.67
N VAL F 12 -39.67 -12.43 -14.45
CA VAL F 12 -39.90 -13.87 -14.60
C VAL F 12 -39.64 -14.57 -13.28
N LEU F 13 -40.49 -15.53 -12.97
CA LEU F 13 -40.27 -16.42 -11.84
C LEU F 13 -40.03 -17.83 -12.37
N VAL F 14 -38.93 -18.43 -11.94
CA VAL F 14 -38.61 -19.81 -12.27
C VAL F 14 -38.91 -20.65 -11.05
N VAL F 15 -39.74 -21.68 -11.23
CA VAL F 15 -40.06 -22.65 -10.19
C VAL F 15 -39.46 -23.98 -10.61
N GLY F 16 -38.62 -24.54 -9.75
CA GLY F 16 -37.67 -25.55 -10.14
C GLY F 16 -36.29 -24.98 -10.41
N ALA F 17 -35.93 -23.89 -9.73
CA ALA F 17 -34.78 -23.12 -10.18
C ALA F 17 -33.48 -23.91 -10.13
N THR F 18 -33.40 -24.93 -9.27
CA THR F 18 -32.16 -25.67 -9.09
C THR F 18 -32.21 -27.02 -9.77
N GLY F 19 -33.14 -27.23 -10.68
CA GLY F 19 -33.27 -28.49 -11.36
C GLY F 19 -32.37 -28.56 -12.56
N TYR F 20 -32.42 -29.71 -13.23
CA TYR F 20 -31.48 -29.93 -14.31
C TYR F 20 -31.66 -28.90 -15.43
N ILE F 21 -32.86 -28.85 -16.01
CA ILE F 21 -33.09 -27.81 -17.00
C ILE F 21 -33.44 -26.49 -16.32
N GLY F 22 -33.96 -26.54 -15.10
CA GLY F 22 -34.31 -25.32 -14.39
C GLY F 22 -33.14 -24.36 -14.26
N LYS F 23 -32.04 -24.82 -13.66
CA LYS F 23 -30.92 -23.92 -13.46
C LYS F 23 -30.46 -23.29 -14.76
N ARG F 24 -30.52 -24.03 -15.87
CA ARG F 24 -30.11 -23.48 -17.14
C ARG F 24 -31.09 -22.42 -17.62
N ILE F 25 -32.38 -22.62 -17.34
CA ILE F 25 -33.38 -21.61 -17.65
C ILE F 25 -33.14 -20.34 -16.84
N VAL F 26 -32.85 -20.49 -15.54
CA VAL F 26 -32.50 -19.33 -14.73
C VAL F 26 -31.39 -18.53 -15.40
N ARG F 27 -30.28 -19.18 -15.71
CA ARG F 27 -29.17 -18.43 -16.29
C ARG F 27 -29.53 -17.90 -17.68
N ALA F 28 -30.33 -18.62 -18.46
CA ALA F 28 -30.72 -18.10 -19.77
C ALA F 28 -31.53 -16.83 -19.62
N CYS F 29 -32.39 -16.78 -18.60
CA CYS F 29 -33.20 -15.59 -18.38
C CYS F 29 -32.34 -14.40 -18.04
N LEU F 30 -31.44 -14.55 -17.07
CA LEU F 30 -30.50 -13.49 -16.77
C LEU F 30 -29.76 -13.05 -18.02
N ALA F 31 -29.25 -14.01 -18.79
CA ALA F 31 -28.52 -13.64 -20.00
C ALA F 31 -29.39 -12.82 -20.92
N GLU F 32 -30.67 -13.16 -20.98
CA GLU F 32 -31.61 -12.53 -21.88
C GLU F 32 -32.10 -11.17 -21.38
N GLY F 33 -31.60 -10.69 -20.24
CA GLY F 33 -32.02 -9.41 -19.72
C GLY F 33 -33.24 -9.41 -18.83
N HIS F 34 -33.95 -10.54 -18.69
CA HIS F 34 -35.14 -10.57 -17.86
C HIS F 34 -34.79 -10.28 -16.41
N GLU F 35 -35.68 -9.59 -15.72
CA GLU F 35 -35.55 -9.44 -14.28
C GLU F 35 -36.00 -10.74 -13.65
N THR F 36 -35.05 -11.55 -13.19
CA THR F 36 -35.28 -12.96 -12.94
C THR F 36 -35.43 -13.22 -11.44
N TYR F 37 -36.55 -13.85 -11.08
CA TYR F 37 -36.84 -14.31 -9.74
C TYR F 37 -36.84 -15.84 -9.72
N VAL F 38 -36.41 -16.40 -8.59
CA VAL F 38 -36.37 -17.84 -8.42
C VAL F 38 -36.98 -18.18 -7.06
N LEU F 39 -37.88 -19.17 -7.06
CA LEU F 39 -38.56 -19.63 -5.85
C LEU F 39 -37.64 -20.51 -5.03
N GLN F 40 -37.38 -20.10 -3.81
CA GLN F 40 -36.55 -20.90 -2.90
C GLN F 40 -37.46 -21.49 -1.83
N ARG F 41 -37.62 -22.75 -1.89
CA ARG F 41 -38.51 -23.42 -0.96
C ARG F 41 -37.76 -23.73 0.33
N PRO F 42 -38.39 -23.53 1.48
CA PRO F 42 -37.69 -23.78 2.75
C PRO F 42 -37.38 -25.25 2.98
N GLU F 43 -38.00 -26.15 2.22
CA GLU F 43 -37.78 -27.57 2.39
C GLU F 43 -36.38 -28.02 1.99
N ILE F 44 -35.64 -27.21 1.23
CA ILE F 44 -34.37 -27.68 0.70
C ILE F 44 -33.28 -27.43 1.73
N GLY F 45 -33.70 -27.20 2.96
CA GLY F 45 -32.84 -26.91 4.09
C GLY F 45 -31.41 -27.42 4.10
N LEU F 46 -31.21 -28.74 4.11
CA LEU F 46 -29.87 -29.30 4.21
C LEU F 46 -29.33 -29.81 2.88
N GLU F 47 -29.91 -29.37 1.76
CA GLU F 47 -29.41 -29.75 0.44
C GLU F 47 -28.39 -28.70 0.02
N ILE F 48 -27.12 -28.99 0.33
CA ILE F 48 -26.08 -27.98 0.19
C ILE F 48 -25.98 -27.49 -1.25
N GLU F 49 -26.08 -28.39 -2.22
CA GLU F 49 -25.90 -27.98 -3.61
C GLU F 49 -27.04 -27.06 -4.03
N LYS F 50 -28.24 -27.30 -3.54
CA LYS F 50 -29.35 -26.42 -3.89
C LYS F 50 -29.13 -25.04 -3.28
N VAL F 51 -28.73 -25.00 -2.01
CA VAL F 51 -28.50 -23.73 -1.36
C VAL F 51 -27.44 -22.93 -2.11
N GLN F 52 -26.29 -23.54 -2.40
CA GLN F 52 -25.21 -22.78 -3.03
C GLN F 52 -25.57 -22.37 -4.45
N LEU F 53 -26.42 -23.12 -5.15
CA LEU F 53 -26.94 -22.63 -6.42
C LEU F 53 -27.70 -21.32 -6.21
N PHE F 54 -28.63 -21.29 -5.25
CA PHE F 54 -29.36 -20.06 -5.00
C PHE F 54 -28.42 -18.92 -4.69
N LEU F 55 -27.43 -19.14 -3.81
CA LEU F 55 -26.43 -18.13 -3.54
C LEU F 55 -25.78 -17.64 -4.83
N SER F 56 -25.42 -18.59 -5.70
CA SER F 56 -24.79 -18.20 -6.96
C SER F 56 -25.76 -17.51 -7.92
N PHE F 57 -27.05 -17.83 -7.85
CA PHE F 57 -28.02 -17.08 -8.64
C PHE F 57 -28.09 -15.63 -8.18
N LYS F 58 -28.19 -15.43 -6.86
CA LYS F 58 -28.21 -14.08 -6.31
C LYS F 58 -27.05 -13.26 -6.86
N LYS F 59 -25.85 -13.82 -6.81
CA LYS F 59 -24.66 -13.08 -7.25
C LYS F 59 -24.75 -12.66 -8.70
N LEU F 60 -25.53 -13.36 -9.52
CA LEU F 60 -25.73 -13.04 -10.92
C LEU F 60 -26.91 -12.11 -11.17
N GLY F 61 -27.52 -11.58 -10.12
CA GLY F 61 -28.65 -10.68 -10.28
C GLY F 61 -30.03 -11.29 -10.18
N ALA F 62 -30.16 -12.50 -9.66
CA ALA F 62 -31.48 -13.08 -9.48
C ALA F 62 -32.04 -12.64 -8.14
N ARG F 63 -33.35 -12.68 -8.04
CA ARG F 63 -34.04 -12.25 -6.83
C ARG F 63 -34.70 -13.44 -6.18
N ILE F 64 -34.31 -13.70 -4.92
CA ILE F 64 -34.86 -14.83 -4.19
C ILE F 64 -36.28 -14.53 -3.77
N VAL F 65 -37.13 -15.54 -3.85
CA VAL F 65 -38.51 -15.46 -3.41
C VAL F 65 -38.81 -16.74 -2.64
N GLU F 66 -38.94 -16.62 -1.31
CA GLU F 66 -39.22 -17.78 -0.48
C GLU F 66 -40.68 -18.19 -0.63
N GLY F 67 -40.91 -19.48 -0.89
CA GLY F 67 -42.25 -20.00 -1.08
C GLY F 67 -42.26 -21.49 -0.87
N SER F 68 -43.46 -22.03 -0.68
CA SER F 68 -43.63 -23.47 -0.49
C SER F 68 -44.93 -23.91 -1.13
N PHE F 69 -44.91 -25.13 -1.68
CA PHE F 69 -46.12 -25.71 -2.26
C PHE F 69 -47.09 -26.20 -1.19
N SER F 70 -46.70 -26.17 0.07
CA SER F 70 -47.61 -26.50 1.16
C SER F 70 -48.23 -25.27 1.78
N ASP F 71 -48.01 -24.10 1.18
CA ASP F 71 -48.47 -22.84 1.71
C ASP F 71 -49.02 -22.06 0.52
N HIS F 72 -50.28 -22.34 0.18
CA HIS F 72 -50.86 -21.80 -1.03
C HIS F 72 -50.69 -20.30 -1.13
N GLN F 73 -50.70 -19.59 -0.01
CA GLN F 73 -50.62 -18.15 -0.11
C GLN F 73 -49.20 -17.68 -0.40
N SER F 74 -48.19 -18.45 0.00
CA SER F 74 -46.81 -18.09 -0.35
C SER F 74 -46.62 -18.12 -1.85
N LEU F 75 -47.28 -19.06 -2.53
CA LEU F 75 -47.22 -19.12 -3.98
C LEU F 75 -47.89 -17.91 -4.60
N VAL F 76 -49.11 -17.61 -4.15
CA VAL F 76 -49.83 -16.46 -4.71
C VAL F 76 -48.99 -15.21 -4.59
N SER F 77 -48.42 -14.99 -3.40
CA SER F 77 -47.52 -13.85 -3.20
C SER F 77 -46.38 -13.89 -4.19
N ALA F 78 -45.81 -15.07 -4.42
CA ALA F 78 -44.68 -15.19 -5.32
C ALA F 78 -45.08 -14.87 -6.75
N VAL F 79 -46.12 -15.53 -7.26
CA VAL F 79 -46.55 -15.29 -8.62
C VAL F 79 -47.05 -13.86 -8.80
N LYS F 80 -47.52 -13.22 -7.72
CA LYS F 80 -47.99 -11.84 -7.87
C LYS F 80 -46.86 -10.85 -8.13
N LEU F 81 -45.59 -11.29 -8.08
CA LEU F 81 -44.46 -10.37 -8.22
C LEU F 81 -43.92 -10.26 -9.62
N VAL F 82 -44.38 -11.10 -10.56
CA VAL F 82 -43.76 -11.24 -11.87
C VAL F 82 -44.83 -11.28 -12.94
N ASP F 83 -44.39 -11.15 -14.19
CA ASP F 83 -45.28 -11.19 -15.35
C ASP F 83 -45.32 -12.54 -16.03
N VAL F 84 -44.29 -13.37 -15.89
CA VAL F 84 -44.27 -14.69 -16.49
C VAL F 84 -43.73 -15.69 -15.48
N VAL F 85 -44.29 -16.90 -15.50
CA VAL F 85 -43.85 -17.96 -14.61
C VAL F 85 -43.46 -19.17 -15.45
N VAL F 86 -42.23 -19.62 -15.27
CA VAL F 86 -41.69 -20.81 -15.92
C VAL F 86 -41.51 -21.90 -14.87
N SER F 87 -42.12 -23.06 -15.10
CA SER F 87 -41.99 -24.17 -14.19
C SER F 87 -41.08 -25.22 -14.79
N ALA F 88 -40.13 -25.71 -13.99
CA ALA F 88 -39.24 -26.78 -14.43
C ALA F 88 -39.40 -28.01 -13.54
N MET F 89 -40.61 -28.20 -13.03
CA MET F 89 -40.89 -29.29 -12.11
C MET F 89 -40.36 -30.61 -12.67
N SER F 90 -39.88 -31.46 -11.78
CA SER F 90 -39.28 -32.72 -12.21
C SER F 90 -40.31 -33.58 -12.92
N GLY F 91 -39.80 -34.50 -13.74
CA GLY F 91 -40.65 -35.42 -14.47
C GLY F 91 -39.88 -36.54 -15.14
N VAL F 92 -39.02 -37.21 -14.38
CA VAL F 92 -38.22 -38.33 -14.87
C VAL F 92 -38.27 -39.41 -13.82
N HIS F 93 -38.72 -40.60 -14.20
CA HIS F 93 -38.99 -41.62 -13.21
C HIS F 93 -37.76 -41.97 -12.38
N PHE F 94 -36.57 -42.00 -13.01
CA PHE F 94 -35.44 -42.41 -12.19
C PHE F 94 -34.88 -41.28 -11.34
N ARG F 95 -35.34 -40.03 -11.54
CA ARG F 95 -35.01 -38.94 -10.62
C ARG F 95 -36.21 -38.69 -9.69
N SER F 96 -37.16 -37.90 -10.14
CA SER F 96 -38.42 -37.74 -9.43
C SER F 96 -39.46 -37.27 -10.44
N HIS F 97 -40.72 -37.62 -10.17
CA HIS F 97 -41.81 -37.49 -11.15
C HIS F 97 -43.01 -36.80 -10.50
N ASN F 98 -42.90 -35.48 -10.33
CA ASN F 98 -43.87 -34.73 -9.54
C ASN F 98 -44.57 -33.67 -10.39
N ILE F 99 -44.92 -34.04 -11.62
CA ILE F 99 -45.59 -33.09 -12.50
C ILE F 99 -46.84 -32.54 -11.86
N LEU F 100 -47.63 -33.40 -11.22
CA LEU F 100 -48.95 -32.96 -10.76
C LEU F 100 -48.86 -31.94 -9.63
N VAL F 101 -47.73 -31.90 -8.91
CA VAL F 101 -47.55 -30.89 -7.88
C VAL F 101 -47.75 -29.52 -8.50
N GLN F 102 -47.61 -29.45 -9.82
CA GLN F 102 -47.75 -28.16 -10.49
C GLN F 102 -49.16 -27.61 -10.33
N LEU F 103 -50.14 -28.51 -10.27
CA LEU F 103 -51.53 -28.10 -10.13
C LEU F 103 -51.71 -27.04 -9.05
N LYS F 104 -51.01 -27.20 -7.93
CA LYS F 104 -51.11 -26.19 -6.87
C LYS F 104 -50.57 -24.85 -7.34
N LEU F 105 -49.55 -24.85 -8.21
CA LEU F 105 -49.02 -23.59 -8.73
C LEU F 105 -49.99 -22.98 -9.74
N VAL F 106 -50.71 -23.81 -10.47
CA VAL F 106 -51.79 -23.30 -11.32
C VAL F 106 -52.81 -22.55 -10.47
N GLU F 107 -53.35 -23.22 -9.45
CA GLU F 107 -54.35 -22.61 -8.57
C GLU F 107 -53.89 -21.24 -8.10
N ALA F 108 -52.64 -21.14 -7.66
CA ALA F 108 -52.13 -19.86 -7.17
C ALA F 108 -52.03 -18.83 -8.28
N ILE F 109 -51.71 -19.26 -9.50
CA ILE F 109 -51.68 -18.30 -10.60
C ILE F 109 -53.09 -17.83 -10.90
N LYS F 110 -54.05 -18.74 -10.92
CA LYS F 110 -55.45 -18.34 -11.13
C LYS F 110 -55.87 -17.29 -10.10
N GLU F 111 -55.64 -17.57 -8.82
CA GLU F 111 -56.01 -16.63 -7.77
C GLU F 111 -55.19 -15.35 -7.80
N ALA F 112 -54.15 -15.27 -8.63
CA ALA F 112 -53.34 -14.05 -8.63
C ALA F 112 -53.74 -13.10 -9.73
N GLY F 113 -54.15 -13.64 -10.88
CA GLY F 113 -54.76 -12.85 -11.94
C GLY F 113 -53.79 -12.08 -12.81
N ASN F 114 -52.66 -11.68 -12.25
CA ASN F 114 -51.73 -10.80 -12.93
C ASN F 114 -50.75 -11.51 -13.86
N VAL F 115 -50.93 -12.81 -14.09
CA VAL F 115 -49.91 -13.60 -14.78
C VAL F 115 -50.12 -13.50 -16.29
N LYS F 116 -49.25 -12.76 -16.97
CA LYS F 116 -49.32 -12.68 -18.42
C LYS F 116 -49.23 -14.05 -19.08
N ARG F 117 -48.34 -14.91 -18.60
CA ARG F 117 -48.06 -16.16 -19.30
C ARG F 117 -47.45 -17.17 -18.34
N PHE F 118 -47.78 -18.43 -18.57
CA PHE F 118 -47.22 -19.54 -17.80
C PHE F 118 -46.66 -20.59 -18.74
N LEU F 119 -45.40 -20.97 -18.50
CA LEU F 119 -44.79 -22.09 -19.21
C LEU F 119 -44.70 -23.26 -18.24
N PRO F 120 -45.49 -24.30 -18.40
CA PRO F 120 -45.40 -25.45 -17.50
C PRO F 120 -44.20 -26.32 -17.86
N SER F 121 -43.99 -27.36 -17.06
CA SER F 121 -42.84 -28.24 -17.25
C SER F 121 -43.13 -29.23 -18.38
N GLU F 122 -42.81 -28.83 -19.62
CA GLU F 122 -42.98 -29.69 -20.78
C GLU F 122 -41.60 -30.16 -21.22
N PHE F 123 -40.98 -29.51 -22.20
CA PHE F 123 -39.56 -29.68 -22.52
C PHE F 123 -39.22 -31.09 -23.01
N GLY F 124 -40.16 -31.73 -23.71
CA GLY F 124 -39.99 -33.12 -24.08
C GLY F 124 -40.91 -33.52 -25.19
N MET F 125 -41.27 -34.80 -25.19
CA MET F 125 -42.25 -35.30 -26.14
C MET F 125 -43.58 -34.57 -25.95
N ASP F 126 -44.27 -34.33 -27.06
CA ASP F 126 -45.54 -33.62 -27.03
C ASP F 126 -46.61 -34.49 -26.40
N PRO F 127 -47.13 -34.14 -25.23
CA PRO F 127 -48.06 -35.02 -24.54
C PRO F 127 -49.25 -35.37 -25.40
N PRO F 128 -49.90 -34.39 -26.05
CA PRO F 128 -51.11 -34.70 -26.80
C PRO F 128 -50.92 -35.67 -27.95
N ARG F 129 -49.69 -35.96 -28.36
CA ARG F 129 -49.47 -36.92 -29.44
C ARG F 129 -49.13 -38.30 -28.92
N MET F 130 -49.15 -38.50 -27.59
CA MET F 130 -48.60 -39.70 -26.98
C MET F 130 -49.67 -40.62 -26.41
N GLY F 131 -50.94 -40.34 -26.68
CA GLY F 131 -52.04 -41.08 -26.08
C GLY F 131 -51.90 -42.58 -26.16
N HIS F 132 -51.15 -43.07 -27.14
CA HIS F 132 -50.98 -44.50 -27.33
C HIS F 132 -49.77 -45.06 -26.60
N ALA F 133 -49.17 -44.28 -25.69
CA ALA F 133 -47.89 -44.60 -25.12
C ALA F 133 -47.97 -45.81 -24.19
N LEU F 134 -46.80 -46.42 -23.98
CA LEU F 134 -46.66 -47.59 -23.12
C LEU F 134 -46.55 -47.16 -21.66
N PRO F 135 -47.49 -47.56 -20.79
CA PRO F 135 -47.27 -47.36 -19.35
C PRO F 135 -46.16 -48.30 -18.89
N PRO F 136 -45.43 -47.96 -17.82
CA PRO F 136 -45.60 -46.77 -16.99
C PRO F 136 -45.09 -45.50 -17.66
N GLY F 137 -44.29 -45.64 -18.72
CA GLY F 137 -43.79 -44.47 -19.41
C GLY F 137 -44.87 -43.46 -19.69
N ARG F 138 -46.12 -43.93 -19.83
CA ARG F 138 -47.24 -43.11 -20.21
C ARG F 138 -47.57 -42.04 -19.17
N GLU F 139 -47.31 -42.34 -17.89
CA GLU F 139 -47.64 -41.41 -16.81
C GLU F 139 -47.13 -40.01 -17.12
N THR F 140 -45.92 -39.90 -17.66
CA THR F 140 -45.35 -38.59 -17.90
C THR F 140 -46.28 -37.74 -18.76
N PHE F 141 -46.84 -38.34 -19.81
CA PHE F 141 -47.67 -37.56 -20.73
C PHE F 141 -49.05 -37.29 -20.12
N ASP F 142 -49.61 -38.27 -19.42
CA ASP F 142 -50.91 -38.05 -18.80
C ASP F 142 -50.86 -36.85 -17.86
N GLN F 143 -49.86 -36.82 -16.97
CA GLN F 143 -49.84 -35.78 -15.95
C GLN F 143 -49.57 -34.41 -16.56
N LYS F 144 -48.84 -34.35 -17.67
CA LYS F 144 -48.65 -33.06 -18.29
C LYS F 144 -49.91 -32.62 -19.02
N MET F 145 -50.68 -33.57 -19.54
CA MET F 145 -52.00 -33.23 -20.08
C MET F 145 -52.90 -32.71 -18.97
N GLU F 146 -52.96 -33.43 -17.86
CA GLU F 146 -53.73 -32.97 -16.71
C GLU F 146 -53.30 -31.57 -16.28
N VAL F 147 -52.03 -31.20 -16.49
CA VAL F 147 -51.60 -29.86 -16.11
C VAL F 147 -51.97 -28.84 -17.17
N ARG F 148 -51.99 -29.24 -18.45
CA ARG F 148 -52.44 -28.32 -19.48
C ARG F 148 -53.92 -28.00 -19.31
N GLN F 149 -54.73 -29.04 -19.08
CA GLN F 149 -56.15 -28.82 -18.86
C GLN F 149 -56.39 -27.89 -17.69
N ALA F 150 -55.64 -28.04 -16.61
CA ALA F 150 -55.77 -27.09 -15.51
C ALA F 150 -55.48 -25.66 -15.96
N ILE F 151 -54.59 -25.48 -16.94
CA ILE F 151 -54.18 -24.12 -17.32
C ILE F 151 -55.22 -23.48 -18.22
N GLU F 152 -55.58 -24.17 -19.29
CA GLU F 152 -56.54 -23.63 -20.23
C GLU F 152 -57.92 -23.51 -19.57
N ALA F 153 -58.32 -24.53 -18.81
CA ALA F 153 -59.59 -24.53 -18.09
C ALA F 153 -59.61 -23.45 -17.02
N ALA F 154 -58.51 -22.75 -16.83
CA ALA F 154 -58.47 -21.61 -15.94
C ALA F 154 -58.18 -20.32 -16.70
N GLY F 155 -58.11 -20.39 -18.03
CA GLY F 155 -57.83 -19.21 -18.82
C GLY F 155 -56.47 -18.60 -18.58
N ILE F 156 -55.49 -19.41 -18.19
CA ILE F 156 -54.14 -18.88 -18.00
C ILE F 156 -53.43 -18.92 -19.35
N PRO F 157 -52.85 -17.81 -19.80
CA PRO F 157 -52.14 -17.84 -21.07
C PRO F 157 -50.89 -18.69 -20.96
N TYR F 158 -50.62 -19.47 -22.00
CA TYR F 158 -49.56 -20.46 -21.92
C TYR F 158 -48.68 -20.43 -23.16
N THR F 159 -47.50 -21.04 -23.02
CA THR F 159 -46.68 -21.51 -24.12
C THR F 159 -46.14 -22.89 -23.74
N TYR F 160 -46.18 -23.82 -24.69
CA TYR F 160 -45.74 -25.19 -24.45
C TYR F 160 -44.49 -25.41 -25.28
N VAL F 161 -43.35 -25.63 -24.60
CA VAL F 161 -42.07 -25.84 -25.24
C VAL F 161 -41.79 -27.34 -25.33
N VAL F 162 -41.70 -27.86 -26.55
CA VAL F 162 -41.56 -29.29 -26.78
C VAL F 162 -40.63 -29.50 -27.98
N GLY F 163 -40.21 -30.77 -28.17
CA GLY F 163 -39.67 -31.16 -29.45
C GLY F 163 -38.38 -31.96 -29.49
N ALA F 164 -37.49 -31.77 -28.52
CA ALA F 164 -36.11 -32.24 -28.68
C ALA F 164 -35.67 -33.10 -27.50
N CYS F 165 -34.83 -34.09 -27.80
CA CYS F 165 -34.13 -34.84 -26.77
C CYS F 165 -33.04 -34.00 -26.14
N PHE F 166 -32.95 -34.02 -24.81
CA PHE F 166 -31.82 -33.39 -24.13
C PHE F 166 -30.54 -34.09 -24.60
N ALA F 167 -29.61 -33.30 -25.14
CA ALA F 167 -28.39 -33.88 -25.70
C ALA F 167 -27.69 -34.78 -24.71
N ALA F 168 -27.66 -34.39 -23.43
CA ALA F 168 -26.88 -35.13 -22.45
C ALA F 168 -27.38 -36.56 -22.28
N TYR F 169 -28.70 -36.77 -22.40
CA TYR F 169 -29.28 -38.09 -22.17
C TYR F 169 -29.41 -38.91 -23.44
N PHE F 170 -29.24 -38.32 -24.61
CA PHE F 170 -29.52 -39.01 -25.86
C PHE F 170 -28.43 -38.92 -26.89
N ALA F 171 -27.57 -37.90 -26.83
CA ALA F 171 -26.47 -37.74 -27.78
C ALA F 171 -25.13 -38.12 -27.19
N GLY F 172 -24.77 -37.56 -26.04
CA GLY F 172 -23.45 -37.81 -25.49
C GLY F 172 -23.15 -39.28 -25.27
N ASN F 173 -24.17 -40.12 -25.20
CA ASN F 173 -24.00 -41.54 -24.99
C ASN F 173 -24.30 -42.34 -26.24
N LEU F 174 -24.43 -41.68 -27.38
CA LEU F 174 -24.85 -42.38 -28.58
C LEU F 174 -26.15 -43.14 -28.30
N SER F 175 -26.99 -42.58 -27.45
CA SER F 175 -28.32 -43.13 -27.20
C SER F 175 -28.28 -44.47 -26.51
N GLN F 176 -27.15 -44.88 -25.94
CA GLN F 176 -27.10 -46.07 -25.11
C GLN F 176 -27.74 -45.77 -23.75
N MET F 177 -28.43 -46.76 -23.20
CA MET F 177 -29.18 -46.52 -21.98
C MET F 177 -28.31 -46.76 -20.76
N VAL F 178 -28.67 -46.10 -19.66
CA VAL F 178 -28.00 -46.36 -18.39
C VAL F 178 -26.51 -46.00 -18.49
N THR F 179 -26.18 -45.08 -19.38
CA THR F 179 -24.86 -44.48 -19.40
C THR F 179 -25.00 -43.12 -20.05
N LEU F 180 -24.02 -42.27 -19.79
CA LEU F 180 -24.03 -40.91 -20.29
C LEU F 180 -22.75 -40.56 -21.03
N LEU F 181 -21.86 -41.52 -21.26
CA LEU F 181 -20.65 -41.31 -22.03
C LEU F 181 -20.67 -42.23 -23.24
N PRO F 182 -19.94 -41.89 -24.30
CA PRO F 182 -19.95 -42.75 -25.49
C PRO F 182 -19.34 -44.11 -25.17
N PRO F 183 -19.85 -45.17 -25.79
CA PRO F 183 -19.23 -46.49 -25.59
C PRO F 183 -17.85 -46.50 -26.23
N LYS F 184 -17.01 -47.43 -25.75
CA LYS F 184 -15.64 -47.47 -26.23
C LYS F 184 -15.46 -48.33 -27.47
N GLU F 185 -16.15 -49.47 -27.54
CA GLU F 185 -15.93 -50.47 -28.60
C GLU F 185 -17.21 -50.90 -29.29
N LYS F 186 -18.30 -51.07 -28.54
CA LYS F 186 -19.53 -51.62 -29.07
C LYS F 186 -20.67 -50.66 -28.81
N VAL F 187 -21.60 -50.60 -29.76
CA VAL F 187 -22.78 -49.75 -29.63
C VAL F 187 -23.99 -50.53 -30.13
N ASN F 188 -25.12 -50.39 -29.44
CA ASN F 188 -26.38 -50.94 -29.90
C ASN F 188 -27.09 -49.93 -30.77
N ILE F 189 -27.51 -50.36 -31.95
CA ILE F 189 -28.30 -49.53 -32.84
C ILE F 189 -29.74 -50.02 -32.76
N TYR F 190 -30.67 -49.08 -32.63
CA TYR F 190 -32.06 -49.42 -32.40
C TYR F 190 -32.73 -49.62 -33.75
N GLY F 191 -33.09 -50.88 -34.04
CA GLY F 191 -33.58 -51.20 -35.36
C GLY F 191 -32.46 -51.06 -36.36
N ASP F 192 -32.77 -50.42 -37.48
CA ASP F 192 -31.75 -50.12 -38.47
C ASP F 192 -31.06 -48.79 -38.20
N GLY F 193 -31.46 -48.08 -37.15
CA GLY F 193 -30.79 -46.86 -36.83
C GLY F 193 -31.00 -45.76 -37.84
N ASN F 194 -32.09 -45.80 -38.58
CA ASN F 194 -32.33 -44.75 -39.56
C ASN F 194 -33.70 -44.13 -39.36
N VAL F 195 -34.08 -43.97 -38.10
CA VAL F 195 -35.26 -43.22 -37.70
C VAL F 195 -34.80 -41.85 -37.23
N LYS F 196 -35.36 -40.79 -37.81
CA LYS F 196 -34.93 -39.45 -37.47
C LYS F 196 -35.35 -39.09 -36.04
N VAL F 197 -34.42 -38.43 -35.32
CA VAL F 197 -34.61 -37.99 -33.95
C VAL F 197 -34.16 -36.52 -33.89
N VAL F 198 -34.64 -35.81 -32.88
CA VAL F 198 -34.31 -34.41 -32.66
C VAL F 198 -33.45 -34.32 -31.40
N PHE F 199 -32.28 -33.70 -31.53
CA PHE F 199 -31.34 -33.49 -30.43
C PHE F 199 -31.13 -31.99 -30.25
N ALA F 200 -31.00 -31.55 -29.00
CA ALA F 200 -30.62 -30.16 -28.77
C ALA F 200 -29.82 -30.04 -27.49
N ASP F 201 -28.75 -29.25 -27.54
CA ASP F 201 -28.02 -28.89 -26.33
C ASP F 201 -28.96 -28.18 -25.37
N GLU F 202 -28.97 -28.62 -24.11
CA GLU F 202 -29.95 -28.12 -23.16
C GLU F 202 -29.78 -26.64 -22.88
N ASP F 203 -28.61 -26.07 -23.17
CA ASP F 203 -28.46 -24.64 -23.07
C ASP F 203 -29.21 -23.90 -24.18
N ASP F 204 -29.30 -24.49 -25.37
CA ASP F 204 -30.10 -23.88 -26.40
C ASP F 204 -31.58 -23.98 -26.05
N ILE F 205 -32.00 -25.12 -25.53
CA ILE F 205 -33.35 -25.24 -25.02
C ILE F 205 -33.64 -24.13 -24.00
N ALA F 206 -32.68 -23.84 -23.13
CA ALA F 206 -32.89 -22.81 -22.12
C ALA F 206 -32.89 -21.43 -22.76
N LYS F 207 -31.94 -21.14 -23.65
CA LYS F 207 -31.96 -19.87 -24.36
C LYS F 207 -33.28 -19.68 -25.10
N TYR F 208 -33.64 -20.65 -25.94
CA TYR F 208 -34.91 -20.57 -26.65
C TYR F 208 -36.05 -20.25 -25.69
N THR F 209 -36.04 -20.89 -24.51
CA THR F 209 -37.12 -20.67 -23.56
C THR F 209 -37.15 -19.23 -23.10
N ALA F 210 -35.99 -18.69 -22.71
CA ALA F 210 -35.95 -17.30 -22.29
C ALA F 210 -36.49 -16.39 -23.38
N LYS F 211 -36.29 -16.74 -24.65
CA LYS F 211 -36.64 -15.81 -25.70
C LYS F 211 -38.12 -15.89 -26.03
N THR F 212 -38.68 -17.09 -25.99
CA THR F 212 -40.06 -17.27 -26.40
C THR F 212 -41.06 -16.83 -25.33
N LEU F 213 -40.63 -16.73 -24.07
CA LEU F 213 -41.59 -16.54 -22.99
C LEU F 213 -42.28 -15.17 -23.03
N ASN F 214 -41.73 -14.19 -23.73
CA ASN F 214 -42.47 -12.95 -23.95
C ASN F 214 -42.53 -12.61 -25.43
N ASP F 215 -42.53 -13.63 -26.29
CA ASP F 215 -42.64 -13.43 -27.72
C ASP F 215 -44.11 -13.51 -28.12
N PRO F 216 -44.72 -12.42 -28.60
CA PRO F 216 -46.14 -12.49 -28.96
C PRO F 216 -46.48 -13.69 -29.81
N ARG F 217 -45.62 -14.01 -30.79
CA ARG F 217 -45.94 -15.09 -31.72
C ARG F 217 -46.21 -16.40 -31.01
N THR F 218 -45.78 -16.54 -29.75
CA THR F 218 -45.83 -17.83 -29.07
C THR F 218 -46.83 -17.84 -27.93
N LEU F 219 -47.65 -16.80 -27.81
CA LEU F 219 -48.73 -16.81 -26.85
C LEU F 219 -49.76 -17.88 -27.23
N ASN F 220 -50.15 -18.68 -26.24
CA ASN F 220 -51.10 -19.77 -26.44
C ASN F 220 -50.73 -20.63 -27.63
N LYS F 221 -49.46 -21.02 -27.68
CA LYS F 221 -48.91 -21.81 -28.76
C LYS F 221 -47.99 -22.89 -28.20
N THR F 222 -47.98 -24.04 -28.86
CA THR F 222 -46.91 -25.02 -28.70
C THR F 222 -45.73 -24.61 -29.58
N VAL F 223 -44.56 -24.40 -28.96
CA VAL F 223 -43.33 -24.09 -29.69
C VAL F 223 -42.50 -25.36 -29.80
N ASN F 224 -41.97 -25.61 -30.99
CA ASN F 224 -41.18 -26.80 -31.27
C ASN F 224 -39.71 -26.44 -31.38
N ILE F 225 -38.88 -27.14 -30.60
CA ILE F 225 -37.44 -27.06 -30.74
C ILE F 225 -37.07 -28.19 -31.70
N ARG F 226 -36.78 -27.85 -32.94
CA ARG F 226 -36.42 -28.84 -33.94
C ARG F 226 -35.41 -28.23 -34.90
N PRO F 227 -34.19 -27.95 -34.42
CA PRO F 227 -33.18 -27.34 -35.30
C PRO F 227 -32.78 -28.31 -36.38
N PRO F 228 -32.82 -27.87 -37.64
CA PRO F 228 -32.69 -28.82 -38.75
C PRO F 228 -31.38 -29.58 -38.78
N ASP F 229 -30.26 -28.98 -38.35
CA ASP F 229 -29.00 -29.71 -38.38
C ASP F 229 -28.91 -30.75 -37.28
N ASN F 230 -29.83 -30.73 -36.31
CA ASN F 230 -29.85 -31.68 -35.21
C ASN F 230 -30.95 -32.72 -35.35
N VAL F 231 -31.57 -32.80 -36.53
CA VAL F 231 -32.49 -33.89 -36.86
C VAL F 231 -31.63 -35.00 -37.48
N LEU F 232 -31.34 -36.04 -36.69
CA LEU F 232 -30.43 -37.07 -37.12
C LEU F 232 -30.98 -38.43 -36.77
N THR F 233 -30.58 -39.45 -37.52
CA THR F 233 -30.85 -40.80 -37.10
C THR F 233 -29.78 -41.25 -36.10
N GLN F 234 -30.00 -42.41 -35.50
CA GLN F 234 -29.03 -42.89 -34.55
C GLN F 234 -27.73 -43.22 -35.26
N LEU F 235 -27.82 -43.95 -36.37
CA LEU F 235 -26.64 -44.29 -37.13
C LEU F 235 -25.86 -43.03 -37.52
N GLU F 236 -26.57 -41.99 -37.97
CA GLU F 236 -25.88 -40.74 -38.29
C GLU F 236 -25.17 -40.17 -37.06
N LEU F 237 -25.81 -40.22 -35.90
CA LEU F 237 -25.17 -39.69 -34.70
C LEU F 237 -23.93 -40.49 -34.38
N VAL F 238 -24.01 -41.81 -34.53
CA VAL F 238 -22.84 -42.64 -34.29
C VAL F 238 -21.74 -42.32 -35.30
N GLN F 239 -22.12 -42.06 -36.54
CA GLN F 239 -21.09 -41.81 -37.55
C GLN F 239 -20.41 -40.48 -37.32
N ILE F 240 -21.12 -39.51 -36.74
CA ILE F 240 -20.45 -38.28 -36.32
C ILE F 240 -19.38 -38.59 -35.30
N TRP F 241 -19.68 -39.45 -34.34
CA TRP F 241 -18.70 -39.76 -33.31
C TRP F 241 -17.53 -40.57 -33.87
N GLU F 242 -17.80 -41.48 -34.80
CA GLU F 242 -16.71 -42.27 -35.36
C GLU F 242 -15.76 -41.40 -36.17
N LYS F 243 -16.29 -40.38 -36.85
CA LYS F 243 -15.42 -39.48 -37.58
C LYS F 243 -14.61 -38.61 -36.62
N LEU F 244 -15.24 -38.14 -35.55
CA LEU F 244 -14.51 -37.42 -34.52
C LEU F 244 -13.36 -38.24 -33.95
N THR F 245 -13.60 -39.51 -33.63
CA THR F 245 -12.58 -40.32 -33.01
C THR F 245 -11.68 -41.03 -34.00
N GLY F 246 -12.14 -41.22 -35.23
CA GLY F 246 -11.47 -42.06 -36.18
C GLY F 246 -11.51 -43.55 -35.85
N LYS F 247 -12.41 -43.98 -34.98
CA LYS F 247 -12.52 -45.40 -34.66
C LYS F 247 -13.88 -45.92 -35.10
N GLU F 248 -13.87 -47.05 -35.79
CA GLU F 248 -15.10 -47.76 -36.15
C GLU F 248 -15.65 -48.51 -34.94
N LEU F 249 -16.92 -48.31 -34.64
CA LEU F 249 -17.54 -49.06 -33.56
C LEU F 249 -18.17 -50.34 -34.11
N GLU F 250 -18.19 -51.37 -33.28
CA GLU F 250 -18.91 -52.58 -33.60
C GLU F 250 -20.38 -52.41 -33.26
N LYS F 251 -21.23 -52.59 -34.25
CA LYS F 251 -22.65 -52.28 -34.14
C LYS F 251 -23.44 -53.59 -34.04
N THR F 252 -24.44 -53.58 -33.18
CA THR F 252 -25.40 -54.66 -33.07
C THR F 252 -26.79 -54.05 -33.16
N ASN F 253 -27.58 -54.47 -34.15
CA ASN F 253 -28.92 -53.93 -34.35
C ASN F 253 -29.91 -54.67 -33.46
N ILE F 254 -30.74 -53.91 -32.74
CA ILE F 254 -31.67 -54.48 -31.79
C ILE F 254 -33.07 -54.35 -32.38
N ALA F 255 -33.69 -55.51 -32.67
CA ALA F 255 -35.06 -55.51 -33.14
C ALA F 255 -36.01 -55.07 -32.04
N ALA F 256 -37.09 -54.42 -32.46
CA ALA F 256 -38.07 -53.88 -31.51
C ALA F 256 -38.50 -54.92 -30.50
N GLN F 257 -38.71 -56.16 -30.94
CA GLN F 257 -39.21 -57.18 -30.02
C GLN F 257 -38.15 -57.52 -28.97
N ASP F 258 -36.89 -57.56 -29.37
CA ASP F 258 -35.84 -57.89 -28.41
C ASP F 258 -35.56 -56.73 -27.48
N PHE F 259 -35.72 -55.50 -27.97
CA PHE F 259 -35.54 -54.34 -27.13
C PHE F 259 -36.55 -54.34 -25.99
N LEU F 260 -37.80 -54.72 -26.29
CA LEU F 260 -38.88 -54.71 -25.32
C LEU F 260 -39.02 -56.01 -24.52
N ALA F 261 -38.29 -57.05 -24.86
CA ALA F 261 -38.49 -58.33 -24.20
C ALA F 261 -38.38 -58.21 -22.68
N ASN F 262 -39.31 -58.87 -21.98
CA ASN F 262 -39.34 -58.96 -20.53
C ASN F 262 -39.41 -57.60 -19.85
N ILE F 263 -39.98 -56.60 -20.53
CA ILE F 263 -40.06 -55.27 -19.94
C ILE F 263 -40.90 -55.28 -18.68
N GLU F 264 -41.82 -56.25 -18.56
CA GLU F 264 -42.69 -56.28 -17.39
C GLU F 264 -41.93 -56.69 -16.13
N GLN F 265 -40.74 -57.25 -16.27
CA GLN F 265 -39.98 -57.73 -15.12
C GLN F 265 -38.89 -56.75 -14.69
N MET F 266 -38.99 -55.48 -15.06
CA MET F 266 -37.94 -54.55 -14.69
C MET F 266 -38.48 -53.46 -13.76
N GLU F 267 -37.56 -52.89 -12.97
CA GLU F 267 -37.93 -51.81 -12.08
C GLU F 267 -38.72 -50.75 -12.83
N ILE F 268 -39.76 -50.21 -12.19
CA ILE F 268 -40.65 -49.28 -12.87
C ILE F 268 -39.89 -48.20 -13.63
N PRO F 269 -38.92 -47.50 -13.03
CA PRO F 269 -38.25 -46.41 -13.76
C PRO F 269 -37.60 -46.86 -15.03
N HIS F 270 -37.09 -48.08 -15.04
CA HIS F 270 -36.49 -48.57 -16.26
C HIS F 270 -37.55 -48.89 -17.31
N GLN F 271 -38.71 -49.37 -16.88
CA GLN F 271 -39.78 -49.57 -17.84
C GLN F 271 -40.17 -48.27 -18.50
N ALA F 272 -40.24 -47.19 -17.72
CA ALA F 272 -40.56 -45.89 -18.30
C ALA F 272 -39.53 -45.47 -19.34
N GLY F 273 -38.25 -45.58 -18.99
CA GLY F 273 -37.22 -45.23 -19.95
C GLY F 273 -37.30 -46.03 -21.23
N ILE F 274 -37.45 -47.34 -21.10
CA ILE F 274 -37.59 -48.16 -22.29
C ILE F 274 -38.78 -47.71 -23.12
N GLY F 275 -39.91 -47.44 -22.48
CA GLY F 275 -41.07 -46.99 -23.24
C GLY F 275 -40.76 -45.75 -24.04
N HIS F 276 -40.12 -44.78 -23.40
CA HIS F 276 -39.80 -43.54 -24.07
C HIS F 276 -38.83 -43.77 -25.22
N PHE F 277 -37.74 -44.50 -24.96
CA PHE F 277 -36.79 -44.77 -26.04
C PHE F 277 -37.49 -45.42 -27.21
N TYR F 278 -38.40 -46.37 -26.94
CA TYR F 278 -39.13 -47.01 -28.02
C TYR F 278 -39.85 -45.97 -28.88
N HIS F 279 -40.57 -45.05 -28.25
CA HIS F 279 -41.31 -44.09 -29.05
C HIS F 279 -40.38 -43.19 -29.83
N ILE F 280 -39.21 -42.88 -29.28
CA ILE F 280 -38.30 -41.95 -29.94
C ILE F 280 -37.58 -42.64 -31.09
N PHE F 281 -36.97 -43.78 -30.84
CA PHE F 281 -36.05 -44.39 -31.80
C PHE F 281 -36.69 -45.45 -32.66
N TYR F 282 -37.74 -46.10 -32.19
CA TYR F 282 -38.41 -47.07 -33.05
C TYR F 282 -39.59 -46.48 -33.79
N GLU F 283 -40.35 -45.60 -33.16
CA GLU F 283 -41.52 -45.02 -33.82
C GLU F 283 -41.28 -43.62 -34.35
N GLY F 284 -40.22 -42.94 -33.92
CA GLY F 284 -39.94 -41.61 -34.45
C GLY F 284 -40.91 -40.52 -34.05
N CYS F 285 -41.48 -40.61 -32.85
CA CYS F 285 -42.49 -39.64 -32.44
C CYS F 285 -42.01 -38.21 -32.50
N LEU F 286 -40.70 -37.98 -32.47
CA LEU F 286 -40.19 -36.62 -32.58
C LEU F 286 -40.19 -36.11 -34.01
N THR F 287 -40.30 -36.99 -34.99
CA THR F 287 -40.19 -36.58 -36.38
C THR F 287 -41.26 -37.17 -37.28
N ASP F 288 -42.33 -37.75 -36.72
CA ASP F 288 -43.40 -38.31 -37.55
C ASP F 288 -44.44 -37.28 -37.96
N HIS F 289 -44.18 -36.01 -37.75
CA HIS F 289 -45.11 -34.95 -38.12
C HIS F 289 -44.30 -33.71 -38.38
N GLU F 290 -44.86 -32.78 -39.14
CA GLU F 290 -44.14 -31.57 -39.50
C GLU F 290 -44.69 -30.39 -38.71
N VAL F 291 -43.99 -29.25 -38.82
CA VAL F 291 -44.33 -28.06 -38.07
C VAL F 291 -43.81 -26.85 -38.84
N GLY F 292 -44.64 -25.81 -38.92
CA GLY F 292 -44.25 -24.65 -39.68
C GLY F 292 -43.18 -23.83 -38.98
N GLU F 293 -42.43 -23.09 -39.79
CA GLU F 293 -41.41 -22.21 -39.23
C GLU F 293 -42.01 -21.24 -38.22
N ASP F 294 -43.27 -20.88 -38.40
CA ASP F 294 -43.92 -19.98 -37.45
C ASP F 294 -44.00 -20.58 -36.04
N GLU F 295 -43.74 -21.88 -35.90
CA GLU F 295 -43.82 -22.58 -34.62
C GLU F 295 -42.58 -23.45 -34.39
N GLU F 296 -41.41 -22.96 -34.80
CA GLU F 296 -40.13 -23.67 -34.62
C GLU F 296 -39.11 -22.68 -34.09
N ALA F 297 -38.54 -22.99 -32.92
CA ALA F 297 -37.74 -22.01 -32.19
C ALA F 297 -36.54 -21.53 -33.00
N SER F 298 -35.84 -22.43 -33.69
CA SER F 298 -34.61 -22.00 -34.35
C SER F 298 -34.91 -21.03 -35.49
N SER F 299 -36.05 -21.20 -36.16
CA SER F 299 -36.49 -20.21 -37.13
C SER F 299 -37.07 -18.97 -36.46
N LEU F 300 -37.81 -19.15 -35.36
CA LEU F 300 -38.30 -17.99 -34.62
C LEU F 300 -37.17 -17.14 -34.05
N TYR F 301 -36.01 -17.75 -33.79
CA TYR F 301 -34.91 -17.07 -33.11
C TYR F 301 -33.60 -17.47 -33.77
N PRO F 302 -33.40 -17.08 -35.03
CA PRO F 302 -32.13 -17.38 -35.70
C PRO F 302 -30.93 -16.70 -35.08
N ASP F 303 -31.12 -15.73 -34.19
CA ASP F 303 -29.95 -15.16 -33.52
C ASP F 303 -29.32 -16.14 -32.52
N VAL F 304 -29.88 -17.33 -32.34
CA VAL F 304 -29.31 -18.35 -31.47
C VAL F 304 -28.49 -19.27 -32.35
N LYS F 305 -27.18 -19.22 -32.15
CA LYS F 305 -26.21 -20.07 -32.85
C LYS F 305 -26.18 -21.43 -32.15
N TYR F 306 -27.11 -22.29 -32.53
CA TYR F 306 -27.36 -23.48 -31.74
C TYR F 306 -26.29 -24.54 -31.99
N LYS F 307 -25.95 -25.26 -30.94
CA LYS F 307 -24.80 -26.16 -30.96
C LYS F 307 -25.17 -27.45 -31.70
N ARG F 308 -24.54 -27.67 -32.86
CA ARG F 308 -24.71 -28.90 -33.61
C ARG F 308 -24.08 -30.06 -32.86
N MET F 309 -24.43 -31.28 -33.26
CA MET F 309 -24.05 -32.42 -32.44
C MET F 309 -22.57 -32.76 -32.56
N ASP F 310 -21.93 -32.40 -33.67
CA ASP F 310 -20.49 -32.60 -33.73
C ASP F 310 -19.76 -31.72 -32.71
N ASP F 311 -20.21 -30.48 -32.54
CA ASP F 311 -19.62 -29.66 -31.49
C ASP F 311 -19.97 -30.17 -30.10
N TYR F 312 -21.18 -30.70 -29.95
CA TYR F 312 -21.58 -31.27 -28.67
C TYR F 312 -20.73 -32.49 -28.33
N LEU F 313 -20.64 -33.45 -29.25
CA LEU F 313 -19.90 -34.68 -28.98
C LEU F 313 -18.42 -34.42 -28.73
N ARG F 314 -17.92 -33.30 -29.24
CA ARG F 314 -16.50 -32.97 -29.16
C ARG F 314 -16.05 -32.78 -27.71
N MET F 315 -16.96 -32.40 -26.82
CA MET F 315 -16.56 -32.25 -25.43
C MET F 315 -16.29 -33.59 -24.77
N PHE F 316 -16.60 -34.69 -25.44
CA PHE F 316 -16.36 -36.01 -24.90
C PHE F 316 -15.04 -36.61 -25.36
N LEU F 317 -14.32 -35.95 -26.26
CA LEU F 317 -13.11 -36.51 -26.83
C LEU F 317 -11.97 -36.59 -25.83
CAY GFR G . -5.90 29.39 -15.64
OAX GFR G . -6.71 29.54 -16.81
CAV GFR G . -7.99 29.05 -16.62
CAW GFR G . -8.45 28.49 -15.42
CAU GFR G . -8.85 29.15 -17.71
OAZ GFR G . -8.36 29.71 -18.85
CAT GFR G . -10.14 28.67 -17.62
CAS GFR G . -10.60 28.11 -16.42
CAR GFR G . -9.76 27.99 -15.32
CAN GFR G . -10.25 27.43 -14.11
CAO GFR G . -11.66 27.65 -14.04
CAP GFR G . -12.08 29.07 -13.93
OAQ GFR G . -13.50 28.88 -13.82
OAM GFR G . -10.21 25.97 -13.73
CAL GFR G . -10.86 26.42 -12.53
CAK GFR G . -12.31 27.10 -12.80
CAJ GFR G . -12.21 27.29 -11.31
CAE GFR G . -13.31 26.93 -10.63
CAD GFR G . -13.38 27.71 -9.50
CAF GFR G . -14.34 26.08 -11.01
CAG GFR G . -15.43 25.96 -10.16
CAH GFR G . -15.49 26.73 -9.00
OAI GFR G . -16.54 26.68 -8.10
CAC GFR G . -14.46 27.62 -8.67
OAB GFR G . -14.51 28.34 -7.52
CAA GFR G . -13.32 29.15 -7.38
PA NDP H . -12.01 16.27 -12.69
O1A NDP H . -11.97 16.91 -14.04
O2A NDP H . -10.61 15.93 -12.29
O5B NDP H . -12.90 14.91 -12.71
C5B NDP H . -13.18 14.42 -11.44
C4B NDP H . -13.85 13.04 -11.58
O4B NDP H . -15.05 13.16 -12.07
C3B NDP H . -13.15 12.19 -12.63
O3B NDP H . -11.98 11.70 -12.13
C2B NDP H . -14.20 11.08 -12.82
O2B NDP H . -14.09 10.10 -11.72
C1B NDP H . -15.36 11.67 -12.63
N9A NDP H . -16.11 11.81 -13.86
C8A NDP H . -16.04 12.58 -14.94
N7A NDP H . -17.04 12.24 -15.74
C5A NDP H . -17.73 11.26 -15.13
C6A NDP H . -18.85 10.56 -15.55
N6A NDP H . -19.67 10.64 -16.77
N1A NDP H . -19.37 9.61 -14.79
C2A NDP H . -18.80 9.32 -13.60
N3A NDP H . -17.71 10.02 -13.18
C4A NDP H . -17.17 10.99 -13.96
O3 NDP H . -12.73 17.20 -11.54
PN NDP H . -11.99 18.41 -10.70
O1N NDP H . -11.12 17.83 -9.63
O2N NDP H . -11.27 19.31 -11.68
O5D NDP H . -13.24 19.22 -10.00
C5D NDP H . -13.93 18.55 -8.97
C4D NDP H . -14.69 19.63 -8.14
O4D NDP H . -13.86 20.58 -7.82
C3D NDP H . -15.76 20.28 -9.04
O3D NDP H . -16.86 20.56 -8.33
C2D NDP H . -15.12 21.59 -9.50
O2D NDP H . -16.21 22.55 -9.76
C1D NDP H . -14.40 21.93 -8.48
N1N NDP H . -13.22 22.69 -8.75
C2N NDP H . -12.93 23.82 -7.95
C3N NDP H . -11.71 24.64 -8.21
C7N NDP H . -11.45 25.89 -7.36
O7N NDP H . -11.96 26.06 -6.31
N7N NDP H . -10.54 26.85 -7.89
C4N NDP H . -10.94 24.53 -9.53
C5N NDP H . -11.20 23.19 -10.27
C6N NDP H . -12.34 22.29 -9.80
P2B NDP H . -13.24 8.72 -11.84
O1X NDP H . -11.96 8.90 -11.09
O2X NDP H . -14.09 7.67 -11.17
O3X NDP H . -12.97 8.41 -13.29
H51A NDP H . -13.78 15.04 -10.99
H52A NDP H . -12.35 14.34 -10.93
H4B NDP H . -13.88 12.58 -10.72
H3B NDP H . -13.00 12.69 -13.44
HO3A NDP H . -12.14 11.25 -11.42
H2B NDP H . -14.15 10.68 -13.70
H1B NDP H . -15.87 11.17 -11.97
H8A NDP H . -15.41 13.24 -15.10
H61A NDP H . -19.55 10.08 -17.41
H62A NDP H . -20.28 11.24 -16.83
H2A NDP H . -19.17 8.66 -13.06
H51N NDP H . -13.30 18.08 -8.40
H52N NDP H . -14.55 17.92 -9.35
H4D NDP H . -15.10 19.24 -7.35
H3D NDP H . -15.96 19.71 -9.80
HO3N NDP H . -17.49 20.01 -8.53
H2D NDP H . -14.56 21.45 -10.29
HO2N NDP H . -16.76 22.51 -9.12
H1D NDP H . -14.97 22.41 -7.83
H2N NDP H . -13.50 24.04 -7.25
H71N NDP H . -10.36 27.57 -7.44
H72N NDP H . -10.17 26.73 -8.65
H41N NDP H . -9.99 24.60 -9.33
H42N NDP H . -11.19 25.27 -10.10
H5N NDP H . -10.56 22.87 -10.87
H6N NDP H . -12.46 21.46 -10.21
CAY GFR I . -4.12 -3.45 -24.12
OAX GFR I . -4.96 -3.04 -25.20
CAV GFR I . -4.24 -2.37 -26.18
CAW GFR I . -2.86 -2.11 -26.10
CAU GFR I . -4.99 -1.94 -27.27
OAZ GFR I . -6.34 -2.22 -27.29
CAT GFR I . -4.36 -1.25 -28.31
CAS GFR I . -2.99 -0.99 -28.24
CAR GFR I . -2.23 -1.39 -27.13
CAN GFR I . -0.83 -1.13 -27.12
CAO GFR I . -0.34 -1.25 -28.46
CAP GFR I . -0.49 -2.64 -29.00
OAQ GFR I . 0.09 -2.51 -30.29
OAM GFR I . -0.17 0.19 -26.72
CAL GFR I . 1.04 -0.50 -27.00
CAK GFR I . 1.16 -0.99 -28.59
CAJ GFR I . 2.46 -1.56 -28.05
CAE GFR I . 3.57 -1.26 -28.76
CAD GFR I . 4.46 -2.30 -28.66
CAF GFR I . 3.82 -0.19 -29.61
CAG GFR I . 5.02 -0.15 -30.31
CAH GFR I . 5.93 -1.20 -30.18
OAI GFR I . 7.13 -1.25 -30.83
CAC GFR I . 5.65 -2.27 -29.36
OAB GFR I . 6.55 -3.29 -29.20
CAA GFR I . 6.04 -4.26 -28.26
PA NDP J . 3.42 9.17 -24.90
O1A NDP J . 2.20 8.89 -25.73
O2A NDP J . 3.19 9.06 -23.43
O5B NDP J . 4.05 10.62 -25.30
C5B NDP J . 5.36 10.78 -24.87
C4B NDP J . 5.82 12.23 -25.14
O4B NDP J . 5.85 12.50 -26.40
C3B NDP J . 4.82 13.21 -24.58
O3B NDP J . 4.95 13.28 -23.23
C2B NDP J . 5.27 14.50 -25.30
O2B NDP J . 6.43 15.09 -24.62
C1B NDP J . 5.77 14.11 -26.44
N9A NDP J . 4.93 14.43 -27.57
C8A NDP J . 3.83 13.97 -28.14
N7A NDP J . 3.59 14.72 -29.21
C5A NDP J . 4.56 15.65 -29.27
C6A NDP J . 4.77 16.65 -30.18
N6A NDP J . 4.05 17.10 -31.39
N1A NDP J . 5.80 17.47 -30.05
C2A NDP J . 6.67 17.30 -29.02
N3A NDP J . 6.47 16.29 -28.12
C4A NDP J . 5.41 15.48 -28.26
O3 NDP J . 4.62 8.16 -25.36
PN NDP J . 4.80 6.62 -24.84
O1N NDP J . 5.44 6.64 -23.48
O2N NDP J . 3.50 5.89 -24.87
O5D NDP J . 5.78 5.95 -26.00
C5D NDP J . 7.14 6.27 -26.00
C4D NDP J . 7.82 5.10 -26.78
O4D NDP J . 7.52 3.98 -26.18
C3D NDP J . 7.22 5.03 -28.18
O3D NDP J . 8.17 4.87 -29.15
C2D NDP J . 6.34 3.78 -28.15
O2D NDP J . 6.36 3.17 -29.51
C1D NDP J . 6.93 2.99 -27.29
N1N NDP J . 6.03 2.08 -26.63
C2N NDP J . 6.30 0.70 -26.62
C3N NDP J . 5.53 -0.18 -25.71
C7N NDP J . 5.99 -1.62 -25.53
O7N NDP J . 7.14 -1.93 -25.70
N7N NDP J . 4.97 -2.55 -25.10
C4N NDP J . 4.09 0.14 -25.32
C5N NDP J . 3.79 1.66 -25.39
C6N NDP J . 4.86 2.59 -25.97
P2B NDP J . 6.20 16.14 -23.40
O1X NDP J . 6.35 15.42 -22.09
O2X NDP J . 7.27 17.18 -23.54
O3X NDP J . 4.82 16.72 -23.53
H51A NDP J . 5.94 10.16 -25.36
H52A NDP J . 5.43 10.58 -23.92
H4B NDP J . 6.70 12.38 -24.74
H3B NDP J . 3.92 12.97 -24.83
HO3A NDP J . 5.76 13.47 -23.03
H2B NDP J . 4.55 15.14 -25.43
H1B NDP J . 6.66 14.48 -26.56
H8A NDP J . 3.33 13.25 -27.85
H61A NDP J . 3.52 17.77 -31.33
H62A NDP J . 4.15 16.68 -32.13
H2A NDP J . 7.41 17.85 -28.93
H51N NDP J . 7.48 6.31 -25.09
H52N NDP J . 7.28 7.11 -26.46
H4D NDP J . 8.79 5.22 -26.82
H3D NDP J . 6.68 5.82 -28.37
HO3N NDP J . 8.42 5.63 -29.43
H2D NDP J . 5.43 4.00 -27.87
HO2N NDP J . 7.16 3.11 -29.78
H1D NDP J . 7.65 2.50 -27.72
H2N NDP J . 7.06 0.37 -27.06
H71N NDP J . 5.16 -3.38 -24.97
H72N NDP J . 4.17 -2.28 -24.97
H41N NDP J . 3.93 -0.18 -24.41
H42N NDP J . 3.48 -0.33 -25.93
H5N NDP J . 3.09 2.01 -24.89
H6N NDP J . 4.75 3.51 -25.90
CAY GFR K . 42.71 26.53 26.47
OAX GFR K . 43.66 25.74 25.76
CAV GFR K . 43.67 25.94 24.40
CAW GFR K . 42.83 26.85 23.74
CAU GFR K . 44.59 25.17 23.68
OAZ GFR K . 45.36 24.30 24.37
CAT GFR K . 44.66 25.32 22.29
CAS GFR K . 43.83 26.24 21.64
CAR GFR K . 42.89 27.00 22.33
CAN GFR K . 42.02 27.93 21.67
CAO GFR K . 42.69 28.49 20.58
CAP GFR K . 43.85 29.36 20.96
OAQ GFR K . 44.18 29.79 19.63
OAM GFR K . 40.72 27.56 20.96
CAL GFR K . 40.65 28.98 20.70
CAK GFR K . 41.87 29.49 19.79
CAJ GFR K . 41.16 30.81 20.03
CAE GFR K . 41.08 31.54 18.89
CAD GFR K . 41.34 32.87 19.18
CAF GFR K . 40.94 31.10 17.57
CAG GFR K . 40.99 32.06 16.54
CAH GFR K . 41.23 33.41 16.85
OAI GFR K . 41.30 34.39 15.91
CAC GFR K . 41.43 33.79 18.18
OAB GFR K . 41.61 35.12 18.48
CAA GFR K . 41.66 35.31 19.90
PA NDP L . 32.81 25.08 15.79
O1A NDP L . 33.96 24.17 15.90
O2A NDP L . 31.96 24.95 17.00
O5B NDP L . 32.09 24.74 14.35
C5B NDP L . 31.09 25.63 13.97
C4B NDP L . 30.30 25.04 12.77
O4B NDP L . 31.07 24.87 11.73
C3B NDP L . 29.82 23.63 13.07
O3B NDP L . 28.76 23.67 13.91
C2B NDP L . 29.41 23.22 11.63
O2B NDP L . 28.07 23.81 11.41
C1B NDP L . 30.23 23.84 10.82
N9A NDP L . 31.19 22.98 10.16
C8A NDP L . 32.32 22.36 10.49
N7A NDP L . 32.77 21.72 9.41
C5A NDP L . 31.91 21.95 8.40
C6A NDP L . 31.92 21.51 7.09
N6A NDP L . 32.85 20.66 6.32
N1A NDP L . 30.95 21.87 6.26
C2A NDP L . 29.96 22.66 6.70
N3A NDP L . 29.94 23.09 8.01
C4A NDP L . 30.93 22.73 8.85
O3 NDP L . 33.26 26.65 15.58
PN NDP L . 33.73 27.71 16.75
O1N NDP L . 32.50 28.25 17.44
O2N NDP L . 34.67 27.05 17.73
O5D NDP L . 34.54 28.86 15.87
C5D NDP L . 33.76 29.68 15.07
C4D NDP L . 34.57 30.97 14.82
O4D NDP L . 34.90 31.46 15.99
C3D NDP L . 35.90 30.64 14.11
O3D NDP L . 36.23 31.63 13.26
C2D NDP L . 36.92 30.58 15.25
O2D NDP L . 38.28 30.86 14.73
C1D NDP L . 36.49 31.53 16.03
N1N NDP L . 36.84 31.36 17.40
C2N NDP L . 37.36 32.45 18.09
C3N NDP L . 37.75 32.33 19.52
C7N NDP L . 38.28 33.55 20.29
O7N NDP L . 38.18 34.66 19.89
N7N NDP L . 38.89 33.27 21.55
C4N NDP L . 37.80 30.98 20.25
C5N NDP L . 37.14 29.84 19.45
C6N NDP L . 36.60 30.13 18.04
P2B NDP L . 26.69 22.99 11.65
O1X NDP L . 26.06 23.60 12.88
O2X NDP L . 25.82 23.21 10.45
O3X NDP L . 26.98 21.53 11.83
H51A NDP L . 31.48 26.48 13.72
H52A NDP L . 30.48 25.77 14.72
H4B NDP L . 29.55 25.61 12.55
H3B NDP L . 30.53 23.07 13.40
HO3A NDP L . 28.20 24.24 13.63
H2B NDP L . 29.42 22.26 11.50
H1B NDP L . 29.72 24.33 10.15
H8A NDP L . 32.73 22.38 11.33
H61A NDP L . 32.65 19.84 6.18
H62A NDP L . 33.57 20.99 6.01
H2A NDP L . 29.27 22.91 6.13
H51N NDP L . 32.92 29.89 15.52
H52N NDP L . 33.56 29.24 14.22
H4D NDP L . 34.06 31.62 14.31
H3D NDP L . 35.84 29.79 13.66
HO3N NDP L . 36.13 31.36 12.46
H2D NDP L . 36.89 29.73 15.71
HO2N NDP L . 38.25 31.54 14.21
H1D NDP L . 36.80 32.39 15.71
H2N NDP L . 37.48 33.26 17.65
H71N NDP L . 39.20 33.91 22.02
H72N NDP L . 38.95 32.46 21.83
H41N NDP L . 37.35 31.07 21.10
H42N NDP L . 38.73 30.75 20.40
H5N NDP L . 37.22 28.96 19.75
H6N NDP L . 36.13 29.47 17.59
CAY GFR M . 18.99 5.53 14.47
OAX GFR M . 20.10 4.85 13.89
CAV GFR M . 20.81 4.11 14.81
CAW GFR M . 20.46 4.01 16.17
CAU GFR M . 21.93 3.40 14.33
OAZ GFR M . 22.25 3.53 13.00
CAT GFR M . 22.70 2.63 15.20
CAS GFR M . 22.36 2.55 16.54
CAR GFR M . 21.25 3.25 17.05
CAN GFR M . 20.92 3.10 18.42
CAO GFR M . 21.51 1.87 18.89
CAP GFR M . 20.93 0.62 18.27
OAQ GFR M . 21.68 -0.37 18.99
OAM GFR M . 21.37 4.04 19.56
CAL GFR M . 20.62 3.12 20.35
CAK GFR M . 21.24 1.60 20.32
CAJ GFR M . 20.03 1.39 21.18
CAE GFR M . 20.22 0.63 22.29
CAD GFR M . 19.01 0.12 22.66
CAF GFR M . 21.42 0.23 22.87
CAG GFR M . 21.34 -0.66 23.95
CAH GFR M . 20.10 -1.15 24.35
OAI GFR M . 19.96 -2.03 25.37
CAC GFR M . 18.94 -0.76 23.69
OAB GFR M . 17.71 -1.22 24.09
CAA GFR M . 16.63 -0.67 23.31
PA NDP N . 27.08 8.16 26.47
O1A NDP N . 27.57 7.65 25.15
O2A NDP N . 26.42 9.50 26.38
O5B NDP N . 28.29 8.24 27.59
C5B NDP N . 27.81 8.48 28.90
C4B NDP N . 28.98 8.74 29.88
O4B NDP N . 29.74 7.68 29.94
C3B NDP N . 29.96 9.80 29.37
O3B NDP N . 29.45 11.07 29.51
C2B NDP N . 31.15 9.52 30.29
O2B NDP N . 30.93 10.12 31.61
C1B NDP N . 31.11 8.24 30.54
N9A NDP N . 32.17 7.50 29.90
C8A NDP N . 32.43 6.99 28.69
N7A NDP N . 33.63 6.40 28.73
C5A NDP N . 34.11 6.54 29.98
C6A NDP N . 35.29 6.11 30.54
N6A NDP N . 36.43 5.37 30.01
N1A NDP N . 35.56 6.37 31.81
C2A NDP N . 34.67 7.07 32.57
N3A NDP N . 33.49 7.49 32.01
C4A NDP N . 33.22 7.22 30.71
O3 NDP N . 26.06 7.05 27.11
PN NDP N . 24.50 6.87 26.62
O1N NDP N . 23.71 7.96 27.28
O2N NDP N . 24.43 6.83 25.12
O5D NDP N . 24.15 5.37 27.21
C5D NDP N . 23.91 5.24 28.60
C4D NDP N . 23.10 3.93 28.76
O4D NDP N . 22.01 4.03 28.05
C3D NDP N . 23.92 2.77 28.17
O3D NDP N . 23.85 1.68 28.97
C2D NDP N . 23.24 2.50 26.81
O2D NDP N . 23.44 1.09 26.39
C1D NDP N . 21.98 2.79 27.05
N1N NDP N . 21.25 3.25 25.91
C2N NDP N . 20.10 2.54 25.49
C3N NDP N . 19.15 3.25 24.61
C7N NDP N . 17.71 2.76 24.47
O7N NDP N . 17.10 2.24 25.36
N7N NDP N . 17.11 2.99 23.17
C4N NDP N . 19.71 4.10 23.48
C5N NDP N . 21.02 4.83 23.89
C6N NDP N . 21.64 4.45 25.23
P2B NDP N . 31.23 11.68 31.92
O1X NDP N . 29.96 12.50 31.83
O2X NDP N . 31.74 11.74 33.33
O3X NDP N . 32.25 12.22 30.94
H51A NDP N . 27.31 7.71 29.21
H52A NDP N . 27.23 9.26 28.89
H4B NDP N . 28.65 8.98 30.76
H3B NDP N . 30.19 9.63 28.45
HO3A NDP N . 29.03 11.13 30.25
H2B NDP N . 31.99 9.79 29.90
H1B NDP N . 31.14 8.09 31.50
H8A NDP N . 31.87 7.05 27.95
H61A NDP N . 37.17 5.77 29.84
H62A NDP N . 36.36 4.52 29.88
H2A NDP N . 34.85 7.25 33.46
H51N NDP N . 23.40 6.00 28.92
H52N NDP N . 24.75 5.19 29.08
H4D NDP N . 22.89 3.75 29.70
H3D NDP N . 24.84 3.04 28.04
HO3N NDP N . 24.59 1.58 29.36
H2D NDP N . 23.60 3.11 26.13
HO2N NDP N . 23.18 0.58 27.02
H1D NDP N . 21.55 2.02 27.45
H2N NDP N . 19.83 1.78 25.94
H71N NDP N . 16.30 2.73 23.02
H72N NDP N . 17.58 3.36 22.55
H41N NDP N . 19.05 4.77 23.24
H42N NDP N . 19.89 3.53 22.72
H5N NDP N . 21.54 5.25 23.25
H6N NDP N . 22.28 5.01 25.63
CAY GFR O . -26.06 -27.87 9.49
OAX GFR O . -26.63 -29.03 10.10
CAV GFR O . -25.83 -30.13 10.15
CAW GFR O . -24.51 -30.21 9.69
CAU GFR O . -26.41 -31.24 10.75
OAZ GFR O . -27.70 -31.10 11.17
CAT GFR O . -25.71 -32.45 10.85
CAS GFR O . -24.40 -32.52 10.38
CAR GFR O . -23.80 -31.41 9.77
CAN GFR O . -22.44 -31.52 9.32
CAO GFR O . -21.73 -32.40 10.21
CAP GFR O . -21.62 -31.87 11.62
OAQ GFR O . -20.84 -32.91 12.20
OAM GFR O . -21.96 -32.08 7.99
CAL GFR O . -20.64 -31.77 8.50
CAK GFR O . -20.27 -32.61 9.86
CAJ GFR O . -19.02 -31.76 9.71
CAE GFR O . -17.91 -32.52 9.90
CAD GFR O . -16.98 -31.81 10.64
CAF GFR O . -17.73 -33.87 9.60
CAG GFR O . -16.51 -34.47 9.98
CAH GFR O . -15.56 -33.74 10.69
OAI GFR O . -14.36 -34.26 11.09
CAC GFR O . -15.82 -32.42 11.03
OAB GFR O . -14.87 -31.70 11.69
CAA GFR O . -15.39 -30.35 11.80
PA NDP P . -18.98 -36.31 -0.24
O1A NDP P . -20.17 -36.70 0.60
O2A NDP P . -19.25 -35.08 -1.03
O5B NDP P . -18.47 -37.55 -1.20
C5B NDP P . -17.14 -37.43 -1.61
C4B NDP P . -16.78 -38.55 -2.62
O4B NDP P . -16.65 -39.70 -2.02
C3B NDP P . -17.91 -38.86 -3.60
O3B NDP P . -18.05 -37.89 -4.54
C2B NDP P . -17.40 -40.20 -4.19
O2B NDP P . -16.35 -40.00 -5.22
C1B NDP P . -16.75 -40.77 -3.21
N9A NDP P . -17.52 -41.87 -2.70
C8A NDP P . -18.59 -42.03 -1.93
N7A NDP P . -18.81 -43.34 -1.79
C5A NDP P . -17.88 -43.98 -2.49
C6A NDP P . -17.67 -45.34 -2.67
N6A NDP P . -18.40 -46.52 -2.16
N1A NDP P . -16.66 -45.77 -3.41
C2A NDP P . -15.83 -44.85 -3.98
N3A NDP P . -16.03 -43.52 -3.82
C4A NDP P . -17.06 -43.09 -3.06
O3 NDP P . -17.74 -35.99 0.78
PN NDP P . -17.54 -34.59 1.61
O1N NDP P . -16.90 -33.56 0.71
O2N NDP P . -18.83 -34.09 2.19
O5D NDP P . -16.44 -34.95 2.79
C5D NDP P . -15.15 -35.26 2.35
C4D NDP P . -14.24 -35.15 3.59
O4D NDP P . -14.49 -33.97 4.08
C3D NDP P . -14.67 -36.19 4.65
O3D NDP P . -13.62 -36.73 5.32
C2D NDP P . -15.54 -35.35 5.61
O2D NDP P . -15.54 -35.94 6.98
C1D NDP P . -14.93 -34.20 5.61
N1N NDP P . -15.80 -33.13 5.94
C2N NDP P . -15.55 -32.35 7.08
C3N NDP P . -16.26 -31.04 7.26
C7N NDP P . -15.71 -29.93 8.16
O7N NDP P . -14.55 -29.82 8.42
N7N NDP P . -16.69 -28.99 8.68
C4N NDP P . -17.64 -30.85 6.66
C5N NDP P . -17.96 -31.82 5.49
C6N NDP P . -16.89 -32.83 5.07
P2B NDP P . -16.73 -39.62 -6.76
O1X NDP P . -16.62 -38.13 -6.86
O2X NDP P . -15.75 -40.33 -7.65
O3X NDP P . -18.14 -40.09 -7.11
H51A NDP P . -16.56 -37.51 -0.84
H52A NDP P . -17.01 -36.57 -2.03
H4B NDP P . -15.97 -38.33 -3.11
H3B NDP P . -18.74 -39.00 -3.12
HO3A NDP P . -17.29 -37.73 -4.89
H2B NDP P . -18.12 -40.76 -4.51
H1B NDP P . -15.87 -41.06 -3.50
H8A NDP P . -19.09 -41.35 -1.54
H61A NDP P . -19.00 -46.89 -2.65
H62A NDP P . -18.21 -46.83 -1.39
H2A NDP P . -15.12 -45.14 -4.50
H51N NDP P . -14.86 -34.63 1.66
H52N NDP P . -15.13 -36.16 1.99
H4D NDP P . -13.31 -35.26 3.36
H3D NDP P . -15.21 -36.88 4.23
HO3N NDP P . -13.50 -37.53 5.06
H2D NDP P . -16.45 -35.25 5.28
HO2N NDP P . -14.75 -36.16 7.20
H1D NDP P . -14.15 -34.21 6.19
H2N NDP P . -14.88 -32.59 7.67
H71N NDP P . -16.43 -28.34 9.19
H72N NDP P . -17.52 -29.09 8.48
H41N NDP P . -17.72 -29.94 6.34
H42N NDP P . -18.31 -30.99 7.37
H5N NDP P . -18.83 -31.92 5.19
H6N NDP P . -17.03 -33.34 4.30
CAY GFR Q . -29.68 -42.57 -21.01
OAX GFR Q . -30.30 -43.64 -20.30
CAV GFR Q . -31.54 -43.29 -19.84
CAW GFR Q . -32.13 -42.02 -20.04
CAU GFR Q . -32.22 -44.25 -19.14
OAZ GFR Q . -31.59 -45.46 -18.97
CAT GFR Q . -33.50 -44.00 -18.62
CAS GFR Q . -34.08 -42.75 -18.82
CAR GFR Q . -33.40 -41.73 -19.50
CAN GFR Q . -34.03 -40.47 -19.72
CAO GFR Q . -35.41 -40.74 -19.91
CAP GFR Q . -35.64 -41.52 -21.14
OAQ GFR Q . -37.04 -41.57 -21.06
OAM GFR Q . -34.09 -39.30 -18.76
CAL GFR Q . -34.83 -38.70 -19.82
CAK GFR Q . -36.24 -39.51 -20.16
CAJ GFR Q . -36.26 -38.41 -21.19
CAE GFR Q . -37.43 -37.76 -21.37
CAD GFR Q . -37.54 -37.44 -22.70
CAF GFR Q . -38.49 -37.56 -20.48
CAG GFR Q . -39.64 -36.94 -20.99
CAH GFR Q . -39.73 -36.58 -22.34
OAI GFR Q . -40.80 -35.97 -22.89
CAC GFR Q . -38.66 -36.83 -23.19
OAB GFR Q . -38.75 -36.46 -24.50
CAA GFR Q . -37.55 -36.77 -25.22
PA NDP R . -35.39 -32.42 -11.92
O1A NDP R . -35.49 -33.90 -11.77
O2A NDP R . -34.00 -31.88 -11.91
O5B NDP R . -36.26 -31.58 -10.79
C5B NDP R . -36.52 -30.25 -11.18
C4B NDP R . -37.14 -29.48 -9.98
O4B NDP R . -38.32 -29.97 -9.68
C3B NDP R . -36.37 -29.68 -8.67
O3B NDP R . -35.21 -28.99 -8.68
C2B NDP R . -37.42 -29.14 -7.66
O2B NDP R . -37.37 -27.66 -7.61
C1B NDP R . -38.58 -29.46 -8.18
N9A NDP R . -39.24 -30.59 -7.53
C8A NDP R . -39.17 -31.92 -7.57
N7A NDP R . -40.07 -32.40 -6.71
C5A NDP R . -40.70 -31.36 -6.17
C6A NDP R . -41.72 -31.32 -5.23
N6A NDP R . -42.48 -32.36 -4.53
N1A NDP R . -42.21 -30.15 -4.82
C2A NDP R . -41.68 -29.01 -5.33
N3A NDP R . -40.68 -29.04 -6.24
C4A NDP R . -40.21 -30.23 -6.67
O3 NDP R . -36.17 -31.99 -13.31
PN NDP R . -35.66 -32.32 -14.81
O1N NDP R . -34.79 -31.18 -15.23
O2N NDP R . -34.99 -33.65 -14.89
O5D NDP R . -36.98 -32.36 -15.79
C5D NDP R . -37.66 -31.13 -15.91
C4D NDP R . -38.60 -31.23 -17.14
O4D NDP R . -37.87 -31.51 -18.18
C3D NDP R . -39.56 -32.43 -16.94
O3D NDP R . -40.81 -32.12 -17.37
C2D NDP R . -38.89 -33.55 -17.75
O2D NDP R . -39.88 -34.59 -18.15
C1D NDP R . -38.38 -32.92 -18.78
N1N NDP R . -37.20 -33.53 -19.34
C2N NDP R . -37.16 -33.85 -20.71
C3N NDP R . -35.89 -34.38 -21.31
C7N NDP R . -35.75 -34.50 -22.83
O7N NDP R . -36.44 -33.84 -23.54
N7N NDP R . -34.79 -35.42 -23.36
C4N NDP R . -34.91 -35.18 -20.46
C5N NDP R . -35.05 -34.85 -18.94
C6N NDP R . -36.08 -33.79 -18.51
P2B NDP R . -36.35 -26.86 -6.62
O1X NDP R . -35.16 -26.40 -7.40
O2X NDP R . -37.09 -25.66 -6.10
O3X NDP R . -35.93 -27.74 -5.46
H51A NDP R . -37.14 -30.24 -11.93
H52A NDP R . -35.68 -29.82 -11.44
H4B NDP R . -37.22 -28.53 -10.19
H3B NDP R . -36.20 -30.63 -8.52
HO3A NDP R . -35.36 -28.18 -8.95
H2B NDP R . -37.29 -29.54 -6.78
H1B NDP R . -39.17 -28.69 -8.18
H8A NDP R . -38.58 -32.42 -8.09
H61A NDP R . -42.31 -32.51 -3.70
H62A NDP R . -43.08 -32.81 -4.94
H2A NDP R . -42.02 -28.19 -5.05
H51N NDP R . -37.03 -30.41 -16.05
H52N NDP R . -38.19 -30.97 -15.12
H4D NDP R . -39.09 -30.42 -17.28
H3D NDP R . -39.58 -32.67 -16.00
HO3N NDP R . -41.31 -31.94 -16.70
H2D NDP R . -38.18 -33.95 -17.24
HO2N NDP R . -40.54 -34.22 -18.55
H1D NDP R . -39.05 -32.77 -19.47
H2N NDP R . -37.91 -33.72 -21.24
H71N NDP R . -34.68 -35.50 -24.21
H72N NDP R . -34.30 -35.89 -22.83
H41N NDP R . -34.00 -34.97 -20.74
H42N NDP R . -35.07 -36.13 -20.60
H5N NDP R . -34.40 -35.15 -18.34
H6N NDP R . -36.05 -33.45 -17.65
#